data_2LKU
#
_entry.id   2LKU
#
_entity_poly.entity_id   1
_entity_poly.type   'polypeptide(L)'
_entity_poly.pdbx_seq_one_letter_code
;MALTPALKTTLDKVVTSHKVVLFMKGTKDFPQCGFSQTVVQILKSLNAPFESVNILENELLRQGLKEYSSWPTFPQLYID
GEFFGGCDITVEAYKSGELQEQVEKAMCS
;
_entity_poly.pdbx_strand_id   A
#
# COMPACT_ATOMS: atom_id res chain seq x y z
N MET A 1 -23.47 0.82 -7.29
CA MET A 1 -22.19 1.57 -7.06
C MET A 1 -21.01 0.83 -7.71
N ALA A 2 -19.91 1.54 -8.02
CA ALA A 2 -18.75 1.00 -8.75
C ALA A 2 -17.77 0.18 -7.90
N LEU A 3 -17.86 0.24 -6.56
CA LEU A 3 -16.90 -0.35 -5.61
C LEU A 3 -16.61 -1.84 -5.88
N THR A 4 -17.65 -2.67 -5.82
CA THR A 4 -17.56 -4.13 -5.99
C THR A 4 -17.38 -4.60 -7.44
N PRO A 5 -18.06 -4.07 -8.48
CA PRO A 5 -17.91 -4.58 -9.85
C PRO A 5 -16.67 -4.04 -10.59
N ALA A 6 -16.20 -2.82 -10.28
CA ALA A 6 -15.16 -2.15 -11.06
C ALA A 6 -13.93 -1.73 -10.24
N LEU A 7 -14.11 -1.12 -9.06
CA LEU A 7 -12.98 -0.55 -8.31
C LEU A 7 -12.12 -1.63 -7.67
N LYS A 8 -12.72 -2.60 -6.96
CA LYS A 8 -11.99 -3.74 -6.38
C LYS A 8 -11.34 -4.61 -7.47
N THR A 9 -11.99 -4.75 -8.64
CA THR A 9 -11.47 -5.37 -9.86
C THR A 9 -10.23 -4.64 -10.40
N THR A 10 -10.24 -3.30 -10.39
CA THR A 10 -9.10 -2.45 -10.80
C THR A 10 -7.95 -2.59 -9.81
N LEU A 11 -8.24 -2.54 -8.50
CA LEU A 11 -7.26 -2.75 -7.44
C LEU A 11 -6.60 -4.13 -7.56
N ASP A 12 -7.35 -5.20 -7.79
CA ASP A 12 -6.83 -6.54 -8.06
C ASP A 12 -5.94 -6.58 -9.31
N LYS A 13 -6.35 -5.93 -10.42
CA LYS A 13 -5.51 -5.78 -11.62
C LYS A 13 -4.21 -5.01 -11.31
N VAL A 14 -4.26 -3.92 -10.53
CA VAL A 14 -3.06 -3.19 -10.06
C VAL A 14 -2.17 -4.09 -9.17
N VAL A 15 -2.75 -4.79 -8.18
CA VAL A 15 -2.03 -5.68 -7.25
C VAL A 15 -1.34 -6.85 -7.96
N THR A 16 -1.96 -7.42 -8.99
CA THR A 16 -1.40 -8.54 -9.78
C THR A 16 -0.42 -8.07 -10.86
N SER A 17 -0.57 -6.85 -11.38
CA SER A 17 0.39 -6.26 -12.31
C SER A 17 1.66 -5.70 -11.61
N HIS A 18 1.53 -5.23 -10.37
CA HIS A 18 2.59 -4.60 -9.59
C HIS A 18 2.54 -5.10 -8.13
N LYS A 19 3.57 -5.83 -7.68
CA LYS A 19 3.54 -6.56 -6.39
C LYS A 19 3.49 -5.68 -5.12
N VAL A 20 3.88 -4.41 -5.20
CA VAL A 20 3.90 -3.47 -4.05
C VAL A 20 2.97 -2.29 -4.36
N VAL A 21 1.99 -2.03 -3.48
CA VAL A 21 0.97 -0.98 -3.65
C VAL A 21 0.86 -0.16 -2.36
N LEU A 22 0.74 1.16 -2.51
CA LEU A 22 0.62 2.13 -1.42
C LEU A 22 -0.71 2.88 -1.51
N PHE A 23 -1.40 3.05 -0.39
CA PHE A 23 -2.61 3.86 -0.27
C PHE A 23 -2.32 5.05 0.64
N MET A 24 -2.41 6.25 0.08
CA MET A 24 -1.97 7.51 0.71
C MET A 24 -2.60 8.72 0.00
N LYS A 25 -2.38 9.94 0.48
CA LYS A 25 -3.00 11.18 -0.04
C LYS A 25 -2.25 11.78 -1.26
N GLY A 26 -1.55 10.93 -2.03
CA GLY A 26 -0.72 11.32 -3.17
C GLY A 26 -0.34 10.14 -4.08
N THR A 27 0.23 10.44 -5.25
CA THR A 27 0.69 9.44 -6.25
C THR A 27 2.18 9.16 -6.12
N LYS A 28 2.70 8.23 -6.91
CA LYS A 28 4.16 8.00 -7.01
C LYS A 28 4.91 9.18 -7.66
N ASP A 29 4.21 9.97 -8.50
CA ASP A 29 4.74 11.17 -9.17
C ASP A 29 4.60 12.43 -8.30
N PHE A 30 3.62 12.46 -7.39
CA PHE A 30 3.40 13.52 -6.40
C PHE A 30 3.13 12.92 -5.00
N PRO A 31 4.19 12.47 -4.28
CA PRO A 31 4.08 11.93 -2.91
C PRO A 31 3.63 12.98 -1.87
N GLN A 32 3.50 12.54 -0.62
CA GLN A 32 3.23 13.41 0.54
C GLN A 32 4.21 13.10 1.67
N CYS A 33 4.72 14.14 2.33
CA CYS A 33 5.74 14.06 3.38
C CYS A 33 5.23 13.39 4.67
N GLY A 34 6.17 12.92 5.50
CA GLY A 34 5.90 12.24 6.78
C GLY A 34 5.73 10.74 6.59
N PHE A 35 4.62 10.19 7.08
CA PHE A 35 4.34 8.74 7.12
C PHE A 35 4.44 8.07 5.75
N SER A 36 3.78 8.64 4.74
CA SER A 36 3.78 8.13 3.36
C SER A 36 5.19 8.11 2.77
N GLN A 37 5.92 9.23 2.83
CA GLN A 37 7.31 9.32 2.36
C GLN A 37 8.20 8.32 3.10
N THR A 38 7.99 8.11 4.41
CA THR A 38 8.73 7.14 5.23
C THR A 38 8.47 5.71 4.74
N VAL A 39 7.20 5.32 4.58
CA VAL A 39 6.84 3.98 4.06
C VAL A 39 7.39 3.77 2.64
N VAL A 40 7.24 4.78 1.77
CA VAL A 40 7.76 4.74 0.38
C VAL A 40 9.29 4.60 0.36
N GLN A 41 10.01 5.39 1.16
CA GLN A 41 11.48 5.36 1.24
C GLN A 41 12.00 4.02 1.77
N ILE A 42 11.33 3.44 2.78
CA ILE A 42 11.71 2.14 3.36
C ILE A 42 11.64 1.03 2.30
N LEU A 43 10.53 0.91 1.57
CA LEU A 43 10.36 -0.12 0.53
C LEU A 43 11.34 0.09 -0.63
N LYS A 44 11.46 1.33 -1.10
CA LYS A 44 12.43 1.72 -2.12
C LYS A 44 13.84 1.26 -1.73
N SER A 45 14.28 1.63 -0.52
CA SER A 45 15.61 1.35 0.06
C SER A 45 15.88 -0.13 0.37
N LEU A 46 14.84 -0.91 0.74
CA LEU A 46 14.94 -2.37 0.86
C LEU A 46 15.40 -2.98 -0.48
N ASN A 47 14.89 -2.42 -1.58
CA ASN A 47 15.25 -2.58 -3.01
C ASN A 47 14.00 -3.03 -3.80
N ALA A 48 13.03 -2.13 -3.92
CA ALA A 48 11.72 -2.47 -4.51
C ALA A 48 10.98 -1.29 -5.17
N PRO A 49 10.12 -1.55 -6.19
CA PRO A 49 9.20 -0.57 -6.74
C PRO A 49 8.00 -0.38 -5.81
N PHE A 50 7.08 0.52 -6.17
CA PHE A 50 5.85 0.83 -5.43
C PHE A 50 4.84 1.59 -6.31
N GLU A 51 3.55 1.27 -6.17
CA GLU A 51 2.44 1.98 -6.82
C GLU A 51 1.62 2.74 -5.78
N SER A 52 1.95 4.01 -5.54
CA SER A 52 1.15 4.86 -4.66
C SER A 52 -0.14 5.31 -5.36
N VAL A 53 -1.29 4.81 -4.89
CA VAL A 53 -2.64 5.20 -5.30
C VAL A 53 -3.15 6.30 -4.37
N ASN A 54 -3.60 7.42 -4.94
CA ASN A 54 -4.11 8.56 -4.16
C ASN A 54 -5.56 8.29 -3.68
N ILE A 55 -5.76 8.16 -2.37
CA ILE A 55 -7.08 7.86 -1.76
C ILE A 55 -8.10 9.00 -1.94
N LEU A 56 -7.65 10.25 -2.09
CA LEU A 56 -8.50 11.44 -2.13
C LEU A 56 -9.10 11.74 -3.53
N GLU A 57 -8.72 10.98 -4.55
CA GLU A 57 -9.26 11.12 -5.92
C GLU A 57 -10.70 10.58 -6.07
N ASN A 58 -11.16 9.72 -5.15
CA ASN A 58 -12.49 9.11 -5.19
C ASN A 58 -12.93 8.66 -3.78
N GLU A 59 -14.13 9.06 -3.34
CA GLU A 59 -14.68 8.67 -2.03
C GLU A 59 -14.86 7.16 -1.88
N LEU A 60 -15.04 6.41 -2.99
CA LEU A 60 -15.09 4.94 -2.98
C LEU A 60 -13.73 4.31 -2.66
N LEU A 61 -12.60 4.96 -3.02
CA LEU A 61 -11.26 4.55 -2.57
C LEU A 61 -11.12 4.90 -1.08
N ARG A 62 -11.36 6.17 -0.70
CA ARG A 62 -11.21 6.67 0.67
C ARG A 62 -12.01 5.87 1.71
N GLN A 63 -13.22 5.40 1.36
CA GLN A 63 -14.05 4.55 2.23
C GLN A 63 -13.74 3.05 2.05
N GLY A 64 -13.59 2.58 0.81
CA GLY A 64 -13.51 1.15 0.49
C GLY A 64 -12.17 0.51 0.81
N LEU A 65 -11.06 1.24 0.74
CA LEU A 65 -9.71 0.72 1.03
C LEU A 65 -9.50 0.32 2.50
N LYS A 66 -10.32 0.84 3.41
CA LYS A 66 -10.38 0.40 4.82
C LYS A 66 -10.96 -1.02 4.93
N GLU A 67 -11.98 -1.36 4.13
CA GLU A 67 -12.61 -2.68 4.08
C GLU A 67 -11.82 -3.68 3.21
N TYR A 68 -11.11 -3.18 2.18
CA TYR A 68 -10.24 -3.98 1.30
C TYR A 68 -9.11 -4.69 2.07
N SER A 69 -8.59 -4.04 3.13
CA SER A 69 -7.63 -4.59 4.08
C SER A 69 -8.30 -5.19 5.34
N SER A 70 -9.06 -4.36 6.06
CA SER A 70 -9.68 -4.49 7.39
C SER A 70 -8.94 -3.58 8.42
N TRP A 71 -7.89 -2.88 8.00
CA TRP A 71 -7.04 -2.00 8.81
C TRP A 71 -7.59 -0.56 8.84
N PRO A 72 -7.72 0.09 10.02
CA PRO A 72 -8.22 1.46 10.14
C PRO A 72 -7.11 2.49 9.87
N THR A 73 -7.49 3.60 9.22
CA THR A 73 -6.69 4.82 8.92
C THR A 73 -5.63 4.63 7.82
N PHE A 74 -5.12 5.76 7.31
CA PHE A 74 -4.11 5.84 6.24
C PHE A 74 -2.88 6.66 6.71
N PRO A 75 -1.70 6.53 6.06
CA PRO A 75 -1.35 5.62 4.96
C PRO A 75 -1.49 4.12 5.28
N GLN A 76 -1.58 3.31 4.23
CA GLN A 76 -1.74 1.85 4.32
C GLN A 76 -0.88 1.17 3.24
N LEU A 77 -0.10 0.16 3.65
CA LEU A 77 0.82 -0.61 2.81
C LEU A 77 0.16 -1.94 2.39
N TYR A 78 0.31 -2.34 1.14
CA TYR A 78 -0.26 -3.58 0.57
C TYR A 78 0.72 -4.28 -0.38
N ILE A 79 0.83 -5.61 -0.29
CA ILE A 79 1.84 -6.43 -1.00
C ILE A 79 1.29 -7.80 -1.42
N ASP A 80 1.47 -8.14 -2.70
CA ASP A 80 1.23 -9.46 -3.32
C ASP A 80 -0.11 -10.15 -2.96
N GLY A 81 -1.17 -9.36 -2.71
CA GLY A 81 -2.51 -9.84 -2.38
C GLY A 81 -2.90 -9.74 -0.90
N GLU A 82 -2.12 -9.05 -0.05
CA GLU A 82 -2.44 -8.86 1.37
C GLU A 82 -1.94 -7.50 1.90
N PHE A 83 -2.64 -6.91 2.87
CA PHE A 83 -2.22 -5.68 3.53
C PHE A 83 -1.14 -5.96 4.61
N PHE A 84 -0.26 -4.97 4.85
CA PHE A 84 0.76 -5.04 5.91
C PHE A 84 0.43 -4.13 7.12
N GLY A 85 -0.22 -2.98 6.87
CA GLY A 85 -0.67 -2.04 7.91
C GLY A 85 -0.17 -0.61 7.68
N GLY A 86 -0.05 0.16 8.78
CA GLY A 86 0.36 1.58 8.76
C GLY A 86 1.86 1.81 8.92
N CYS A 87 2.28 3.07 8.97
CA CYS A 87 3.68 3.47 9.03
C CYS A 87 4.39 2.99 10.31
N ASP A 88 3.75 3.11 11.47
CA ASP A 88 4.33 2.65 12.75
C ASP A 88 4.65 1.15 12.73
N ILE A 89 3.70 0.33 12.23
CA ILE A 89 3.89 -1.11 12.01
C ILE A 89 5.05 -1.35 11.04
N THR A 90 5.09 -0.60 9.93
CA THR A 90 6.11 -0.70 8.88
C THR A 90 7.49 -0.37 9.42
N VAL A 91 7.64 0.72 10.17
CA VAL A 91 8.91 1.18 10.76
C VAL A 91 9.44 0.17 11.78
N GLU A 92 8.59 -0.33 12.70
CA GLU A 92 9.01 -1.32 13.70
C GLU A 92 9.34 -2.68 13.05
N ALA A 93 8.57 -3.11 12.04
CA ALA A 93 8.83 -4.34 11.31
C ALA A 93 10.10 -4.28 10.46
N TYR A 94 10.41 -3.14 9.84
CA TYR A 94 11.65 -2.93 9.09
C TYR A 94 12.91 -2.99 9.99
N LYS A 95 12.82 -2.41 11.19
CA LYS A 95 13.85 -2.50 12.23
C LYS A 95 13.97 -3.90 12.84
N SER A 96 12.87 -4.66 12.91
CA SER A 96 12.83 -6.04 13.44
C SER A 96 13.18 -7.11 12.39
N GLY A 97 13.23 -6.74 11.10
CA GLY A 97 13.50 -7.64 9.96
C GLY A 97 12.25 -8.31 9.37
N GLU A 98 11.08 -8.08 9.97
CA GLU A 98 9.81 -8.72 9.60
C GLU A 98 9.27 -8.16 8.27
N LEU A 99 9.35 -6.84 8.05
CA LEU A 99 9.00 -6.26 6.74
C LEU A 99 9.95 -6.76 5.67
N GLN A 100 11.25 -6.84 5.96
CA GLN A 100 12.27 -7.29 5.01
C GLN A 100 11.94 -8.73 4.55
N GLU A 101 11.67 -9.63 5.50
CA GLU A 101 11.21 -10.99 5.24
C GLU A 101 9.92 -11.01 4.41
N GLN A 102 8.88 -10.26 4.82
CA GLN A 102 7.58 -10.30 4.16
C GLN A 102 7.58 -9.64 2.78
N VAL A 103 8.38 -8.60 2.54
CA VAL A 103 8.57 -8.00 1.21
C VAL A 103 9.35 -8.97 0.30
N GLU A 104 10.37 -9.68 0.78
CA GLU A 104 11.00 -10.76 0.02
C GLU A 104 9.99 -11.87 -0.31
N LYS A 105 9.15 -12.27 0.65
CA LYS A 105 8.06 -13.23 0.42
C LYS A 105 7.06 -12.72 -0.62
N ALA A 106 6.72 -11.43 -0.61
CA ALA A 106 5.87 -10.79 -1.64
C ALA A 106 6.50 -10.84 -3.05
N MET A 107 7.83 -10.84 -3.16
CA MET A 107 8.53 -10.98 -4.45
C MET A 107 8.52 -12.43 -4.96
N CYS A 108 8.89 -13.42 -4.14
CA CYS A 108 8.98 -14.82 -4.56
C CYS A 108 7.63 -15.58 -4.63
N SER A 109 6.63 -15.15 -3.84
CA SER A 109 5.30 -15.79 -3.67
C SER A 109 5.42 -17.27 -3.24
N MET A 1 -23.77 3.76 -1.33
CA MET A 1 -22.47 3.25 -1.87
C MET A 1 -21.99 2.01 -1.10
N ALA A 2 -21.13 1.20 -1.72
CA ALA A 2 -20.51 -0.03 -1.17
C ALA A 2 -19.26 -0.40 -1.98
N LEU A 3 -18.52 -1.44 -1.57
CA LEU A 3 -17.31 -1.93 -2.25
C LEU A 3 -17.60 -2.68 -3.57
N THR A 4 -18.85 -3.09 -3.82
CA THR A 4 -19.30 -3.94 -4.93
C THR A 4 -19.07 -3.46 -6.38
N PRO A 5 -18.90 -2.15 -6.72
CA PRO A 5 -18.59 -1.70 -8.08
C PRO A 5 -17.24 -2.20 -8.63
N ALA A 6 -16.93 -1.82 -9.88
CA ALA A 6 -15.71 -2.19 -10.61
C ALA A 6 -14.39 -1.70 -9.97
N LEU A 7 -14.47 -0.85 -8.93
CA LEU A 7 -13.32 -0.47 -8.10
C LEU A 7 -12.64 -1.72 -7.54
N LYS A 8 -13.39 -2.66 -6.95
CA LYS A 8 -12.79 -3.88 -6.36
C LYS A 8 -12.03 -4.72 -7.41
N THR A 9 -12.58 -4.85 -8.62
CA THR A 9 -11.97 -5.52 -9.79
C THR A 9 -10.68 -4.83 -10.24
N THR A 10 -10.68 -3.49 -10.24
CA THR A 10 -9.53 -2.65 -10.59
C THR A 10 -8.44 -2.75 -9.53
N LEU A 11 -8.83 -2.65 -8.27
CA LEU A 11 -7.97 -2.78 -7.08
C LEU A 11 -7.23 -4.12 -7.11
N ASP A 12 -7.96 -5.23 -7.26
CA ASP A 12 -7.39 -6.57 -7.42
C ASP A 12 -6.42 -6.65 -8.61
N LYS A 13 -6.81 -6.12 -9.78
CA LYS A 13 -5.94 -6.06 -10.97
C LYS A 13 -4.65 -5.26 -10.72
N VAL A 14 -4.72 -4.12 -10.03
CA VAL A 14 -3.54 -3.33 -9.62
C VAL A 14 -2.69 -4.10 -8.60
N VAL A 15 -3.32 -4.73 -7.60
CA VAL A 15 -2.64 -5.55 -6.58
C VAL A 15 -1.87 -6.72 -7.18
N THR A 16 -2.40 -7.42 -8.21
CA THR A 16 -1.70 -8.54 -8.87
C THR A 16 -0.65 -8.06 -9.87
N SER A 17 -0.94 -6.98 -10.61
CA SER A 17 -0.04 -6.50 -11.68
C SER A 17 1.23 -5.81 -11.14
N HIS A 18 1.14 -5.10 -10.01
CA HIS A 18 2.25 -4.33 -9.43
C HIS A 18 2.77 -4.89 -8.08
N LYS A 19 2.09 -5.88 -7.50
CA LYS A 19 2.36 -6.53 -6.20
C LYS A 19 2.30 -5.58 -4.99
N VAL A 20 3.16 -4.58 -4.90
CA VAL A 20 3.23 -3.60 -3.79
C VAL A 20 2.35 -2.40 -4.13
N VAL A 21 1.35 -2.11 -3.27
CA VAL A 21 0.46 -0.95 -3.44
C VAL A 21 0.38 -0.15 -2.13
N LEU A 22 0.20 1.17 -2.27
CA LEU A 22 0.12 2.14 -1.18
C LEU A 22 -1.23 2.87 -1.26
N PHE A 23 -1.98 2.86 -0.17
CA PHE A 23 -3.18 3.68 0.00
C PHE A 23 -2.78 4.95 0.73
N MET A 24 -2.94 6.10 0.05
CA MET A 24 -2.41 7.40 0.48
C MET A 24 -3.19 8.57 -0.13
N LYS A 25 -2.93 9.79 0.33
CA LYS A 25 -3.61 11.01 -0.17
C LYS A 25 -2.85 11.74 -1.29
N GLY A 26 -1.57 11.38 -1.51
CA GLY A 26 -0.68 11.95 -2.55
C GLY A 26 -0.50 11.01 -3.74
N THR A 27 0.53 11.27 -4.55
CA THR A 27 0.90 10.51 -5.75
C THR A 27 2.38 10.12 -5.73
N LYS A 28 2.81 9.33 -6.72
CA LYS A 28 4.22 8.96 -6.94
C LYS A 28 5.09 10.18 -7.28
N ASP A 29 4.51 11.18 -7.95
CA ASP A 29 5.17 12.44 -8.32
C ASP A 29 5.17 13.47 -7.18
N PHE A 30 4.16 13.44 -6.30
CA PHE A 30 4.05 14.26 -5.08
C PHE A 30 3.52 13.43 -3.89
N PRO A 31 4.39 12.70 -3.18
CA PRO A 31 4.06 12.00 -1.94
C PRO A 31 3.67 12.98 -0.81
N GLN A 32 3.05 12.45 0.25
CA GLN A 32 2.80 13.22 1.48
C GLN A 32 4.09 13.26 2.31
N CYS A 33 4.56 14.48 2.65
CA CYS A 33 5.71 14.68 3.54
C CYS A 33 5.48 14.00 4.91
N GLY A 34 6.53 13.36 5.45
CA GLY A 34 6.45 12.52 6.64
C GLY A 34 6.18 11.06 6.26
N PHE A 35 5.07 10.50 6.73
CA PHE A 35 4.74 9.07 6.66
C PHE A 35 4.85 8.47 5.26
N SER A 36 4.01 8.90 4.30
CA SER A 36 3.94 8.26 2.97
C SER A 36 5.25 8.43 2.21
N GLN A 37 5.87 9.62 2.23
CA GLN A 37 7.19 9.88 1.64
C GLN A 37 8.26 8.93 2.21
N THR A 38 8.29 8.76 3.54
CA THR A 38 9.20 7.82 4.22
C THR A 38 8.93 6.39 3.77
N VAL A 39 7.66 5.97 3.75
CA VAL A 39 7.27 4.61 3.31
C VAL A 39 7.69 4.36 1.86
N VAL A 40 7.40 5.25 0.91
CA VAL A 40 7.74 5.02 -0.50
C VAL A 40 9.25 5.11 -0.75
N GLN A 41 9.99 5.95 0.00
CA GLN A 41 11.45 5.99 -0.05
C GLN A 41 12.05 4.66 0.47
N ILE A 42 11.55 4.14 1.60
CA ILE A 42 12.00 2.87 2.18
C ILE A 42 11.79 1.70 1.21
N LEU A 43 10.59 1.54 0.65
CA LEU A 43 10.27 0.47 -0.32
C LEU A 43 11.16 0.56 -1.56
N LYS A 44 11.23 1.75 -2.17
CA LYS A 44 12.06 1.97 -3.35
C LYS A 44 13.53 1.60 -3.09
N SER A 45 14.11 2.17 -2.02
CA SER A 45 15.51 1.99 -1.61
C SER A 45 15.85 0.55 -1.15
N LEU A 46 14.91 -0.15 -0.51
CA LEU A 46 15.02 -1.59 -0.21
C LEU A 46 15.25 -2.41 -1.48
N ASN A 47 14.64 -1.96 -2.60
CA ASN A 47 14.81 -2.37 -4.01
C ASN A 47 13.49 -2.93 -4.55
N ALA A 48 12.46 -2.07 -4.63
CA ALA A 48 11.10 -2.52 -4.96
C ALA A 48 10.22 -1.45 -5.63
N PRO A 49 9.21 -1.84 -6.43
CA PRO A 49 8.20 -0.93 -6.97
C PRO A 49 7.16 -0.57 -5.89
N PHE A 50 6.28 0.38 -6.22
CA PHE A 50 5.08 0.74 -5.44
C PHE A 50 4.08 1.49 -6.32
N GLU A 51 2.78 1.31 -6.07
CA GLU A 51 1.72 2.11 -6.68
C GLU A 51 1.05 3.03 -5.65
N SER A 52 1.14 4.34 -5.86
CA SER A 52 0.46 5.34 -5.04
C SER A 52 -1.04 5.41 -5.40
N VAL A 53 -1.85 4.51 -4.84
CA VAL A 53 -3.30 4.47 -5.07
C VAL A 53 -3.96 5.55 -4.20
N ASN A 54 -4.35 6.65 -4.84
CA ASN A 54 -4.89 7.83 -4.14
C ASN A 54 -6.34 7.61 -3.68
N ILE A 55 -6.59 7.69 -2.37
CA ILE A 55 -7.94 7.52 -1.78
C ILE A 55 -8.88 8.72 -2.01
N LEU A 56 -8.35 9.95 -2.01
CA LEU A 56 -9.16 11.19 -2.00
C LEU A 56 -9.88 11.48 -3.32
N GLU A 57 -9.23 11.22 -4.46
CA GLU A 57 -9.85 11.43 -5.78
C GLU A 57 -10.91 10.38 -6.14
N ASN A 58 -10.87 9.19 -5.50
CA ASN A 58 -11.76 8.07 -5.80
C ASN A 58 -12.94 7.97 -4.80
N GLU A 59 -12.67 8.00 -3.48
CA GLU A 59 -13.63 7.95 -2.36
C GLU A 59 -14.36 6.61 -2.16
N LEU A 60 -14.68 5.87 -3.21
CA LEU A 60 -15.19 4.49 -3.14
C LEU A 60 -14.14 3.59 -2.46
N LEU A 61 -12.87 3.75 -2.84
CA LEU A 61 -11.71 3.15 -2.17
C LEU A 61 -11.59 3.61 -0.71
N ARG A 62 -11.73 4.91 -0.43
CA ARG A 62 -11.60 5.50 0.92
C ARG A 62 -12.55 4.86 1.94
N GLN A 63 -13.79 4.58 1.54
CA GLN A 63 -14.80 3.94 2.40
C GLN A 63 -14.78 2.39 2.33
N GLY A 64 -14.47 1.81 1.16
CA GLY A 64 -14.57 0.37 0.92
C GLY A 64 -13.32 -0.44 1.28
N LEU A 65 -12.12 0.12 1.11
CA LEU A 65 -10.86 -0.57 1.40
C LEU A 65 -10.71 -0.83 2.91
N LYS A 66 -11.27 0.02 3.76
CA LYS A 66 -11.32 -0.23 5.21
C LYS A 66 -12.16 -1.48 5.58
N GLU A 67 -13.15 -1.86 4.77
CA GLU A 67 -13.88 -3.14 4.91
C GLU A 67 -13.06 -4.31 4.33
N TYR A 68 -12.35 -4.10 3.22
CA TYR A 68 -11.49 -5.11 2.58
C TYR A 68 -10.26 -5.50 3.43
N SER A 69 -9.70 -4.54 4.16
CA SER A 69 -8.46 -4.69 4.97
C SER A 69 -8.67 -4.70 6.50
N SER A 70 -9.86 -4.30 6.99
CA SER A 70 -10.18 -4.09 8.43
C SER A 70 -9.42 -2.91 9.07
N TRP A 71 -8.66 -2.14 8.30
CA TRP A 71 -7.75 -1.07 8.77
C TRP A 71 -8.50 0.21 9.22
N PRO A 72 -8.07 0.90 10.29
CA PRO A 72 -8.79 2.04 10.85
C PRO A 72 -8.57 3.36 10.09
N THR A 73 -7.31 3.74 9.80
CA THR A 73 -6.94 5.08 9.27
C THR A 73 -5.71 5.04 8.38
N PHE A 74 -5.83 5.55 7.16
CA PHE A 74 -4.73 5.65 6.18
C PHE A 74 -3.61 6.62 6.63
N PRO A 75 -2.36 6.52 6.10
CA PRO A 75 -1.88 5.60 5.05
C PRO A 75 -1.91 4.11 5.42
N GLN A 76 -1.82 3.25 4.40
CA GLN A 76 -1.75 1.79 4.57
C GLN A 76 -0.93 1.17 3.43
N LEU A 77 -0.01 0.24 3.79
CA LEU A 77 0.71 -0.62 2.86
C LEU A 77 -0.08 -1.91 2.63
N TYR A 78 -0.13 -2.38 1.40
CA TYR A 78 -0.77 -3.64 1.00
C TYR A 78 0.04 -4.34 -0.10
N ILE A 79 0.22 -5.65 -0.01
CA ILE A 79 1.12 -6.41 -0.88
C ILE A 79 0.49 -7.75 -1.31
N ASP A 80 0.35 -7.95 -2.62
CA ASP A 80 -0.01 -9.19 -3.34
C ASP A 80 -1.43 -9.77 -3.09
N GLY A 81 -2.05 -9.43 -1.96
CA GLY A 81 -3.30 -10.00 -1.45
C GLY A 81 -3.50 -9.90 0.06
N GLU A 82 -2.68 -9.13 0.79
CA GLU A 82 -2.84 -8.87 2.22
C GLU A 82 -2.27 -7.49 2.61
N PHE A 83 -2.85 -6.86 3.65
CA PHE A 83 -2.29 -5.62 4.21
C PHE A 83 -1.02 -5.90 5.01
N PHE A 84 -0.04 -5.01 4.92
CA PHE A 84 1.22 -5.09 5.66
C PHE A 84 1.18 -4.25 6.96
N GLY A 85 0.57 -3.05 6.91
CA GLY A 85 0.44 -2.13 8.05
C GLY A 85 0.62 -0.66 7.69
N GLY A 86 1.10 0.14 8.65
CA GLY A 86 1.36 1.58 8.51
C GLY A 86 2.85 1.93 8.52
N CYS A 87 3.17 3.22 8.54
CA CYS A 87 4.55 3.73 8.48
C CYS A 87 5.42 3.25 9.67
N ASP A 88 4.92 3.34 10.90
CA ASP A 88 5.66 2.92 12.09
C ASP A 88 6.03 1.43 12.04
N ILE A 89 5.07 0.58 11.65
CA ILE A 89 5.28 -0.86 11.43
C ILE A 89 6.35 -1.06 10.33
N THR A 90 6.26 -0.31 9.24
CA THR A 90 7.21 -0.36 8.10
C THR A 90 8.61 0.03 8.52
N VAL A 91 8.76 1.11 9.27
CA VAL A 91 10.06 1.60 9.78
C VAL A 91 10.70 0.58 10.74
N GLU A 92 9.93 -0.03 11.64
CA GLU A 92 10.43 -1.06 12.55
C GLU A 92 10.78 -2.37 11.79
N ALA A 93 9.94 -2.79 10.84
CA ALA A 93 10.16 -3.98 10.02
C ALA A 93 11.37 -3.85 9.09
N TYR A 94 11.63 -2.66 8.54
CA TYR A 94 12.81 -2.36 7.72
C TYR A 94 14.12 -2.43 8.51
N LYS A 95 14.12 -1.94 9.76
CA LYS A 95 15.25 -2.07 10.68
C LYS A 95 15.43 -3.52 11.19
N SER A 96 14.33 -4.26 11.36
CA SER A 96 14.34 -5.64 11.87
C SER A 96 14.59 -6.72 10.79
N GLY A 97 14.52 -6.35 9.50
CA GLY A 97 14.68 -7.23 8.34
C GLY A 97 13.40 -7.96 7.91
N GLU A 98 12.28 -7.71 8.60
CA GLU A 98 10.99 -8.36 8.34
C GLU A 98 10.35 -7.82 7.06
N LEU A 99 10.50 -6.53 6.76
CA LEU A 99 10.05 -5.93 5.49
C LEU A 99 10.81 -6.55 4.32
N GLN A 100 12.14 -6.66 4.43
CA GLN A 100 13.00 -7.31 3.43
C GLN A 100 12.55 -8.76 3.18
N GLU A 101 12.35 -9.54 4.25
CA GLU A 101 11.89 -10.92 4.17
C GLU A 101 10.53 -11.03 3.46
N GLN A 102 9.53 -10.23 3.86
CA GLN A 102 8.19 -10.27 3.26
C GLN A 102 8.15 -9.70 1.83
N VAL A 103 8.93 -8.65 1.51
CA VAL A 103 9.02 -8.10 0.15
C VAL A 103 9.69 -9.09 -0.81
N GLU A 104 10.77 -9.77 -0.39
CA GLU A 104 11.35 -10.87 -1.17
C GLU A 104 10.37 -12.04 -1.32
N LYS A 105 9.66 -12.43 -0.25
CA LYS A 105 8.61 -13.46 -0.32
C LYS A 105 7.49 -13.07 -1.29
N ALA A 106 7.03 -11.82 -1.30
CA ALA A 106 6.00 -11.33 -2.23
C ALA A 106 6.44 -11.40 -3.69
N MET A 107 7.74 -11.23 -3.98
CA MET A 107 8.32 -11.44 -5.32
C MET A 107 8.43 -12.93 -5.66
N CYS A 108 9.09 -13.72 -4.80
CA CYS A 108 9.32 -15.17 -5.01
C CYS A 108 8.01 -15.98 -5.14
N SER A 109 6.95 -15.54 -4.44
CA SER A 109 5.56 -16.01 -4.51
C SER A 109 5.40 -17.46 -3.98
N MET A 1 -22.58 -6.01 -6.00
CA MET A 1 -21.31 -5.99 -5.20
C MET A 1 -21.24 -4.75 -4.29
N ALA A 2 -20.42 -4.79 -3.23
CA ALA A 2 -20.24 -3.67 -2.28
C ALA A 2 -19.40 -2.51 -2.84
N LEU A 3 -18.59 -2.75 -3.87
CA LEU A 3 -17.74 -1.77 -4.56
C LEU A 3 -17.71 -2.03 -6.08
N THR A 4 -17.50 -0.99 -6.88
CA THR A 4 -17.56 -1.01 -8.36
C THR A 4 -16.50 -1.96 -8.95
N PRO A 5 -16.88 -2.97 -9.77
CA PRO A 5 -15.95 -3.96 -10.34
C PRO A 5 -14.77 -3.38 -11.12
N ALA A 6 -14.94 -2.24 -11.82
CA ALA A 6 -13.86 -1.59 -12.56
C ALA A 6 -12.73 -1.10 -11.63
N LEU A 7 -13.09 -0.56 -10.45
CA LEU A 7 -12.13 -0.20 -9.41
C LEU A 7 -11.47 -1.47 -8.85
N LYS A 8 -12.25 -2.50 -8.49
CA LYS A 8 -11.69 -3.75 -7.95
C LYS A 8 -10.69 -4.41 -8.91
N THR A 9 -10.97 -4.36 -10.23
CA THR A 9 -10.10 -4.82 -11.32
C THR A 9 -8.83 -3.97 -11.42
N THR A 10 -8.94 -2.64 -11.27
CA THR A 10 -7.79 -1.70 -11.29
C THR A 10 -6.87 -1.91 -10.09
N LEU A 11 -7.47 -2.04 -8.90
CA LEU A 11 -6.77 -2.35 -7.64
C LEU A 11 -6.00 -3.66 -7.78
N ASP A 12 -6.66 -4.76 -8.17
CA ASP A 12 -6.01 -6.04 -8.42
C ASP A 12 -4.88 -5.93 -9.46
N LYS A 13 -5.07 -5.17 -10.54
CA LYS A 13 -4.04 -4.92 -11.55
C LYS A 13 -2.82 -4.21 -10.97
N VAL A 14 -2.98 -3.13 -10.18
CA VAL A 14 -1.83 -2.47 -9.54
C VAL A 14 -1.23 -3.31 -8.41
N VAL A 15 -2.05 -4.03 -7.63
CA VAL A 15 -1.62 -4.90 -6.53
C VAL A 15 -0.74 -6.07 -7.02
N THR A 16 -1.08 -6.68 -8.15
CA THR A 16 -0.34 -7.82 -8.73
C THR A 16 0.91 -7.37 -9.49
N SER A 17 0.80 -6.34 -10.33
CA SER A 17 1.91 -5.88 -11.19
C SER A 17 3.05 -5.20 -10.41
N HIS A 18 2.71 -4.38 -9.39
CA HIS A 18 3.70 -3.67 -8.57
C HIS A 18 3.99 -4.34 -7.21
N LYS A 19 3.27 -5.44 -6.89
CA LYS A 19 3.33 -6.24 -5.65
C LYS A 19 2.94 -5.47 -4.38
N VAL A 20 3.65 -4.39 -4.04
CA VAL A 20 3.37 -3.51 -2.90
C VAL A 20 2.64 -2.26 -3.40
N VAL A 21 1.61 -1.81 -2.69
CA VAL A 21 0.89 -0.56 -3.00
C VAL A 21 0.62 0.25 -1.72
N LEU A 22 0.72 1.58 -1.84
CA LEU A 22 0.37 2.54 -0.78
C LEU A 22 -1.01 3.17 -1.05
N PHE A 23 -1.77 3.44 0.02
CA PHE A 23 -3.00 4.22 0.02
C PHE A 23 -2.86 5.40 1.00
N MET A 24 -2.91 6.64 0.48
CA MET A 24 -2.70 7.89 1.25
C MET A 24 -3.05 9.14 0.42
N LYS A 25 -2.78 10.35 0.92
CA LYS A 25 -3.06 11.65 0.26
C LYS A 25 -1.97 12.04 -0.77
N GLY A 26 -1.79 13.35 -1.07
CA GLY A 26 -0.66 13.88 -1.86
C GLY A 26 -0.64 13.40 -3.32
N THR A 27 0.57 13.23 -3.88
CA THR A 27 0.83 12.57 -5.18
C THR A 27 1.90 11.49 -4.99
N LYS A 28 2.21 10.72 -6.04
CA LYS A 28 3.34 9.78 -5.99
C LYS A 28 4.72 10.47 -5.91
N ASP A 29 4.79 11.78 -6.20
CA ASP A 29 6.00 12.60 -6.09
C ASP A 29 6.08 13.43 -4.80
N PHE A 30 4.96 14.01 -4.35
CA PHE A 30 4.91 14.90 -3.18
C PHE A 30 4.64 14.11 -1.88
N PRO A 31 5.54 14.14 -0.89
CA PRO A 31 5.45 13.32 0.32
C PRO A 31 4.32 13.80 1.24
N GLN A 32 3.54 12.82 1.73
CA GLN A 32 2.33 12.98 2.53
C GLN A 32 2.63 13.23 4.01
N CYS A 33 3.70 12.62 4.52
CA CYS A 33 4.10 12.53 5.93
C CYS A 33 5.48 11.87 6.02
N GLY A 34 6.25 12.16 7.09
CA GLY A 34 7.61 11.64 7.27
C GLY A 34 7.66 10.12 7.33
N PHE A 35 6.66 9.46 7.92
CA PHE A 35 6.54 8.00 7.93
C PHE A 35 6.32 7.47 6.52
N SER A 36 5.35 7.99 5.78
CA SER A 36 5.06 7.58 4.39
C SER A 36 6.27 7.81 3.46
N GLN A 37 6.95 8.95 3.57
CA GLN A 37 8.18 9.24 2.83
C GLN A 37 9.27 8.21 3.17
N THR A 38 9.47 7.91 4.47
CA THR A 38 10.41 6.88 4.94
C THR A 38 10.03 5.51 4.37
N VAL A 39 8.74 5.14 4.39
CA VAL A 39 8.24 3.88 3.80
C VAL A 39 8.49 3.81 2.29
N VAL A 40 8.24 4.90 1.55
CA VAL A 40 8.52 4.99 0.11
C VAL A 40 10.02 4.76 -0.17
N GLN A 41 10.91 5.40 0.60
CA GLN A 41 12.36 5.17 0.51
C GLN A 41 12.76 3.75 0.94
N ILE A 42 12.13 3.18 1.98
CA ILE A 42 12.36 1.82 2.50
C ILE A 42 12.10 0.76 1.42
N LEU A 43 10.97 0.81 0.73
CA LEU A 43 10.64 -0.18 -0.31
C LEU A 43 11.65 -0.11 -1.46
N LYS A 44 11.91 1.12 -1.94
CA LYS A 44 12.91 1.37 -2.97
C LYS A 44 14.24 0.70 -2.57
N SER A 45 14.76 1.07 -1.39
CA SER A 45 16.06 0.66 -0.82
C SER A 45 16.16 -0.82 -0.42
N LEU A 46 15.03 -1.44 -0.01
CA LEU A 46 14.90 -2.89 0.19
C LEU A 46 15.22 -3.63 -1.12
N ASN A 47 14.93 -2.98 -2.25
CA ASN A 47 15.29 -3.29 -3.65
C ASN A 47 14.03 -3.71 -4.40
N ALA A 48 13.02 -2.83 -4.41
CA ALA A 48 11.68 -3.21 -4.89
C ALA A 48 10.86 -2.06 -5.51
N PRO A 49 9.97 -2.39 -6.49
CA PRO A 49 8.97 -1.47 -7.02
C PRO A 49 7.75 -1.42 -6.09
N PHE A 50 6.88 -0.43 -6.33
CA PHE A 50 5.63 -0.19 -5.58
C PHE A 50 4.76 0.86 -6.28
N GLU A 51 3.46 0.86 -5.99
CA GLU A 51 2.50 1.84 -6.49
C GLU A 51 2.01 2.73 -5.33
N SER A 52 1.32 3.83 -5.63
CA SER A 52 0.78 4.74 -4.61
C SER A 52 -0.53 5.38 -5.10
N VAL A 53 -1.66 4.92 -4.54
CA VAL A 53 -3.01 5.39 -4.88
C VAL A 53 -3.33 6.60 -3.99
N ASN A 54 -3.57 7.75 -4.62
CA ASN A 54 -3.89 8.99 -3.92
C ASN A 54 -5.41 9.05 -3.67
N ILE A 55 -5.83 8.74 -2.44
CA ILE A 55 -7.25 8.52 -2.08
C ILE A 55 -8.05 9.76 -1.69
N LEU A 56 -7.42 10.77 -1.07
CA LEU A 56 -8.14 11.90 -0.44
C LEU A 56 -8.98 12.75 -1.41
N GLU A 57 -8.63 12.77 -2.70
CA GLU A 57 -9.37 13.51 -3.73
C GLU A 57 -10.71 12.85 -4.17
N ASN A 58 -10.99 11.60 -3.77
CA ASN A 58 -12.13 10.81 -4.27
C ASN A 58 -12.93 10.10 -3.17
N GLU A 59 -14.22 10.41 -3.03
CA GLU A 59 -15.09 9.89 -1.97
C GLU A 59 -15.42 8.39 -2.12
N LEU A 60 -15.52 7.88 -3.35
CA LEU A 60 -15.78 6.47 -3.63
C LEU A 60 -14.60 5.59 -3.21
N LEU A 61 -13.36 6.03 -3.48
CA LEU A 61 -12.14 5.38 -2.95
C LEU A 61 -12.11 5.46 -1.42
N ARG A 62 -12.32 6.64 -0.83
CA ARG A 62 -12.29 6.85 0.64
C ARG A 62 -13.25 5.92 1.40
N GLN A 63 -14.48 5.74 0.92
CA GLN A 63 -15.46 4.85 1.56
C GLN A 63 -15.29 3.38 1.17
N GLY A 64 -14.83 3.09 -0.06
CA GLY A 64 -14.74 1.74 -0.61
C GLY A 64 -13.50 0.97 -0.19
N LEU A 65 -12.34 1.62 -0.11
CA LEU A 65 -11.08 0.97 0.27
C LEU A 65 -11.07 0.51 1.74
N LYS A 66 -11.86 1.15 2.61
CA LYS A 66 -12.11 0.68 3.98
C LYS A 66 -12.78 -0.71 4.00
N GLU A 67 -13.69 -0.98 3.06
CA GLU A 67 -14.31 -2.31 2.87
C GLU A 67 -13.34 -3.29 2.17
N TYR A 68 -12.64 -2.84 1.12
CA TYR A 68 -11.71 -3.66 0.34
C TYR A 68 -10.52 -4.18 1.17
N SER A 69 -9.97 -3.33 2.05
CA SER A 69 -8.78 -3.65 2.86
C SER A 69 -9.08 -4.02 4.33
N SER A 70 -10.26 -3.69 4.86
CA SER A 70 -10.69 -3.86 6.26
C SER A 70 -9.95 -2.94 7.28
N TRP A 71 -9.03 -2.09 6.82
CA TRP A 71 -8.20 -1.24 7.67
C TRP A 71 -8.98 -0.03 8.27
N PRO A 72 -8.74 0.36 9.55
CA PRO A 72 -9.47 1.45 10.20
C PRO A 72 -9.26 2.84 9.57
N THR A 73 -8.01 3.33 9.48
CA THR A 73 -7.70 4.73 9.11
C THR A 73 -6.36 4.84 8.36
N PHE A 74 -6.40 5.39 7.14
CA PHE A 74 -5.23 5.64 6.29
C PHE A 74 -4.26 6.69 6.93
N PRO A 75 -2.95 6.73 6.56
CA PRO A 75 -2.24 5.92 5.56
C PRO A 75 -2.24 4.41 5.79
N GLN A 76 -2.01 3.66 4.70
CA GLN A 76 -1.94 2.19 4.72
C GLN A 76 -1.03 1.66 3.61
N LEU A 77 -0.35 0.54 3.88
CA LEU A 77 0.39 -0.26 2.91
C LEU A 77 -0.29 -1.63 2.76
N TYR A 78 -0.33 -2.14 1.53
CA TYR A 78 -1.01 -3.37 1.11
C TYR A 78 -0.13 -4.14 0.11
N ILE A 79 -0.14 -5.48 0.14
CA ILE A 79 0.77 -6.32 -0.67
C ILE A 79 0.03 -7.55 -1.23
N ASP A 80 0.11 -7.75 -2.55
CA ASP A 80 -0.29 -8.94 -3.34
C ASP A 80 -1.77 -9.39 -3.28
N GLY A 81 -2.53 -8.94 -2.27
CA GLY A 81 -3.88 -9.39 -1.95
C GLY A 81 -4.29 -9.26 -0.48
N GLU A 82 -3.47 -8.65 0.39
CA GLU A 82 -3.78 -8.42 1.81
C GLU A 82 -3.11 -7.14 2.33
N PHE A 83 -3.74 -6.50 3.33
CA PHE A 83 -3.17 -5.31 3.98
C PHE A 83 -1.99 -5.67 4.90
N PHE A 84 -1.01 -4.76 4.99
CA PHE A 84 0.16 -4.89 5.86
C PHE A 84 0.00 -4.08 7.16
N GLY A 85 -0.57 -2.87 7.06
CA GLY A 85 -0.81 -1.94 8.18
C GLY A 85 -0.44 -0.50 7.83
N GLY A 86 -0.14 0.31 8.85
CA GLY A 86 0.24 1.73 8.72
C GLY A 86 1.72 1.95 8.39
N CYS A 87 2.09 3.20 8.13
CA CYS A 87 3.46 3.56 7.73
C CYS A 87 4.47 3.39 8.87
N ASP A 88 4.16 3.88 10.08
CA ASP A 88 5.03 3.70 11.26
C ASP A 88 5.21 2.21 11.59
N ILE A 89 4.13 1.41 11.48
CA ILE A 89 4.19 -0.07 11.61
C ILE A 89 5.14 -0.65 10.56
N THR A 90 5.09 -0.16 9.31
CA THR A 90 6.00 -0.55 8.22
C THR A 90 7.44 -0.19 8.53
N VAL A 91 7.71 1.03 9.02
CA VAL A 91 9.07 1.45 9.45
C VAL A 91 9.63 0.50 10.53
N GLU A 92 8.82 0.12 11.53
CA GLU A 92 9.22 -0.84 12.56
C GLU A 92 9.38 -2.27 12.01
N ALA A 93 8.52 -2.71 11.09
CA ALA A 93 8.61 -4.02 10.45
C ALA A 93 9.86 -4.18 9.59
N TYR A 94 10.29 -3.14 8.86
CA TYR A 94 11.55 -3.12 8.13
C TYR A 94 12.78 -3.20 9.05
N LYS A 95 12.75 -2.48 10.18
CA LYS A 95 13.78 -2.57 11.23
C LYS A 95 13.79 -3.93 11.95
N SER A 96 12.63 -4.61 12.01
CA SER A 96 12.49 -5.95 12.60
C SER A 96 12.76 -7.10 11.60
N GLY A 97 12.84 -6.81 10.29
CA GLY A 97 13.06 -7.78 9.20
C GLY A 97 11.78 -8.42 8.66
N GLU A 98 10.62 -8.05 9.19
CA GLU A 98 9.31 -8.62 8.86
C GLU A 98 8.83 -8.16 7.48
N LEU A 99 9.09 -6.89 7.11
CA LEU A 99 8.77 -6.38 5.76
C LEU A 99 9.59 -7.12 4.70
N GLN A 100 10.90 -7.29 4.93
CA GLN A 100 11.79 -8.04 4.03
C GLN A 100 11.28 -9.47 3.83
N GLU A 101 10.93 -10.17 4.91
CA GLU A 101 10.38 -11.53 4.85
C GLU A 101 9.05 -11.58 4.07
N GLN A 102 8.11 -10.68 4.36
CA GLN A 102 6.81 -10.66 3.68
C GLN A 102 6.90 -10.20 2.20
N VAL A 103 7.75 -9.22 1.88
CA VAL A 103 7.97 -8.77 0.49
C VAL A 103 8.65 -9.88 -0.33
N GLU A 104 9.63 -10.60 0.24
CA GLU A 104 10.21 -11.79 -0.39
C GLU A 104 9.15 -12.87 -0.59
N LYS A 105 8.31 -13.16 0.42
CA LYS A 105 7.24 -14.15 0.28
C LYS A 105 6.18 -13.73 -0.78
N ALA A 106 5.87 -12.44 -0.91
CA ALA A 106 4.98 -11.92 -1.95
C ALA A 106 5.55 -12.13 -3.38
N MET A 107 6.87 -12.10 -3.54
CA MET A 107 7.55 -12.30 -4.83
C MET A 107 7.82 -13.78 -5.15
N CYS A 108 8.34 -14.55 -4.19
CA CYS A 108 8.80 -15.94 -4.36
C CYS A 108 7.74 -17.02 -4.03
N SER A 109 6.70 -16.66 -3.28
CA SER A 109 5.58 -17.45 -2.72
C SER A 109 5.87 -17.99 -1.31
N MET A 1 -23.95 -6.20 -6.08
CA MET A 1 -22.74 -5.89 -5.25
C MET A 1 -22.88 -4.50 -4.61
N ALA A 2 -22.28 -4.29 -3.42
CA ALA A 2 -22.29 -3.00 -2.71
C ALA A 2 -21.36 -1.96 -3.37
N LEU A 3 -20.17 -2.40 -3.79
CA LEU A 3 -19.21 -1.65 -4.61
C LEU A 3 -19.37 -2.04 -6.09
N THR A 4 -18.76 -1.27 -7.01
CA THR A 4 -18.71 -1.64 -8.43
C THR A 4 -17.73 -2.81 -8.64
N PRO A 5 -18.01 -3.76 -9.54
CA PRO A 5 -17.05 -4.78 -9.95
C PRO A 5 -15.75 -4.17 -10.52
N ALA A 6 -15.86 -3.03 -11.22
CA ALA A 6 -14.71 -2.32 -11.79
C ALA A 6 -13.70 -1.84 -10.75
N LEU A 7 -14.15 -1.39 -9.57
CA LEU A 7 -13.27 -0.99 -8.45
C LEU A 7 -12.43 -2.18 -7.99
N LYS A 8 -13.08 -3.30 -7.63
CA LYS A 8 -12.39 -4.48 -7.14
C LYS A 8 -11.45 -5.08 -8.19
N THR A 9 -11.86 -5.10 -9.47
CA THR A 9 -11.08 -5.54 -10.62
C THR A 9 -9.85 -4.66 -10.87
N THR A 10 -9.98 -3.33 -10.70
CA THR A 10 -8.84 -2.39 -10.81
C THR A 10 -7.84 -2.65 -9.69
N LEU A 11 -8.30 -2.69 -8.44
CA LEU A 11 -7.44 -2.96 -7.28
C LEU A 11 -6.74 -4.32 -7.40
N ASP A 12 -7.42 -5.38 -7.82
CA ASP A 12 -6.80 -6.69 -8.06
C ASP A 12 -5.70 -6.64 -9.12
N LYS A 13 -5.95 -6.03 -10.28
CA LYS A 13 -4.93 -5.84 -11.33
C LYS A 13 -3.77 -4.96 -10.84
N VAL A 14 -4.05 -3.88 -10.10
CA VAL A 14 -3.03 -3.04 -9.45
C VAL A 14 -2.18 -3.88 -8.49
N VAL A 15 -2.80 -4.56 -7.52
CA VAL A 15 -2.11 -5.34 -6.48
C VAL A 15 -1.23 -6.45 -7.05
N THR A 16 -1.74 -7.21 -8.03
CA THR A 16 -1.04 -8.37 -8.62
C THR A 16 0.11 -7.96 -9.52
N SER A 17 -0.06 -6.93 -10.35
CA SER A 17 0.99 -6.49 -11.30
C SER A 17 2.06 -5.59 -10.65
N HIS A 18 1.69 -4.76 -9.65
CA HIS A 18 2.62 -3.82 -8.99
C HIS A 18 3.34 -4.43 -7.77
N LYS A 19 2.86 -5.56 -7.25
CA LYS A 19 3.28 -6.24 -6.00
C LYS A 19 3.13 -5.37 -4.73
N VAL A 20 3.89 -4.29 -4.60
CA VAL A 20 3.94 -3.37 -3.44
C VAL A 20 3.23 -2.07 -3.81
N VAL A 21 2.19 -1.69 -3.06
CA VAL A 21 1.32 -0.56 -3.40
C VAL A 21 1.01 0.28 -2.16
N LEU A 22 1.43 1.55 -2.16
CA LEU A 22 1.18 2.50 -1.08
C LEU A 22 -0.06 3.37 -1.39
N PHE A 23 -1.01 3.42 -0.45
CA PHE A 23 -2.24 4.19 -0.56
C PHE A 23 -2.18 5.42 0.35
N MET A 24 -2.33 6.62 -0.22
CA MET A 24 -2.23 7.93 0.47
C MET A 24 -3.04 9.01 -0.25
N LYS A 25 -3.02 10.26 0.22
CA LYS A 25 -3.68 11.41 -0.44
C LYS A 25 -2.85 11.97 -1.64
N GLY A 26 -2.23 11.06 -2.40
CA GLY A 26 -1.23 11.35 -3.45
C GLY A 26 -0.65 10.06 -4.04
N THR A 27 0.46 10.17 -4.77
CA THR A 27 1.13 9.03 -5.45
C THR A 27 2.60 9.33 -5.69
N LYS A 28 3.29 8.53 -6.51
CA LYS A 28 4.72 8.66 -6.83
C LYS A 28 5.09 10.03 -7.46
N ASP A 29 4.16 10.60 -8.24
CA ASP A 29 4.26 11.95 -8.85
C ASP A 29 3.92 13.09 -7.87
N PHE A 30 3.29 12.78 -6.74
CA PHE A 30 2.88 13.74 -5.70
C PHE A 30 2.93 13.06 -4.30
N PRO A 31 4.13 12.79 -3.77
CA PRO A 31 4.31 12.08 -2.50
C PRO A 31 3.90 12.95 -1.32
N GLN A 32 3.34 12.33 -0.28
CA GLN A 32 2.84 13.03 0.91
C GLN A 32 3.88 12.96 2.04
N CYS A 33 4.25 14.12 2.59
CA CYS A 33 5.35 14.27 3.55
C CYS A 33 5.10 13.56 4.90
N GLY A 34 6.20 13.21 5.59
CA GLY A 34 6.16 12.55 6.90
C GLY A 34 6.04 11.04 6.77
N PHE A 35 4.95 10.45 7.30
CA PHE A 35 4.73 9.01 7.37
C PHE A 35 4.85 8.32 6.00
N SER A 36 4.05 8.72 5.02
CA SER A 36 4.00 8.07 3.71
C SER A 36 5.34 8.17 2.97
N GLN A 37 5.94 9.37 2.94
CA GLN A 37 7.30 9.61 2.43
C GLN A 37 8.32 8.67 3.10
N THR A 38 8.28 8.52 4.43
CA THR A 38 9.18 7.64 5.18
C THR A 38 8.92 6.18 4.83
N VAL A 39 7.66 5.72 4.77
CA VAL A 39 7.31 4.36 4.31
C VAL A 39 7.83 4.10 2.89
N VAL A 40 7.67 5.07 1.97
CA VAL A 40 8.20 4.98 0.60
C VAL A 40 9.74 4.88 0.61
N GLN A 41 10.43 5.72 1.40
CA GLN A 41 11.90 5.69 1.51
C GLN A 41 12.41 4.38 2.13
N ILE A 42 11.72 3.82 3.14
CA ILE A 42 12.08 2.52 3.75
C ILE A 42 12.04 1.40 2.70
N LEU A 43 10.98 1.30 1.88
CA LEU A 43 10.86 0.27 0.83
C LEU A 43 11.97 0.42 -0.22
N LYS A 44 12.13 1.64 -0.74
CA LYS A 44 13.21 1.98 -1.69
C LYS A 44 14.57 1.51 -1.14
N SER A 45 14.97 2.04 0.03
CA SER A 45 16.28 1.81 0.68
C SER A 45 16.49 0.39 1.22
N LEU A 46 15.41 -0.35 1.56
CA LEU A 46 15.47 -1.79 1.87
C LEU A 46 16.03 -2.55 0.65
N ASN A 47 15.70 -2.05 -0.54
CA ASN A 47 16.22 -2.38 -1.89
C ASN A 47 15.11 -2.99 -2.73
N ALA A 48 14.00 -2.25 -2.87
CA ALA A 48 12.77 -2.79 -3.46
C ALA A 48 11.99 -1.76 -4.31
N PRO A 49 11.34 -2.21 -5.41
CA PRO A 49 10.40 -1.40 -6.17
C PRO A 49 9.06 -1.27 -5.42
N PHE A 50 8.26 -0.29 -5.84
CA PHE A 50 6.97 0.05 -5.27
C PHE A 50 6.16 0.89 -6.28
N GLU A 51 4.85 0.96 -6.06
CA GLU A 51 3.95 1.87 -6.76
C GLU A 51 3.02 2.53 -5.74
N SER A 52 2.13 3.42 -6.16
CA SER A 52 1.24 4.14 -5.25
C SER A 52 -0.09 4.54 -5.90
N VAL A 53 -1.12 4.82 -5.07
CA VAL A 53 -2.47 5.18 -5.52
C VAL A 53 -3.03 6.29 -4.61
N ASN A 54 -3.61 7.33 -5.23
CA ASN A 54 -4.28 8.41 -4.52
C ASN A 54 -5.69 7.99 -4.08
N ILE A 55 -5.95 7.97 -2.76
CA ILE A 55 -7.26 7.61 -2.19
C ILE A 55 -8.36 8.65 -2.46
N LEU A 56 -7.99 9.90 -2.77
CA LEU A 56 -8.89 11.05 -2.92
C LEU A 56 -9.35 11.32 -4.37
N GLU A 57 -8.86 10.60 -5.37
CA GLU A 57 -9.15 10.89 -6.79
C GLU A 57 -10.61 10.58 -7.21
N ASN A 58 -11.34 9.76 -6.44
CA ASN A 58 -12.75 9.43 -6.67
C ASN A 58 -13.43 8.95 -5.37
N GLU A 59 -14.68 9.37 -5.12
CA GLU A 59 -15.42 9.03 -3.89
C GLU A 59 -15.70 7.53 -3.76
N LEU A 60 -16.00 6.82 -4.86
CA LEU A 60 -16.23 5.38 -4.85
C LEU A 60 -14.98 4.62 -4.40
N LEU A 61 -13.80 5.01 -4.91
CA LEU A 61 -12.51 4.48 -4.44
C LEU A 61 -12.29 4.82 -2.96
N ARG A 62 -12.49 6.07 -2.55
CA ARG A 62 -12.32 6.52 -1.17
C ARG A 62 -13.17 5.70 -0.17
N GLN A 63 -14.40 5.34 -0.56
CA GLN A 63 -15.31 4.50 0.23
C GLN A 63 -14.93 3.01 0.18
N GLY A 64 -14.71 2.45 -1.03
CA GLY A 64 -14.56 1.01 -1.23
C GLY A 64 -13.18 0.44 -0.92
N LEU A 65 -12.12 1.25 -1.00
CA LEU A 65 -10.75 0.82 -0.68
C LEU A 65 -10.61 0.39 0.79
N LYS A 66 -11.34 1.02 1.70
CA LYS A 66 -11.38 0.65 3.13
C LYS A 66 -11.92 -0.79 3.32
N GLU A 67 -13.00 -1.14 2.61
CA GLU A 67 -13.58 -2.50 2.63
C GLU A 67 -12.62 -3.51 1.96
N TYR A 68 -12.04 -3.17 0.81
CA TYR A 68 -11.06 -4.02 0.10
C TYR A 68 -9.81 -4.30 0.97
N SER A 69 -9.33 -3.28 1.68
CA SER A 69 -8.11 -3.37 2.51
C SER A 69 -8.34 -4.03 3.87
N SER A 70 -9.59 -4.03 4.36
CA SER A 70 -10.08 -4.50 5.69
C SER A 70 -9.62 -3.60 6.87
N TRP A 71 -8.40 -3.06 6.79
CA TRP A 71 -7.86 -2.07 7.72
C TRP A 71 -8.54 -0.69 7.52
N PRO A 72 -8.89 0.04 8.60
CA PRO A 72 -9.75 1.23 8.52
C PRO A 72 -9.03 2.56 8.24
N THR A 73 -7.75 2.72 8.63
CA THR A 73 -7.04 4.02 8.62
C THR A 73 -6.09 4.17 7.44
N PHE A 74 -6.19 5.29 6.73
CA PHE A 74 -5.27 5.70 5.65
C PHE A 74 -4.52 6.98 6.04
N PRO A 75 -3.28 7.22 5.52
CA PRO A 75 -2.49 6.37 4.63
C PRO A 75 -2.10 5.01 5.20
N GLN A 76 -1.79 4.05 4.32
CA GLN A 76 -1.41 2.67 4.66
C GLN A 76 -0.81 1.94 3.45
N LEU A 77 0.07 0.98 3.72
CA LEU A 77 0.74 0.16 2.71
C LEU A 77 -0.08 -1.12 2.41
N TYR A 78 0.16 -1.74 1.25
CA TYR A 78 -0.49 -2.98 0.84
C TYR A 78 0.45 -3.79 -0.07
N ILE A 79 0.50 -5.11 0.07
CA ILE A 79 1.41 -5.97 -0.70
C ILE A 79 0.74 -7.31 -1.06
N ASP A 80 0.74 -7.65 -2.36
CA ASP A 80 0.37 -8.95 -2.98
C ASP A 80 -1.09 -9.42 -2.83
N GLY A 81 -1.79 -8.98 -1.78
CA GLY A 81 -3.11 -9.46 -1.36
C GLY A 81 -3.46 -9.21 0.11
N GLU A 82 -2.66 -8.42 0.85
CA GLU A 82 -2.94 -8.04 2.23
C GLU A 82 -2.36 -6.65 2.56
N PHE A 83 -2.98 -5.94 3.50
CA PHE A 83 -2.51 -4.65 4.01
C PHE A 83 -1.27 -4.79 4.89
N PHE A 84 -0.56 -3.67 5.04
CA PHE A 84 0.53 -3.48 5.97
C PHE A 84 0.37 -2.12 6.67
N GLY A 85 0.73 -2.10 7.96
CA GLY A 85 0.49 -0.98 8.89
C GLY A 85 1.28 0.31 8.59
N GLY A 86 1.08 1.31 9.46
CA GLY A 86 1.61 2.67 9.31
C GLY A 86 3.13 2.80 9.53
N CYS A 87 3.64 4.03 9.53
CA CYS A 87 5.08 4.31 9.54
C CYS A 87 5.78 3.75 10.78
N ASP A 88 5.22 3.93 11.97
CA ASP A 88 5.81 3.42 13.22
C ASP A 88 5.92 1.88 13.20
N ILE A 89 4.87 1.19 12.75
CA ILE A 89 4.86 -0.27 12.52
C ILE A 89 5.95 -0.64 11.50
N THR A 90 6.04 0.11 10.40
CA THR A 90 7.03 -0.09 9.32
C THR A 90 8.46 0.07 9.83
N VAL A 91 8.73 1.10 10.63
CA VAL A 91 10.03 1.34 11.26
C VAL A 91 10.41 0.21 12.23
N GLU A 92 9.49 -0.25 13.09
CA GLU A 92 9.75 -1.37 14.00
C GLU A 92 9.96 -2.70 13.24
N ALA A 93 9.16 -2.98 12.22
CA ALA A 93 9.26 -4.20 11.41
C ALA A 93 10.54 -4.24 10.56
N TYR A 94 10.98 -3.09 10.02
CA TYR A 94 12.26 -2.95 9.33
C TYR A 94 13.46 -3.25 10.26
N LYS A 95 13.44 -2.68 11.47
CA LYS A 95 14.47 -2.91 12.49
C LYS A 95 14.44 -4.33 13.09
N SER A 96 13.25 -4.94 13.20
CA SER A 96 13.07 -6.30 13.74
C SER A 96 13.32 -7.41 12.68
N GLY A 97 13.37 -7.05 11.39
CA GLY A 97 13.57 -7.97 10.26
C GLY A 97 12.28 -8.48 9.64
N GLU A 98 11.13 -8.16 10.23
CA GLU A 98 9.80 -8.67 9.84
C GLU A 98 9.35 -8.09 8.50
N LEU A 99 9.64 -6.81 8.22
CA LEU A 99 9.38 -6.20 6.91
C LEU A 99 10.30 -6.81 5.85
N GLN A 100 11.58 -6.99 6.19
CA GLN A 100 12.60 -7.54 5.28
C GLN A 100 12.19 -8.94 4.82
N GLU A 101 11.82 -9.80 5.76
CA GLU A 101 11.31 -11.15 5.51
C GLU A 101 10.02 -11.13 4.68
N GLN A 102 9.02 -10.33 5.05
CA GLN A 102 7.74 -10.30 4.34
C GLN A 102 7.85 -9.69 2.93
N VAL A 103 8.65 -8.63 2.73
CA VAL A 103 8.88 -8.04 1.40
C VAL A 103 9.58 -9.05 0.47
N GLU A 104 10.62 -9.75 0.95
CA GLU A 104 11.31 -10.77 0.13
C GLU A 104 10.36 -11.93 -0.22
N LYS A 105 9.61 -12.46 0.76
CA LYS A 105 8.66 -13.55 0.54
C LYS A 105 7.52 -13.15 -0.41
N ALA A 106 7.01 -11.91 -0.32
CA ALA A 106 5.99 -11.38 -1.23
C ALA A 106 6.52 -11.21 -2.67
N MET A 107 7.79 -10.83 -2.86
CA MET A 107 8.41 -10.73 -4.19
C MET A 107 8.59 -12.11 -4.84
N CYS A 108 9.00 -13.14 -4.06
CA CYS A 108 9.02 -14.53 -4.52
C CYS A 108 7.60 -15.05 -4.88
N SER A 109 6.63 -14.80 -3.98
CA SER A 109 5.17 -15.07 -4.00
C SER A 109 4.79 -16.13 -2.97
N MET A 1 -22.60 -2.77 -6.30
CA MET A 1 -23.70 -1.83 -5.90
C MET A 1 -23.12 -0.50 -5.39
N ALA A 2 -22.66 -0.41 -4.13
CA ALA A 2 -22.06 0.81 -3.56
C ALA A 2 -20.71 1.15 -4.23
N LEU A 3 -19.89 0.11 -4.48
CA LEU A 3 -18.67 0.17 -5.29
C LEU A 3 -19.02 -0.20 -6.74
N THR A 4 -18.23 0.29 -7.71
CA THR A 4 -18.31 -0.15 -9.11
C THR A 4 -17.61 -1.51 -9.28
N PRO A 5 -18.00 -2.34 -10.27
CA PRO A 5 -17.28 -3.57 -10.61
C PRO A 5 -15.81 -3.34 -10.98
N ALA A 6 -15.48 -2.15 -11.51
CA ALA A 6 -14.13 -1.74 -11.87
C ALA A 6 -13.21 -1.46 -10.66
N LEU A 7 -13.75 -1.13 -9.48
CA LEU A 7 -12.97 -0.67 -8.32
C LEU A 7 -12.03 -1.76 -7.80
N LYS A 8 -12.58 -2.86 -7.27
CA LYS A 8 -11.80 -3.98 -6.72
C LYS A 8 -10.95 -4.69 -7.79
N THR A 9 -11.44 -4.69 -9.05
CA THR A 9 -10.73 -5.15 -10.25
C THR A 9 -9.48 -4.32 -10.55
N THR A 10 -9.55 -2.98 -10.44
CA THR A 10 -8.40 -2.07 -10.61
C THR A 10 -7.38 -2.31 -9.50
N LEU A 11 -7.82 -2.42 -8.25
CA LEU A 11 -6.94 -2.74 -7.12
C LEU A 11 -6.18 -4.05 -7.35
N ASP A 12 -6.86 -5.14 -7.73
CA ASP A 12 -6.22 -6.40 -8.08
C ASP A 12 -5.21 -6.26 -9.21
N LYS A 13 -5.57 -5.58 -10.32
CA LYS A 13 -4.65 -5.30 -11.43
C LYS A 13 -3.45 -4.45 -11.01
N VAL A 14 -3.63 -3.46 -10.14
CA VAL A 14 -2.53 -2.69 -9.53
C VAL A 14 -1.64 -3.58 -8.67
N VAL A 15 -2.24 -4.41 -7.80
CA VAL A 15 -1.53 -5.35 -6.91
C VAL A 15 -0.68 -6.37 -7.67
N THR A 16 -1.12 -6.85 -8.84
CA THR A 16 -0.34 -7.78 -9.69
C THR A 16 0.66 -7.07 -10.59
N SER A 17 0.37 -5.85 -11.04
CA SER A 17 1.29 -5.05 -11.86
C SER A 17 2.52 -4.54 -11.06
N HIS A 18 2.30 -4.14 -9.80
CA HIS A 18 3.35 -3.74 -8.85
C HIS A 18 3.04 -4.37 -7.49
N LYS A 19 3.89 -5.29 -6.99
CA LYS A 19 3.53 -6.08 -5.80
C LYS A 19 3.36 -5.22 -4.53
N VAL A 20 4.13 -4.15 -4.35
CA VAL A 20 3.89 -3.17 -3.28
C VAL A 20 2.84 -2.15 -3.76
N VAL A 21 1.90 -1.80 -2.88
CA VAL A 21 0.92 -0.73 -3.12
C VAL A 21 0.81 0.15 -1.88
N LEU A 22 0.98 1.46 -2.06
CA LEU A 22 0.71 2.48 -1.04
C LEU A 22 -0.64 3.14 -1.32
N PHE A 23 -1.52 3.13 -0.33
CA PHE A 23 -2.78 3.88 -0.33
C PHE A 23 -2.53 5.19 0.45
N MET A 24 -2.67 6.34 -0.22
CA MET A 24 -2.21 7.63 0.32
C MET A 24 -2.96 8.85 -0.26
N LYS A 25 -2.91 9.98 0.46
CA LYS A 25 -3.57 11.24 0.07
C LYS A 25 -2.80 12.02 -1.01
N GLY A 26 -1.49 11.74 -1.13
CA GLY A 26 -0.62 12.22 -2.23
C GLY A 26 -0.78 11.38 -3.51
N THR A 27 0.09 11.60 -4.50
CA THR A 27 0.11 10.89 -5.79
C THR A 27 1.50 10.31 -6.08
N LYS A 28 1.61 9.54 -7.17
CA LYS A 28 2.92 9.10 -7.70
C LYS A 28 3.76 10.23 -8.32
N ASP A 29 3.13 11.35 -8.71
CA ASP A 29 3.80 12.55 -9.22
C ASP A 29 4.29 13.47 -8.08
N PHE A 30 3.58 13.48 -6.94
CA PHE A 30 3.92 14.25 -5.75
C PHE A 30 3.44 13.51 -4.49
N PRO A 31 4.34 12.80 -3.77
CA PRO A 31 4.00 12.07 -2.56
C PRO A 31 3.78 13.01 -1.36
N GLN A 32 3.17 12.49 -0.30
CA GLN A 32 3.03 13.20 0.98
C GLN A 32 4.27 12.94 1.85
N CYS A 33 4.75 13.99 2.54
CA CYS A 33 5.93 13.95 3.38
C CYS A 33 5.73 13.12 4.67
N GLY A 34 6.84 12.68 5.27
CA GLY A 34 6.86 11.85 6.48
C GLY A 34 6.61 10.38 6.15
N PHE A 35 5.39 9.89 6.45
CA PHE A 35 5.02 8.47 6.38
C PHE A 35 5.28 7.85 5.01
N SER A 36 4.50 8.21 3.99
CA SER A 36 4.58 7.58 2.66
C SER A 36 5.95 7.79 2.03
N GLN A 37 6.53 8.98 2.16
CA GLN A 37 7.90 9.32 1.73
C GLN A 37 8.94 8.34 2.31
N THR A 38 8.87 8.04 3.62
CA THR A 38 9.76 7.10 4.30
C THR A 38 9.49 5.67 3.83
N VAL A 39 8.23 5.24 3.85
CA VAL A 39 7.85 3.86 3.46
C VAL A 39 8.20 3.56 1.99
N VAL A 40 7.95 4.50 1.07
CA VAL A 40 8.33 4.36 -0.35
C VAL A 40 9.85 4.19 -0.52
N GLN A 41 10.66 5.01 0.15
CA GLN A 41 12.13 4.90 0.06
C GLN A 41 12.65 3.57 0.63
N ILE A 42 12.11 3.11 1.77
CA ILE A 42 12.51 1.83 2.40
C ILE A 42 12.25 0.64 1.46
N LEU A 43 11.03 0.52 0.93
CA LEU A 43 10.63 -0.60 0.07
C LEU A 43 11.34 -0.58 -1.27
N LYS A 44 11.37 0.58 -1.93
CA LYS A 44 12.10 0.76 -3.19
C LYS A 44 13.54 0.25 -3.02
N SER A 45 14.25 0.74 -2.00
CA SER A 45 15.66 0.42 -1.68
C SER A 45 15.89 -1.05 -1.25
N LEU A 46 14.91 -1.68 -0.56
CA LEU A 46 14.91 -3.11 -0.28
C LEU A 46 14.89 -3.96 -1.58
N ASN A 47 14.38 -3.36 -2.66
CA ASN A 47 14.38 -3.78 -4.09
C ASN A 47 12.97 -4.14 -4.56
N ALA A 48 12.00 -3.28 -4.25
CA ALA A 48 10.57 -3.60 -4.45
C ALA A 48 9.88 -2.79 -5.58
N PRO A 49 9.11 -3.43 -6.48
CA PRO A 49 8.25 -2.75 -7.45
C PRO A 49 6.98 -2.28 -6.73
N PHE A 50 6.73 -0.96 -6.80
CA PHE A 50 5.69 -0.29 -6.02
C PHE A 50 4.79 0.65 -6.86
N GLU A 51 3.61 0.97 -6.32
CA GLU A 51 2.71 2.00 -6.85
C GLU A 51 2.15 2.86 -5.71
N SER A 52 1.95 4.15 -5.98
CA SER A 52 1.42 5.13 -5.04
C SER A 52 -0.02 5.52 -5.46
N VAL A 53 -1.02 4.84 -4.90
CA VAL A 53 -2.44 5.01 -5.25
C VAL A 53 -3.02 6.19 -4.46
N ASN A 54 -3.53 7.18 -5.20
CA ASN A 54 -4.21 8.34 -4.65
C ASN A 54 -5.62 7.97 -4.13
N ILE A 55 -5.89 8.22 -2.85
CA ILE A 55 -7.19 7.97 -2.20
C ILE A 55 -7.81 9.27 -1.65
N LEU A 56 -8.88 9.14 -0.85
CA LEU A 56 -9.51 10.21 -0.05
C LEU A 56 -10.39 11.13 -0.90
N GLU A 57 -9.81 11.77 -1.92
CA GLU A 57 -10.55 12.54 -2.93
C GLU A 57 -11.43 11.61 -3.78
N ASN A 58 -10.90 10.44 -4.16
CA ASN A 58 -11.66 9.36 -4.82
C ASN A 58 -12.58 8.66 -3.81
N GLU A 59 -13.89 8.86 -3.93
CA GLU A 59 -14.90 8.37 -2.97
C GLU A 59 -15.14 6.85 -3.06
N LEU A 60 -14.93 6.24 -4.22
CA LEU A 60 -15.02 4.79 -4.40
C LEU A 60 -13.89 4.07 -3.65
N LEU A 61 -12.65 4.58 -3.74
CA LEU A 61 -11.51 4.07 -2.97
C LEU A 61 -11.66 4.33 -1.46
N ARG A 62 -12.16 5.52 -1.08
CA ARG A 62 -12.43 5.89 0.33
C ARG A 62 -13.35 4.86 1.04
N GLN A 63 -14.34 4.32 0.31
CA GLN A 63 -15.27 3.30 0.81
C GLN A 63 -14.72 1.87 0.64
N GLY A 64 -14.16 1.54 -0.52
CA GLY A 64 -13.80 0.17 -0.90
C GLY A 64 -12.55 -0.37 -0.24
N LEU A 65 -11.56 0.48 0.07
CA LEU A 65 -10.31 0.02 0.69
C LEU A 65 -10.49 -0.49 2.12
N LYS A 66 -11.52 -0.03 2.84
CA LYS A 66 -11.88 -0.56 4.16
C LYS A 66 -12.27 -2.05 4.09
N GLU A 67 -13.01 -2.46 3.05
CA GLU A 67 -13.34 -3.86 2.78
C GLU A 67 -12.12 -4.63 2.21
N TYR A 68 -11.39 -4.03 1.26
CA TYR A 68 -10.27 -4.66 0.57
C TYR A 68 -9.07 -4.98 1.49
N SER A 69 -8.77 -4.08 2.44
CA SER A 69 -7.61 -4.18 3.34
C SER A 69 -7.92 -4.55 4.80
N SER A 70 -9.17 -4.35 5.27
CA SER A 70 -9.66 -4.58 6.65
C SER A 70 -9.11 -3.58 7.70
N TRP A 71 -7.89 -3.07 7.51
CA TRP A 71 -7.19 -2.17 8.43
C TRP A 71 -7.74 -0.73 8.38
N PRO A 72 -8.10 -0.12 9.52
CA PRO A 72 -8.59 1.26 9.59
C PRO A 72 -7.43 2.27 9.55
N THR A 73 -7.71 3.47 9.00
CA THR A 73 -6.84 4.66 8.89
C THR A 73 -5.80 4.57 7.76
N PHE A 74 -5.35 5.74 7.31
CA PHE A 74 -4.45 5.93 6.16
C PHE A 74 -3.42 7.06 6.43
N PRO A 75 -2.25 7.10 5.74
CA PRO A 75 -1.82 6.21 4.65
C PRO A 75 -1.53 4.79 5.15
N GLN A 76 -1.58 3.83 4.21
CA GLN A 76 -1.47 2.39 4.51
C GLN A 76 -0.60 1.69 3.45
N LEU A 77 0.20 0.73 3.90
CA LEU A 77 0.98 -0.17 3.05
C LEU A 77 0.23 -1.48 2.80
N TYR A 78 0.39 -2.05 1.60
CA TYR A 78 -0.19 -3.33 1.18
C TYR A 78 0.78 -4.02 0.21
N ILE A 79 0.95 -5.35 0.32
CA ILE A 79 1.87 -6.10 -0.55
C ILE A 79 1.24 -7.44 -0.99
N ASP A 80 1.09 -7.62 -2.32
CA ASP A 80 0.73 -8.84 -3.07
C ASP A 80 -0.66 -9.47 -2.79
N GLY A 81 -1.22 -9.23 -1.60
CA GLY A 81 -2.43 -9.84 -1.08
C GLY A 81 -2.71 -9.60 0.40
N GLU A 82 -1.83 -8.91 1.13
CA GLU A 82 -1.99 -8.59 2.55
C GLU A 82 -1.64 -7.12 2.85
N PHE A 83 -2.33 -6.54 3.85
CA PHE A 83 -2.00 -5.23 4.39
C PHE A 83 -0.80 -5.30 5.35
N PHE A 84 -0.17 -4.15 5.53
CA PHE A 84 0.84 -3.88 6.53
C PHE A 84 0.51 -2.55 7.24
N GLY A 85 1.01 -2.44 8.46
CA GLY A 85 0.81 -1.27 9.35
C GLY A 85 1.45 0.03 8.85
N GLY A 86 1.27 1.10 9.63
CA GLY A 86 1.76 2.47 9.31
C GLY A 86 3.28 2.60 9.32
N CYS A 87 3.78 3.82 9.11
CA CYS A 87 5.23 4.07 8.96
C CYS A 87 6.03 3.67 10.20
N ASP A 88 5.54 3.98 11.41
CA ASP A 88 6.20 3.60 12.66
C ASP A 88 6.36 2.09 12.78
N ILE A 89 5.29 1.33 12.51
CA ILE A 89 5.30 -0.15 12.47
C ILE A 89 6.28 -0.63 11.38
N THR A 90 6.27 0.00 10.20
CA THR A 90 7.14 -0.33 9.07
C THR A 90 8.61 -0.11 9.41
N VAL A 91 8.96 1.03 10.02
CA VAL A 91 10.33 1.34 10.46
C VAL A 91 10.81 0.39 11.57
N GLU A 92 9.95 0.06 12.55
CA GLU A 92 10.27 -0.92 13.60
C GLU A 92 10.47 -2.32 13.01
N ALA A 93 9.62 -2.75 12.07
CA ALA A 93 9.72 -4.04 11.39
C ALA A 93 10.98 -4.12 10.52
N TYR A 94 11.33 -3.06 9.79
CA TYR A 94 12.54 -2.98 8.96
C TYR A 94 13.83 -3.01 9.80
N LYS A 95 13.83 -2.37 10.98
CA LYS A 95 14.91 -2.44 11.97
C LYS A 95 15.01 -3.84 12.63
N SER A 96 13.88 -4.53 12.78
CA SER A 96 13.80 -5.87 13.39
C SER A 96 14.03 -7.03 12.39
N GLY A 97 14.04 -6.76 11.08
CA GLY A 97 14.19 -7.77 10.00
C GLY A 97 12.84 -8.35 9.52
N GLU A 98 11.74 -7.94 10.13
CA GLU A 98 10.40 -8.50 9.91
C GLU A 98 9.76 -7.97 8.62
N LEU A 99 10.03 -6.72 8.24
CA LEU A 99 9.55 -6.17 6.96
C LEU A 99 10.21 -6.93 5.80
N GLN A 100 11.52 -7.14 5.87
CA GLN A 100 12.29 -7.89 4.88
C GLN A 100 11.73 -9.31 4.74
N GLU A 101 11.50 -10.02 5.85
CA GLU A 101 10.89 -11.35 5.86
C GLU A 101 9.52 -11.36 5.17
N GLN A 102 8.59 -10.46 5.56
CA GLN A 102 7.23 -10.47 5.03
C GLN A 102 7.15 -9.92 3.59
N VAL A 103 7.99 -8.94 3.22
CA VAL A 103 8.10 -8.47 1.84
C VAL A 103 8.68 -9.57 0.93
N GLU A 104 9.74 -10.29 1.34
CA GLU A 104 10.25 -11.42 0.58
C GLU A 104 9.19 -12.51 0.38
N LYS A 105 8.42 -12.84 1.44
CA LYS A 105 7.29 -13.77 1.35
C LYS A 105 6.25 -13.28 0.33
N ALA A 106 5.85 -12.01 0.37
CA ALA A 106 4.91 -11.40 -0.56
C ALA A 106 5.44 -11.32 -2.00
N MET A 107 6.76 -11.16 -2.21
CA MET A 107 7.39 -11.18 -3.53
C MET A 107 7.42 -12.61 -4.13
N CYS A 108 7.63 -13.63 -3.29
CA CYS A 108 7.53 -15.04 -3.69
C CYS A 108 6.07 -15.47 -4.00
N SER A 109 5.11 -15.01 -3.19
CA SER A 109 3.65 -15.21 -3.22
C SER A 109 3.25 -16.60 -2.69
N MET A 1 -22.31 2.48 4.49
CA MET A 1 -21.12 2.45 3.58
C MET A 1 -21.11 1.16 2.74
N ALA A 2 -20.55 1.20 1.53
CA ALA A 2 -20.52 0.08 0.57
C ALA A 2 -19.37 0.20 -0.47
N LEU A 3 -19.19 -0.86 -1.28
CA LEU A 3 -18.27 -0.92 -2.41
C LEU A 3 -18.86 -1.74 -3.57
N THR A 4 -18.41 -1.48 -4.81
CA THR A 4 -18.85 -2.18 -6.03
C THR A 4 -17.91 -3.34 -6.36
N PRO A 5 -18.34 -4.31 -7.20
CA PRO A 5 -17.44 -5.33 -7.73
C PRO A 5 -16.36 -4.70 -8.64
N ALA A 6 -16.65 -3.59 -9.33
CA ALA A 6 -15.67 -2.84 -10.12
C ALA A 6 -14.53 -2.27 -9.24
N LEU A 7 -14.83 -1.81 -8.03
CA LEU A 7 -13.83 -1.35 -7.05
C LEU A 7 -12.92 -2.52 -6.65
N LYS A 8 -13.50 -3.67 -6.26
CA LYS A 8 -12.75 -4.88 -5.89
C LYS A 8 -11.86 -5.38 -7.04
N THR A 9 -12.36 -5.39 -8.28
CA THR A 9 -11.65 -5.75 -9.51
C THR A 9 -10.51 -4.78 -9.81
N THR A 10 -10.71 -3.46 -9.60
CA THR A 10 -9.66 -2.44 -9.77
C THR A 10 -8.50 -2.69 -8.80
N LEU A 11 -8.82 -2.89 -7.52
CA LEU A 11 -7.83 -3.24 -6.49
C LEU A 11 -7.07 -4.51 -6.85
N ASP A 12 -7.78 -5.61 -7.15
CA ASP A 12 -7.17 -6.88 -7.57
C ASP A 12 -6.23 -6.72 -8.77
N LYS A 13 -6.65 -5.98 -9.80
CA LYS A 13 -5.81 -5.69 -10.98
C LYS A 13 -4.53 -4.95 -10.60
N VAL A 14 -4.58 -3.86 -9.80
CA VAL A 14 -3.36 -3.14 -9.41
C VAL A 14 -2.51 -3.93 -8.40
N VAL A 15 -3.14 -4.69 -7.49
CA VAL A 15 -2.46 -5.52 -6.48
C VAL A 15 -1.68 -6.69 -7.09
N THR A 16 -2.21 -7.29 -8.18
CA THR A 16 -1.55 -8.40 -8.90
C THR A 16 -0.54 -7.91 -9.93
N SER A 17 -0.84 -6.83 -10.64
CA SER A 17 0.02 -6.32 -11.73
C SER A 17 1.30 -5.62 -11.23
N HIS A 18 1.28 -5.08 -10.01
CA HIS A 18 2.41 -4.37 -9.39
C HIS A 18 2.66 -4.94 -7.98
N LYS A 19 3.92 -5.27 -7.64
CA LYS A 19 4.22 -6.02 -6.41
C LYS A 19 3.97 -5.21 -5.12
N VAL A 20 4.40 -3.95 -5.08
CA VAL A 20 4.25 -3.05 -3.91
C VAL A 20 3.32 -1.90 -4.26
N VAL A 21 2.33 -1.60 -3.41
CA VAL A 21 1.27 -0.61 -3.72
C VAL A 21 0.93 0.23 -2.48
N LEU A 22 1.08 1.54 -2.56
CA LEU A 22 0.61 2.49 -1.54
C LEU A 22 -0.80 3.00 -1.90
N PHE A 23 -1.58 3.32 -0.87
CA PHE A 23 -2.89 3.96 -0.98
C PHE A 23 -2.90 5.23 -0.11
N MET A 24 -3.00 6.40 -0.75
CA MET A 24 -2.95 7.74 -0.14
C MET A 24 -3.52 8.80 -1.12
N LYS A 25 -3.52 10.08 -0.75
CA LYS A 25 -4.01 11.15 -1.64
C LYS A 25 -3.01 11.44 -2.78
N GLY A 26 -1.71 11.43 -2.47
CA GLY A 26 -0.59 11.76 -3.37
C GLY A 26 -0.19 10.64 -4.34
N THR A 27 0.53 11.03 -5.41
CA THR A 27 1.05 10.13 -6.45
C THR A 27 2.42 9.56 -6.09
N LYS A 28 2.93 8.62 -6.89
CA LYS A 28 4.25 8.00 -6.68
C LYS A 28 5.43 8.93 -7.01
N ASP A 29 5.23 9.95 -7.85
CA ASP A 29 6.20 10.99 -8.19
C ASP A 29 6.12 12.24 -7.29
N PHE A 30 5.03 12.37 -6.50
CA PHE A 30 4.87 13.36 -5.43
C PHE A 30 4.35 12.68 -4.14
N PRO A 31 5.16 11.79 -3.51
CA PRO A 31 4.78 11.05 -2.32
C PRO A 31 4.72 11.97 -1.11
N GLN A 32 3.75 11.73 -0.21
CA GLN A 32 3.42 12.63 0.89
C GLN A 32 4.52 12.68 1.95
N CYS A 33 4.96 13.89 2.29
CA CYS A 33 6.02 14.17 3.26
C CYS A 33 5.77 13.54 4.64
N GLY A 34 6.85 13.11 5.31
CA GLY A 34 6.79 12.30 6.52
C GLY A 34 6.82 10.81 6.18
N PHE A 35 6.08 9.99 6.94
CA PHE A 35 6.14 8.53 6.91
C PHE A 35 5.98 7.93 5.50
N SER A 36 5.04 8.39 4.67
CA SER A 36 4.84 7.82 3.33
C SER A 36 6.06 8.05 2.41
N GLN A 37 6.61 9.27 2.36
CA GLN A 37 7.83 9.59 1.60
C GLN A 37 9.04 8.75 2.09
N THR A 38 9.18 8.57 3.40
CA THR A 38 10.17 7.64 3.99
C THR A 38 9.90 6.21 3.53
N VAL A 39 8.66 5.75 3.61
CA VAL A 39 8.26 4.37 3.28
C VAL A 39 8.45 4.04 1.80
N VAL A 40 8.11 4.93 0.86
CA VAL A 40 8.36 4.65 -0.56
C VAL A 40 9.86 4.60 -0.88
N GLN A 41 10.70 5.42 -0.21
CA GLN A 41 12.16 5.32 -0.32
C GLN A 41 12.68 4.00 0.29
N ILE A 42 12.15 3.57 1.43
CA ILE A 42 12.47 2.28 2.08
C ILE A 42 12.18 1.10 1.14
N LEU A 43 10.98 1.03 0.56
CA LEU A 43 10.55 -0.06 -0.32
C LEU A 43 11.37 -0.09 -1.61
N LYS A 44 11.55 1.07 -2.25
CA LYS A 44 12.43 1.22 -3.41
C LYS A 44 13.83 0.66 -3.11
N SER A 45 14.47 1.17 -2.04
CA SER A 45 15.85 0.87 -1.63
C SER A 45 16.07 -0.57 -1.15
N LEU A 46 15.06 -1.18 -0.51
CA LEU A 46 15.03 -2.61 -0.17
C LEU A 46 15.11 -3.48 -1.43
N ASN A 47 14.60 -2.96 -2.54
CA ASN A 47 14.70 -3.41 -3.95
C ASN A 47 13.33 -3.83 -4.49
N ALA A 48 12.44 -2.87 -4.69
CA ALA A 48 11.08 -3.15 -5.19
C ALA A 48 10.46 -1.98 -6.00
N PRO A 49 9.75 -2.26 -7.11
CA PRO A 49 8.94 -1.27 -7.81
C PRO A 49 7.64 -1.04 -7.05
N PHE A 50 7.42 0.22 -6.60
CA PHE A 50 6.23 0.63 -5.87
C PHE A 50 5.28 1.48 -6.74
N GLU A 51 3.99 1.42 -6.40
CA GLU A 51 2.93 2.28 -6.96
C GLU A 51 2.31 3.14 -5.86
N SER A 52 1.46 4.10 -6.21
CA SER A 52 0.70 4.89 -5.24
C SER A 52 -0.67 5.27 -5.83
N VAL A 53 -1.73 4.61 -5.37
CA VAL A 53 -3.11 4.80 -5.86
C VAL A 53 -3.73 6.00 -5.14
N ASN A 54 -4.27 6.94 -5.92
CA ASN A 54 -4.93 8.14 -5.43
C ASN A 54 -6.31 7.80 -4.82
N ILE A 55 -6.38 7.58 -3.51
CA ILE A 55 -7.64 7.46 -2.75
C ILE A 55 -8.17 8.85 -2.35
N LEU A 56 -9.30 8.91 -1.64
CA LEU A 56 -9.89 10.11 -1.02
C LEU A 56 -10.57 11.04 -2.05
N GLU A 57 -10.00 11.18 -3.24
CA GLU A 57 -10.56 11.93 -4.38
C GLU A 57 -11.82 11.27 -4.98
N ASN A 58 -12.06 9.98 -4.74
CA ASN A 58 -13.21 9.21 -5.24
C ASN A 58 -13.97 8.53 -4.10
N GLU A 59 -15.32 8.63 -4.10
CA GLU A 59 -16.18 8.21 -2.98
C GLU A 59 -16.17 6.70 -2.71
N LEU A 60 -15.93 5.86 -3.73
CA LEU A 60 -15.76 4.42 -3.56
C LEU A 60 -14.47 4.07 -2.83
N LEU A 61 -13.34 4.70 -3.18
CA LEU A 61 -12.04 4.46 -2.52
C LEU A 61 -12.01 4.93 -1.06
N ARG A 62 -12.86 5.89 -0.67
CA ARG A 62 -13.06 6.27 0.76
C ARG A 62 -13.65 5.11 1.60
N GLN A 63 -14.37 4.18 0.97
CA GLN A 63 -15.16 3.13 1.64
C GLN A 63 -14.54 1.74 1.44
N GLY A 64 -14.28 1.34 0.18
CA GLY A 64 -13.92 -0.04 -0.17
C GLY A 64 -12.49 -0.45 0.18
N LEU A 65 -11.51 0.46 0.11
CA LEU A 65 -10.09 0.12 0.28
C LEU A 65 -9.80 -0.40 1.70
N LYS A 66 -10.27 0.30 2.74
CA LYS A 66 -10.10 -0.12 4.14
C LYS A 66 -10.87 -1.43 4.49
N GLU A 67 -11.95 -1.73 3.77
CA GLU A 67 -12.69 -2.99 3.91
C GLU A 67 -12.02 -4.15 3.15
N TYR A 68 -11.40 -3.88 2.00
CA TYR A 68 -10.67 -4.86 1.18
C TYR A 68 -9.43 -5.42 1.90
N SER A 69 -8.73 -4.58 2.65
CA SER A 69 -7.64 -4.97 3.54
C SER A 69 -8.17 -5.55 4.87
N SER A 70 -8.78 -4.70 5.69
CA SER A 70 -9.24 -4.79 7.09
C SER A 70 -8.62 -3.66 7.96
N TRP A 71 -7.54 -3.02 7.48
CA TRP A 71 -6.82 -1.94 8.16
C TRP A 71 -7.69 -0.66 8.26
N PRO A 72 -7.96 -0.13 9.46
CA PRO A 72 -8.66 1.14 9.64
C PRO A 72 -7.71 2.32 9.42
N THR A 73 -8.23 3.41 8.85
CA THR A 73 -7.56 4.70 8.62
C THR A 73 -6.65 4.69 7.38
N PHE A 74 -6.26 5.88 6.93
CA PHE A 74 -5.35 6.11 5.80
C PHE A 74 -4.09 6.88 6.26
N PRO A 75 -2.91 6.69 5.62
CA PRO A 75 -2.63 5.88 4.45
C PRO A 75 -2.52 4.38 4.75
N GLN A 76 -2.21 3.58 3.72
CA GLN A 76 -2.07 2.12 3.80
C GLN A 76 -1.03 1.61 2.78
N LEU A 77 -0.23 0.63 3.19
CA LEU A 77 0.67 -0.16 2.34
C LEU A 77 0.06 -1.55 2.08
N TYR A 78 0.23 -2.04 0.85
CA TYR A 78 -0.28 -3.33 0.37
C TYR A 78 0.77 -3.99 -0.55
N ILE A 79 0.91 -5.32 -0.49
CA ILE A 79 1.95 -6.06 -1.23
C ILE A 79 1.38 -7.39 -1.79
N ASP A 80 1.36 -7.50 -3.13
CA ASP A 80 1.08 -8.67 -3.99
C ASP A 80 -0.30 -9.36 -3.86
N GLY A 81 -0.97 -9.22 -2.72
CA GLY A 81 -2.18 -9.94 -2.34
C GLY A 81 -2.66 -9.70 -0.91
N GLU A 82 -1.80 -9.15 -0.03
CA GLU A 82 -2.13 -8.84 1.36
C GLU A 82 -1.75 -7.40 1.76
N PHE A 83 -2.45 -6.85 2.75
CA PHE A 83 -2.12 -5.55 3.32
C PHE A 83 -0.99 -5.65 4.36
N PHE A 84 -0.19 -4.59 4.47
CA PHE A 84 0.89 -4.48 5.46
C PHE A 84 0.49 -3.64 6.69
N GLY A 85 -0.33 -2.59 6.47
CA GLY A 85 -0.79 -1.65 7.50
C GLY A 85 -0.37 -0.21 7.19
N GLY A 86 -0.10 0.58 8.24
CA GLY A 86 0.28 1.99 8.13
C GLY A 86 1.75 2.23 7.80
N CYS A 87 2.08 3.46 7.40
CA CYS A 87 3.45 3.84 7.06
C CYS A 87 4.38 3.87 8.29
N ASP A 88 3.91 4.38 9.43
CA ASP A 88 4.66 4.32 10.70
C ASP A 88 4.95 2.87 11.13
N ILE A 89 3.97 1.97 10.99
CA ILE A 89 4.16 0.52 11.21
C ILE A 89 5.21 -0.03 10.25
N THR A 90 5.22 0.40 8.98
CA THR A 90 6.22 0.02 7.98
C THR A 90 7.62 0.51 8.36
N VAL A 91 7.76 1.75 8.84
CA VAL A 91 9.05 2.27 9.34
C VAL A 91 9.56 1.42 10.52
N GLU A 92 8.71 1.07 11.50
CA GLU A 92 9.09 0.20 12.62
C GLU A 92 9.40 -1.24 12.17
N ALA A 93 8.67 -1.78 11.19
CA ALA A 93 8.93 -3.09 10.60
C ALA A 93 10.28 -3.14 9.88
N TYR A 94 10.66 -2.09 9.16
CA TYR A 94 11.97 -1.98 8.51
C TYR A 94 13.12 -1.85 9.53
N LYS A 95 12.92 -1.11 10.62
CA LYS A 95 13.88 -0.97 11.71
C LYS A 95 14.08 -2.29 12.50
N SER A 96 13.04 -3.10 12.62
CA SER A 96 13.07 -4.39 13.34
C SER A 96 13.38 -5.62 12.45
N GLY A 97 13.40 -5.47 11.12
CA GLY A 97 13.73 -6.54 10.16
C GLY A 97 12.51 -7.29 9.59
N GLU A 98 11.30 -6.95 10.07
CA GLU A 98 10.04 -7.61 9.74
C GLU A 98 9.58 -7.29 8.30
N LEU A 99 9.84 -6.08 7.79
CA LEU A 99 9.53 -5.72 6.40
C LEU A 99 10.40 -6.53 5.44
N GLN A 100 11.70 -6.58 5.69
CA GLN A 100 12.68 -7.30 4.86
C GLN A 100 12.29 -8.77 4.72
N GLU A 101 11.96 -9.45 5.84
CA GLU A 101 11.52 -10.84 5.81
C GLU A 101 10.25 -11.03 4.99
N GLN A 102 9.22 -10.19 5.21
CA GLN A 102 7.95 -10.31 4.48
C GLN A 102 8.06 -9.92 3.00
N VAL A 103 8.92 -8.96 2.64
CA VAL A 103 9.20 -8.59 1.24
C VAL A 103 9.97 -9.71 0.52
N GLU A 104 10.94 -10.37 1.16
CA GLU A 104 11.57 -11.58 0.63
C GLU A 104 10.53 -12.70 0.45
N LYS A 105 9.65 -12.93 1.44
CA LYS A 105 8.54 -13.88 1.33
C LYS A 105 7.57 -13.52 0.20
N ALA A 106 7.28 -12.24 -0.06
CA ALA A 106 6.46 -11.80 -1.19
C ALA A 106 7.10 -12.13 -2.56
N MET A 107 8.44 -12.11 -2.64
CA MET A 107 9.18 -12.48 -3.86
C MET A 107 9.18 -14.00 -4.11
N CYS A 108 9.37 -14.82 -3.07
CA CYS A 108 9.42 -16.29 -3.18
C CYS A 108 8.05 -17.01 -2.96
N SER A 109 6.97 -16.25 -2.73
CA SER A 109 5.59 -16.73 -2.49
C SER A 109 5.15 -17.86 -3.42
N MET A 1 -24.67 0.67 -4.93
CA MET A 1 -23.31 0.46 -5.53
C MET A 1 -22.27 0.22 -4.43
N ALA A 2 -21.29 -0.66 -4.69
CA ALA A 2 -20.23 -1.06 -3.75
C ALA A 2 -18.94 -1.49 -4.49
N LEU A 3 -18.10 -2.33 -3.87
CA LEU A 3 -16.84 -2.87 -4.43
C LEU A 3 -17.09 -4.00 -5.48
N THR A 4 -18.15 -3.87 -6.29
CA THR A 4 -18.59 -4.82 -7.33
C THR A 4 -18.03 -4.58 -8.75
N PRO A 5 -17.65 -3.36 -9.22
CA PRO A 5 -17.21 -3.14 -10.59
C PRO A 5 -15.71 -3.44 -10.77
N ALA A 6 -15.15 -3.06 -11.92
CA ALA A 6 -13.73 -3.24 -12.30
C ALA A 6 -12.71 -2.54 -11.38
N LEU A 7 -13.17 -1.70 -10.43
CA LEU A 7 -12.38 -1.12 -9.35
C LEU A 7 -11.60 -2.22 -8.61
N LYS A 8 -12.30 -3.25 -8.11
CA LYS A 8 -11.68 -4.35 -7.36
C LYS A 8 -10.66 -5.13 -8.21
N THR A 9 -10.99 -5.40 -9.48
CA THR A 9 -10.13 -6.05 -10.48
C THR A 9 -8.87 -5.24 -10.75
N THR A 10 -8.97 -3.91 -10.79
CA THR A 10 -7.83 -2.98 -10.95
C THR A 10 -6.90 -3.08 -9.74
N LEU A 11 -7.45 -3.00 -8.52
CA LEU A 11 -6.67 -3.18 -7.28
C LEU A 11 -5.95 -4.53 -7.28
N ASP A 12 -6.64 -5.64 -7.57
CA ASP A 12 -6.07 -6.98 -7.63
C ASP A 12 -4.91 -7.08 -8.64
N LYS A 13 -5.09 -6.57 -9.87
CA LYS A 13 -4.03 -6.49 -10.86
C LYS A 13 -2.86 -5.60 -10.39
N VAL A 14 -3.14 -4.45 -9.78
CA VAL A 14 -2.11 -3.54 -9.23
C VAL A 14 -1.31 -4.20 -8.09
N VAL A 15 -1.96 -4.79 -7.09
CA VAL A 15 -1.26 -5.40 -5.95
C VAL A 15 -0.45 -6.65 -6.33
N THR A 16 -0.92 -7.45 -7.30
CA THR A 16 -0.18 -8.62 -7.80
C THR A 16 0.97 -8.24 -8.72
N SER A 17 0.85 -7.20 -9.53
CA SER A 17 1.89 -6.79 -10.49
C SER A 17 3.04 -6.00 -9.82
N HIS A 18 2.73 -5.08 -8.90
CA HIS A 18 3.74 -4.21 -8.26
C HIS A 18 4.17 -4.73 -6.86
N LYS A 19 3.56 -5.82 -6.37
CA LYS A 19 3.71 -6.41 -5.04
C LYS A 19 3.33 -5.42 -3.92
N VAL A 20 4.18 -4.43 -3.62
CA VAL A 20 3.96 -3.46 -2.53
C VAL A 20 3.19 -2.26 -3.08
N VAL A 21 2.11 -1.86 -2.39
CA VAL A 21 1.26 -0.73 -2.79
C VAL A 21 0.87 0.11 -1.57
N LEU A 22 1.05 1.43 -1.67
CA LEU A 22 0.65 2.40 -0.66
C LEU A 22 -0.71 3.05 -1.00
N PHE A 23 -1.54 3.25 0.01
CA PHE A 23 -2.80 3.98 -0.05
C PHE A 23 -2.68 5.24 0.82
N MET A 24 -2.60 6.40 0.18
CA MET A 24 -2.25 7.70 0.81
C MET A 24 -3.04 8.85 0.15
N LYS A 25 -2.82 10.11 0.54
CA LYS A 25 -3.42 11.29 -0.11
C LYS A 25 -2.72 11.70 -1.44
N GLY A 26 -1.99 10.78 -2.08
CA GLY A 26 -1.19 11.05 -3.29
C GLY A 26 -0.60 9.80 -3.95
N THR A 27 0.09 10.01 -5.08
CA THR A 27 0.74 8.99 -5.91
C THR A 27 2.24 8.88 -5.59
N LYS A 28 2.97 8.02 -6.29
CA LYS A 28 4.44 7.94 -6.16
C LYS A 28 5.17 9.11 -6.86
N ASP A 29 4.51 9.77 -7.81
CA ASP A 29 4.98 11.00 -8.46
C ASP A 29 4.72 12.25 -7.60
N PHE A 30 3.63 12.24 -6.82
CA PHE A 30 3.27 13.31 -5.88
C PHE A 30 2.85 12.72 -4.51
N PRO A 31 3.81 12.24 -3.69
CA PRO A 31 3.57 11.70 -2.37
C PRO A 31 3.37 12.81 -1.32
N GLN A 32 2.96 12.43 -0.11
CA GLN A 32 2.89 13.33 1.05
C GLN A 32 4.13 13.17 1.96
N CYS A 33 4.48 14.24 2.67
CA CYS A 33 5.67 14.31 3.53
C CYS A 33 5.54 13.48 4.84
N GLY A 34 6.67 13.29 5.53
CA GLY A 34 6.74 12.63 6.84
C GLY A 34 6.80 11.11 6.72
N PHE A 35 5.88 10.41 7.39
CA PHE A 35 5.87 8.95 7.47
C PHE A 35 5.74 8.29 6.09
N SER A 36 4.88 8.79 5.20
CA SER A 36 4.73 8.29 3.83
C SER A 36 6.04 8.39 3.03
N GLN A 37 6.67 9.57 3.00
CA GLN A 37 7.96 9.82 2.35
C GLN A 37 9.04 8.88 2.93
N THR A 38 9.07 8.73 4.25
CA THR A 38 9.96 7.81 4.96
C THR A 38 9.70 6.36 4.53
N VAL A 39 8.44 5.93 4.49
CA VAL A 39 8.05 4.56 4.09
C VAL A 39 8.40 4.26 2.62
N VAL A 40 8.17 5.16 1.67
CA VAL A 40 8.58 4.89 0.28
C VAL A 40 10.11 4.89 0.11
N GLN A 41 10.84 5.73 0.86
CA GLN A 41 12.32 5.67 0.93
C GLN A 41 12.80 4.36 1.57
N ILE A 42 12.11 3.87 2.60
CA ILE A 42 12.37 2.58 3.25
C ILE A 42 12.23 1.41 2.26
N LEU A 43 11.17 1.36 1.45
CA LEU A 43 10.97 0.29 0.47
C LEU A 43 12.07 0.29 -0.61
N LYS A 44 12.32 1.48 -1.19
CA LYS A 44 13.42 1.68 -2.14
C LYS A 44 14.72 1.11 -1.56
N SER A 45 15.14 1.62 -0.40
CA SER A 45 16.41 1.30 0.29
C SER A 45 16.50 -0.14 0.85
N LEU A 46 15.37 -0.76 1.21
CA LEU A 46 15.26 -2.19 1.55
C LEU A 46 15.70 -3.05 0.35
N ASN A 47 15.47 -2.52 -0.86
CA ASN A 47 15.92 -2.94 -2.20
C ASN A 47 14.71 -3.46 -2.98
N ALA A 48 13.68 -2.61 -3.10
CA ALA A 48 12.37 -3.06 -3.62
C ALA A 48 11.60 -1.98 -4.42
N PRO A 49 10.75 -2.42 -5.40
CA PRO A 49 9.80 -1.56 -6.09
C PRO A 49 8.54 -1.34 -5.23
N PHE A 50 7.69 -0.42 -5.67
CA PHE A 50 6.43 -0.05 -5.01
C PHE A 50 5.50 0.72 -5.96
N GLU A 51 4.23 0.83 -5.58
CA GLU A 51 3.22 1.66 -6.23
C GLU A 51 2.49 2.50 -5.17
N SER A 52 1.73 3.50 -5.55
CA SER A 52 0.99 4.36 -4.61
C SER A 52 -0.30 4.91 -5.25
N VAL A 53 -1.46 4.71 -4.60
CA VAL A 53 -2.79 5.10 -5.10
C VAL A 53 -3.40 6.14 -4.16
N ASN A 54 -3.94 7.23 -4.74
CA ASN A 54 -4.59 8.29 -3.97
C ASN A 54 -5.97 7.86 -3.42
N ILE A 55 -6.18 7.98 -2.12
CA ILE A 55 -7.48 7.72 -1.44
C ILE A 55 -8.52 8.80 -1.71
N LEU A 56 -8.09 10.06 -1.92
CA LEU A 56 -8.97 11.22 -2.00
C LEU A 56 -9.49 11.45 -3.44
N GLU A 57 -10.49 12.33 -3.54
CA GLU A 57 -11.32 12.61 -4.72
C GLU A 57 -12.41 11.53 -4.86
N ASN A 58 -12.32 10.62 -5.83
CA ASN A 58 -13.38 9.67 -6.20
C ASN A 58 -13.87 8.79 -5.02
N GLU A 59 -15.18 8.82 -4.75
CA GLU A 59 -15.81 8.16 -3.59
C GLU A 59 -15.73 6.62 -3.65
N LEU A 60 -15.91 6.01 -4.83
CA LEU A 60 -15.86 4.56 -5.00
C LEU A 60 -14.44 4.01 -4.76
N LEU A 61 -13.40 4.76 -5.10
CA LEU A 61 -12.01 4.45 -4.74
C LEU A 61 -11.76 4.69 -3.24
N ARG A 62 -12.26 5.81 -2.69
CA ARG A 62 -12.15 6.18 -1.26
C ARG A 62 -12.72 5.09 -0.34
N GLN A 63 -13.90 4.56 -0.67
CA GLN A 63 -14.55 3.45 0.04
C GLN A 63 -13.91 2.10 -0.33
N GLY A 64 -13.60 1.90 -1.61
CA GLY A 64 -13.13 0.62 -2.15
C GLY A 64 -11.75 0.21 -1.65
N LEU A 65 -10.81 1.15 -1.46
CA LEU A 65 -9.50 0.86 -0.85
C LEU A 65 -9.65 0.37 0.59
N LYS A 66 -10.50 1.03 1.39
CA LYS A 66 -10.77 0.64 2.78
C LYS A 66 -11.45 -0.74 2.84
N GLU A 67 -12.49 -0.97 2.05
CA GLU A 67 -13.24 -2.23 2.02
C GLU A 67 -12.41 -3.41 1.44
N TYR A 68 -11.52 -3.15 0.48
CA TYR A 68 -10.57 -4.15 -0.04
C TYR A 68 -9.48 -4.52 1.00
N SER A 69 -9.00 -3.55 1.77
CA SER A 69 -7.90 -3.73 2.73
C SER A 69 -8.34 -4.23 4.13
N SER A 70 -9.59 -3.96 4.52
CA SER A 70 -10.25 -4.34 5.80
C SER A 70 -9.78 -3.50 7.01
N TRP A 71 -8.48 -3.22 7.12
CA TRP A 71 -7.90 -2.32 8.12
C TRP A 71 -8.31 -0.86 7.83
N PRO A 72 -8.83 -0.13 8.84
CA PRO A 72 -9.31 1.25 8.67
C PRO A 72 -8.16 2.27 8.75
N THR A 73 -8.40 3.47 8.19
CA THR A 73 -7.55 4.68 8.21
C THR A 73 -6.34 4.60 7.27
N PHE A 74 -5.77 5.77 6.99
CA PHE A 74 -4.67 6.00 6.04
C PHE A 74 -3.72 7.10 6.56
N PRO A 75 -2.45 7.19 6.08
CA PRO A 75 -1.78 6.32 5.11
C PRO A 75 -1.66 4.86 5.56
N GLN A 76 -1.67 3.93 4.59
CA GLN A 76 -1.68 2.48 4.84
C GLN A 76 -0.90 1.75 3.72
N LEU A 77 -0.27 0.63 4.07
CA LEU A 77 0.49 -0.22 3.15
C LEU A 77 -0.19 -1.60 2.99
N TYR A 78 -0.18 -2.10 1.75
CA TYR A 78 -0.72 -3.41 1.34
C TYR A 78 0.31 -4.14 0.45
N ILE A 79 0.39 -5.47 0.53
CA ILE A 79 1.35 -6.28 -0.26
C ILE A 79 0.72 -7.54 -0.84
N ASP A 80 0.72 -7.66 -2.18
CA ASP A 80 0.40 -8.81 -3.03
C ASP A 80 -1.05 -9.37 -2.98
N GLY A 81 -1.60 -9.47 -1.77
CA GLY A 81 -2.92 -10.01 -1.43
C GLY A 81 -3.30 -9.89 0.04
N GLU A 82 -2.51 -9.15 0.85
CA GLU A 82 -2.74 -8.92 2.28
C GLU A 82 -2.41 -7.47 2.65
N PHE A 83 -3.16 -6.88 3.59
CA PHE A 83 -2.78 -5.57 4.16
C PHE A 83 -1.60 -5.76 5.14
N PHE A 84 -0.79 -4.70 5.32
CA PHE A 84 0.38 -4.70 6.20
C PHE A 84 0.19 -3.80 7.43
N GLY A 85 -0.49 -2.66 7.27
CA GLY A 85 -0.85 -1.73 8.35
C GLY A 85 -0.52 -0.27 8.03
N GLY A 86 -0.41 0.58 9.07
CA GLY A 86 -0.13 2.01 8.93
C GLY A 86 1.32 2.34 8.58
N CYS A 87 1.59 3.60 8.23
CA CYS A 87 2.93 4.07 7.84
C CYS A 87 3.92 4.09 9.02
N ASP A 88 3.55 4.67 10.17
CA ASP A 88 4.37 4.64 11.39
C ASP A 88 4.62 3.19 11.87
N ILE A 89 3.59 2.33 11.77
CA ILE A 89 3.72 0.87 12.00
C ILE A 89 4.75 0.26 11.03
N THR A 90 4.74 0.67 9.76
CA THR A 90 5.71 0.22 8.74
C THR A 90 7.13 0.65 9.08
N VAL A 91 7.33 1.87 9.59
CA VAL A 91 8.67 2.33 10.03
C VAL A 91 9.26 1.41 11.11
N GLU A 92 8.49 1.05 12.15
CA GLU A 92 8.97 0.11 13.18
C GLU A 92 9.03 -1.36 12.70
N ALA A 93 8.15 -1.78 11.80
CA ALA A 93 8.18 -3.11 11.18
C ALA A 93 9.41 -3.33 10.31
N TYR A 94 9.88 -2.30 9.59
CA TYR A 94 11.17 -2.29 8.87
C TYR A 94 12.36 -2.42 9.83
N LYS A 95 12.35 -1.67 10.94
CA LYS A 95 13.37 -1.80 12.01
C LYS A 95 13.33 -3.17 12.72
N SER A 96 12.16 -3.80 12.77
CA SER A 96 11.95 -5.14 13.37
C SER A 96 12.22 -6.31 12.40
N GLY A 97 12.31 -6.04 11.09
CA GLY A 97 12.56 -7.04 10.03
C GLY A 97 11.29 -7.68 9.45
N GLU A 98 10.12 -7.25 9.90
CA GLU A 98 8.82 -7.80 9.47
C GLU A 98 8.45 -7.32 8.06
N LEU A 99 8.82 -6.09 7.69
CA LEU A 99 8.66 -5.62 6.30
C LEU A 99 9.54 -6.44 5.34
N GLN A 100 10.80 -6.67 5.70
CA GLN A 100 11.73 -7.52 4.93
C GLN A 100 11.14 -8.93 4.74
N GLU A 101 10.62 -9.55 5.80
CA GLU A 101 9.96 -10.86 5.74
C GLU A 101 8.78 -10.88 4.76
N GLN A 102 7.86 -9.91 4.86
CA GLN A 102 6.66 -9.90 4.02
C GLN A 102 6.93 -9.43 2.58
N VAL A 103 7.88 -8.51 2.37
CA VAL A 103 8.37 -8.15 1.02
C VAL A 103 9.04 -9.35 0.35
N GLU A 104 9.85 -10.14 1.08
CA GLU A 104 10.41 -11.39 0.56
C GLU A 104 9.32 -12.42 0.23
N LYS A 105 8.30 -12.59 1.10
CA LYS A 105 7.15 -13.46 0.83
C LYS A 105 6.44 -13.06 -0.48
N ALA A 106 6.22 -11.75 -0.71
CA ALA A 106 5.61 -11.22 -1.92
C ALA A 106 6.49 -11.44 -3.18
N MET A 107 7.81 -11.27 -3.07
CA MET A 107 8.76 -11.55 -4.15
C MET A 107 8.81 -13.05 -4.52
N CYS A 108 8.65 -13.95 -3.54
CA CYS A 108 8.49 -15.39 -3.76
C CYS A 108 7.12 -15.73 -4.40
N SER A 109 6.06 -15.00 -4.03
CA SER A 109 4.66 -15.14 -4.48
C SER A 109 4.08 -16.54 -4.17
N MET A 1 -20.64 -4.35 1.03
CA MET A 1 -20.83 -3.36 -0.08
C MET A 1 -21.07 -4.07 -1.41
N ALA A 2 -21.89 -3.51 -2.30
CA ALA A 2 -22.12 -4.01 -3.66
C ALA A 2 -20.95 -3.60 -4.60
N LEU A 3 -19.76 -4.13 -4.32
CA LEU A 3 -18.49 -3.71 -4.94
C LEU A 3 -18.23 -4.39 -6.31
N THR A 4 -19.24 -4.34 -7.19
CA THR A 4 -19.18 -4.79 -8.59
C THR A 4 -18.47 -3.85 -9.58
N PRO A 5 -18.31 -2.52 -9.33
CA PRO A 5 -17.52 -1.64 -10.22
C PRO A 5 -16.05 -2.04 -10.37
N ALA A 6 -15.37 -1.41 -11.34
CA ALA A 6 -13.97 -1.68 -11.72
C ALA A 6 -12.93 -1.36 -10.62
N LEU A 7 -13.33 -0.77 -9.49
CA LEU A 7 -12.51 -0.56 -8.29
C LEU A 7 -11.84 -1.88 -7.86
N LYS A 8 -12.64 -2.92 -7.62
CA LYS A 8 -12.14 -4.21 -7.10
C LYS A 8 -11.11 -4.85 -8.05
N THR A 9 -11.39 -4.81 -9.36
CA THR A 9 -10.53 -5.23 -10.47
C THR A 9 -9.23 -4.43 -10.53
N THR A 10 -9.29 -3.11 -10.30
CA THR A 10 -8.13 -2.21 -10.29
C THR A 10 -7.22 -2.50 -9.11
N LEU A 11 -7.77 -2.66 -7.90
CA LEU A 11 -7.02 -3.02 -6.70
C LEU A 11 -6.25 -4.33 -6.92
N ASP A 12 -6.95 -5.40 -7.32
CA ASP A 12 -6.33 -6.69 -7.64
C ASP A 12 -5.25 -6.56 -8.72
N LYS A 13 -5.51 -5.78 -9.79
CA LYS A 13 -4.52 -5.51 -10.84
C LYS A 13 -3.27 -4.81 -10.28
N VAL A 14 -3.40 -3.72 -9.51
CA VAL A 14 -2.23 -3.04 -8.96
C VAL A 14 -1.50 -3.89 -7.90
N VAL A 15 -2.24 -4.63 -7.06
CA VAL A 15 -1.68 -5.51 -6.03
C VAL A 15 -0.85 -6.67 -6.63
N THR A 16 -1.27 -7.23 -7.77
CA THR A 16 -0.57 -8.32 -8.45
C THR A 16 0.52 -7.83 -9.41
N SER A 17 0.30 -6.71 -10.10
CA SER A 17 1.25 -6.17 -11.08
C SER A 17 2.45 -5.46 -10.42
N HIS A 18 2.23 -4.74 -9.30
CA HIS A 18 3.27 -4.01 -8.58
C HIS A 18 3.56 -4.68 -7.22
N LYS A 19 4.78 -5.22 -7.04
CA LYS A 19 5.18 -5.96 -5.84
C LYS A 19 5.49 -5.00 -4.65
N VAL A 20 4.43 -4.35 -4.18
CA VAL A 20 4.22 -3.37 -3.08
C VAL A 20 3.38 -2.21 -3.64
N VAL A 21 2.24 -1.94 -3.01
CA VAL A 21 1.35 -0.81 -3.32
C VAL A 21 1.14 0.03 -2.06
N LEU A 22 1.28 1.35 -2.17
CA LEU A 22 0.92 2.33 -1.16
C LEU A 22 -0.44 2.96 -1.52
N PHE A 23 -1.27 3.13 -0.51
CA PHE A 23 -2.55 3.83 -0.59
C PHE A 23 -2.44 5.11 0.24
N MET A 24 -2.53 6.27 -0.42
CA MET A 24 -2.22 7.59 0.15
C MET A 24 -2.98 8.73 -0.55
N LYS A 25 -3.02 9.90 0.07
CA LYS A 25 -3.59 11.15 -0.48
C LYS A 25 -2.59 11.84 -1.44
N GLY A 26 -1.95 11.06 -2.33
CA GLY A 26 -0.82 11.48 -3.16
C GLY A 26 -0.32 10.41 -4.13
N THR A 27 0.90 10.58 -4.64
CA THR A 27 1.56 9.75 -5.66
C THR A 27 3.01 9.45 -5.28
N LYS A 28 3.73 8.68 -6.12
CA LYS A 28 5.16 8.40 -5.92
C LYS A 28 6.06 9.65 -6.07
N ASP A 29 5.61 10.65 -6.83
CA ASP A 29 6.30 11.94 -7.03
C ASP A 29 5.85 13.01 -6.01
N PHE A 30 4.63 12.88 -5.48
CA PHE A 30 4.06 13.72 -4.41
C PHE A 30 3.56 12.85 -3.23
N PRO A 31 4.48 12.23 -2.45
CA PRO A 31 4.12 11.48 -1.25
C PRO A 31 3.73 12.42 -0.11
N GLN A 32 3.09 11.88 0.94
CA GLN A 32 2.73 12.64 2.14
C GLN A 32 3.95 12.74 3.07
N CYS A 33 4.27 13.95 3.51
CA CYS A 33 5.45 14.24 4.34
C CYS A 33 5.41 13.54 5.72
N GLY A 34 6.58 13.15 6.23
CA GLY A 34 6.72 12.38 7.46
C GLY A 34 6.71 10.88 7.19
N PHE A 35 5.70 10.16 7.69
CA PHE A 35 5.65 8.69 7.68
C PHE A 35 5.66 8.12 6.25
N SER A 36 4.74 8.52 5.37
CA SER A 36 4.66 7.93 4.01
C SER A 36 5.88 8.28 3.15
N GLN A 37 6.40 9.51 3.25
CA GLN A 37 7.67 9.95 2.67
C GLN A 37 8.84 9.05 3.14
N THR A 38 8.92 8.77 4.45
CA THR A 38 9.88 7.84 5.03
C THR A 38 9.66 6.43 4.46
N VAL A 39 8.42 5.96 4.40
CA VAL A 39 8.08 4.63 3.86
C VAL A 39 8.47 4.48 2.39
N VAL A 40 8.20 5.45 1.51
CA VAL A 40 8.61 5.31 0.10
C VAL A 40 10.14 5.31 -0.05
N GLN A 41 10.88 6.09 0.77
CA GLN A 41 12.34 6.00 0.85
C GLN A 41 12.80 4.65 1.41
N ILE A 42 12.07 4.05 2.36
CA ILE A 42 12.31 2.70 2.89
C ILE A 42 12.22 1.64 1.80
N LEU A 43 11.15 1.57 0.99
CA LEU A 43 11.07 0.57 -0.10
C LEU A 43 12.24 0.73 -1.09
N LYS A 44 12.51 1.97 -1.51
CA LYS A 44 13.66 2.29 -2.35
C LYS A 44 14.94 1.68 -1.75
N SER A 45 15.23 2.00 -0.47
CA SER A 45 16.41 1.58 0.30
C SER A 45 16.48 0.06 0.62
N LEU A 46 15.32 -0.61 0.74
CA LEU A 46 15.18 -2.08 0.82
C LEU A 46 15.78 -2.72 -0.45
N ASN A 47 15.69 -1.99 -1.56
CA ASN A 47 16.30 -2.17 -2.90
C ASN A 47 15.17 -2.58 -3.85
N ALA A 48 14.09 -1.77 -3.86
CA ALA A 48 12.84 -2.16 -4.54
C ALA A 48 11.99 -0.99 -5.07
N PRO A 49 11.18 -1.23 -6.14
CA PRO A 49 10.16 -0.30 -6.62
C PRO A 49 8.86 -0.44 -5.81
N PHE A 50 7.87 0.37 -6.16
CA PHE A 50 6.52 0.41 -5.57
C PHE A 50 5.56 1.20 -6.49
N GLU A 51 4.26 1.18 -6.17
CA GLU A 51 3.26 2.04 -6.79
C GLU A 51 2.45 2.76 -5.71
N SER A 52 1.99 3.98 -5.98
CA SER A 52 1.22 4.79 -5.02
C SER A 52 -0.15 5.17 -5.61
N VAL A 53 -1.22 4.62 -5.05
CA VAL A 53 -2.61 4.91 -5.45
C VAL A 53 -3.10 6.15 -4.68
N ASN A 54 -3.57 7.16 -5.43
CA ASN A 54 -4.24 8.32 -4.87
C ASN A 54 -5.66 7.95 -4.41
N ILE A 55 -5.87 7.85 -3.08
CA ILE A 55 -7.17 7.51 -2.47
C ILE A 55 -8.03 8.77 -2.19
N LEU A 56 -9.18 8.61 -1.52
CA LEU A 56 -10.06 9.67 -0.97
C LEU A 56 -10.78 10.55 -2.01
N GLU A 57 -10.37 10.49 -3.29
CA GLU A 57 -10.89 11.27 -4.40
C GLU A 57 -12.37 10.96 -4.77
N ASN A 58 -12.90 9.80 -4.36
CA ASN A 58 -14.29 9.37 -4.55
C ASN A 58 -14.71 8.29 -3.55
N GLU A 59 -16.01 7.97 -3.46
CA GLU A 59 -16.56 7.02 -2.47
C GLU A 59 -16.06 5.58 -2.65
N LEU A 60 -15.78 5.13 -3.88
CA LEU A 60 -15.21 3.81 -4.15
C LEU A 60 -13.79 3.68 -3.55
N LEU A 61 -13.00 4.76 -3.57
CA LEU A 61 -11.68 4.84 -2.90
C LEU A 61 -11.79 4.99 -1.37
N ARG A 62 -12.91 5.50 -0.83
CA ARG A 62 -13.15 5.57 0.62
C ARG A 62 -13.68 4.25 1.20
N GLN A 63 -14.74 3.70 0.61
CA GLN A 63 -15.52 2.56 1.14
C GLN A 63 -15.05 1.22 0.54
N GLY A 64 -14.81 1.17 -0.77
CA GLY A 64 -14.49 -0.07 -1.50
C GLY A 64 -13.12 -0.60 -1.12
N LEU A 65 -12.10 0.27 -1.09
CA LEU A 65 -10.76 -0.06 -0.59
C LEU A 65 -10.80 -0.51 0.88
N LYS A 66 -11.58 0.16 1.73
CA LYS A 66 -11.68 -0.17 3.16
C LYS A 66 -12.26 -1.58 3.37
N GLU A 67 -13.28 -1.98 2.60
CA GLU A 67 -13.81 -3.35 2.64
C GLU A 67 -12.84 -4.37 1.99
N TYR A 68 -12.09 -3.98 0.95
CA TYR A 68 -11.08 -4.82 0.31
C TYR A 68 -9.88 -5.15 1.24
N SER A 69 -9.32 -4.15 1.93
CA SER A 69 -8.14 -4.35 2.80
C SER A 69 -8.47 -4.66 4.27
N SER A 70 -9.62 -4.23 4.77
CA SER A 70 -10.08 -4.36 6.18
C SER A 70 -9.37 -3.38 7.16
N TRP A 71 -8.35 -2.67 6.70
CA TRP A 71 -7.60 -1.67 7.47
C TRP A 71 -8.50 -0.45 7.83
N PRO A 72 -8.51 0.05 9.10
CA PRO A 72 -9.48 1.03 9.56
C PRO A 72 -9.25 2.47 9.06
N THR A 73 -7.99 2.96 9.03
CA THR A 73 -7.67 4.38 8.78
C THR A 73 -6.39 4.53 7.95
N PHE A 74 -6.55 4.91 6.69
CA PHE A 74 -5.44 5.17 5.74
C PHE A 74 -4.53 6.34 6.21
N PRO A 75 -3.29 6.50 5.68
CA PRO A 75 -2.60 5.70 4.65
C PRO A 75 -2.29 4.24 5.05
N GLN A 76 -1.87 3.42 4.07
CA GLN A 76 -1.41 2.05 4.29
C GLN A 76 -0.51 1.51 3.16
N LEU A 77 0.16 0.38 3.45
CA LEU A 77 0.90 -0.45 2.51
C LEU A 77 0.12 -1.76 2.29
N TYR A 78 0.25 -2.34 1.10
CA TYR A 78 -0.35 -3.60 0.64
C TYR A 78 0.65 -4.38 -0.24
N ILE A 79 0.68 -5.71 -0.15
CA ILE A 79 1.55 -6.60 -0.96
C ILE A 79 0.73 -7.73 -1.62
N ASP A 80 1.37 -8.52 -2.49
CA ASP A 80 0.71 -9.51 -3.34
C ASP A 80 -0.19 -10.47 -2.54
N GLY A 81 -1.51 -10.24 -2.63
CA GLY A 81 -2.55 -11.03 -1.98
C GLY A 81 -2.79 -10.74 -0.49
N GLU A 82 -2.17 -9.71 0.12
CA GLU A 82 -2.27 -9.46 1.56
C GLU A 82 -1.98 -7.99 1.93
N PHE A 83 -2.79 -7.39 2.81
CA PHE A 83 -2.55 -6.04 3.30
C PHE A 83 -1.43 -6.02 4.36
N PHE A 84 -0.67 -4.93 4.44
CA PHE A 84 0.43 -4.81 5.43
C PHE A 84 0.02 -3.98 6.65
N GLY A 85 -0.63 -2.83 6.43
CA GLY A 85 -1.06 -1.88 7.47
C GLY A 85 -0.43 -0.50 7.32
N GLY A 86 -0.45 0.29 8.40
CA GLY A 86 -0.08 1.72 8.39
C GLY A 86 1.41 2.00 8.14
N CYS A 87 1.72 3.25 7.81
CA CYS A 87 3.10 3.70 7.53
C CYS A 87 4.00 3.63 8.77
N ASP A 88 3.48 3.99 9.95
CA ASP A 88 4.20 3.83 11.23
C ASP A 88 4.56 2.36 11.49
N ILE A 89 3.59 1.44 11.30
CA ILE A 89 3.84 -0.02 11.39
C ILE A 89 4.91 -0.44 10.37
N THR A 90 4.89 0.11 9.16
CA THR A 90 5.88 -0.14 8.10
C THR A 90 7.28 0.34 8.52
N VAL A 91 7.40 1.52 9.12
CA VAL A 91 8.68 2.03 9.66
C VAL A 91 9.21 1.10 10.77
N GLU A 92 8.37 0.68 11.72
CA GLU A 92 8.77 -0.22 12.81
C GLU A 92 9.12 -1.63 12.31
N ALA A 93 8.40 -2.15 11.30
CA ALA A 93 8.67 -3.44 10.68
C ALA A 93 10.01 -3.45 9.92
N TYR A 94 10.34 -2.38 9.21
CA TYR A 94 11.64 -2.22 8.54
C TYR A 94 12.81 -2.14 9.54
N LYS A 95 12.60 -1.44 10.67
CA LYS A 95 13.55 -1.41 11.79
C LYS A 95 13.71 -2.79 12.46
N SER A 96 12.65 -3.60 12.46
CA SER A 96 12.62 -4.95 13.05
C SER A 96 13.07 -6.08 12.11
N GLY A 97 13.21 -5.82 10.80
CA GLY A 97 13.58 -6.81 9.77
C GLY A 97 12.38 -7.50 9.10
N GLU A 98 11.16 -7.19 9.54
CA GLU A 98 9.92 -7.86 9.14
C GLU A 98 9.44 -7.39 7.76
N LEU A 99 9.61 -6.10 7.44
CA LEU A 99 9.27 -5.59 6.10
C LEU A 99 10.18 -6.23 5.04
N GLN A 100 11.47 -6.36 5.31
CA GLN A 100 12.44 -7.01 4.43
C GLN A 100 11.99 -8.45 4.11
N GLU A 101 11.62 -9.22 5.15
CA GLU A 101 11.13 -10.60 4.99
C GLU A 101 9.82 -10.65 4.18
N GLN A 102 8.84 -9.79 4.50
CA GLN A 102 7.54 -9.77 3.82
C GLN A 102 7.62 -9.23 2.37
N VAL A 103 8.46 -8.22 2.10
CA VAL A 103 8.68 -7.71 0.73
C VAL A 103 9.45 -8.73 -0.11
N GLU A 104 10.43 -9.45 0.47
CA GLU A 104 11.05 -10.60 -0.20
C GLU A 104 10.00 -11.68 -0.52
N LYS A 105 9.11 -12.00 0.43
CA LYS A 105 7.98 -12.90 0.19
C LYS A 105 7.04 -12.38 -0.91
N ALA A 106 6.76 -11.08 -0.98
CA ALA A 106 5.97 -10.47 -2.06
C ALA A 106 6.64 -10.64 -3.43
N MET A 107 7.96 -10.41 -3.53
CA MET A 107 8.75 -10.61 -4.75
C MET A 107 8.78 -12.08 -5.20
N CYS A 108 8.85 -13.03 -4.25
CA CYS A 108 8.69 -14.47 -4.51
C CYS A 108 7.26 -14.85 -4.96
N SER A 109 6.24 -14.18 -4.38
CA SER A 109 4.80 -14.37 -4.57
C SER A 109 4.33 -15.78 -4.15
N MET A 1 -23.44 1.62 -9.27
CA MET A 1 -22.18 2.00 -8.54
C MET A 1 -21.06 0.98 -8.84
N ALA A 2 -19.80 1.44 -8.93
CA ALA A 2 -18.63 0.59 -9.24
C ALA A 2 -18.23 -0.37 -8.11
N LEU A 3 -18.55 -0.05 -6.85
CA LEU A 3 -18.21 -0.85 -5.66
C LEU A 3 -19.02 -2.16 -5.65
N THR A 4 -18.40 -3.22 -6.20
CA THR A 4 -18.70 -4.68 -6.29
C THR A 4 -18.52 -5.24 -7.72
N PRO A 5 -19.08 -4.65 -8.80
CA PRO A 5 -18.88 -5.16 -10.16
C PRO A 5 -17.52 -4.77 -10.77
N ALA A 6 -16.99 -3.57 -10.47
CA ALA A 6 -15.82 -3.00 -11.17
C ALA A 6 -14.66 -2.63 -10.24
N LEU A 7 -14.91 -1.95 -9.11
CA LEU A 7 -13.84 -1.44 -8.24
C LEU A 7 -13.08 -2.58 -7.55
N LYS A 8 -13.78 -3.51 -6.91
CA LYS A 8 -13.13 -4.64 -6.21
C LYS A 8 -12.38 -5.57 -7.19
N THR A 9 -12.91 -5.72 -8.40
CA THR A 9 -12.31 -6.38 -9.57
C THR A 9 -11.02 -5.69 -10.03
N THR A 10 -11.01 -4.35 -10.05
CA THR A 10 -9.83 -3.52 -10.38
C THR A 10 -8.79 -3.60 -9.28
N LEU A 11 -9.21 -3.53 -8.01
CA LEU A 11 -8.33 -3.69 -6.85
C LEU A 11 -7.64 -5.07 -6.85
N ASP A 12 -8.34 -6.15 -7.19
CA ASP A 12 -7.73 -7.48 -7.36
C ASP A 12 -6.68 -7.51 -8.49
N LYS A 13 -6.96 -6.88 -9.64
CA LYS A 13 -5.99 -6.70 -10.73
C LYS A 13 -4.78 -5.85 -10.29
N VAL A 14 -5.01 -4.77 -9.52
CA VAL A 14 -3.94 -3.96 -8.90
C VAL A 14 -3.11 -4.81 -7.92
N VAL A 15 -3.76 -5.51 -6.98
CA VAL A 15 -3.10 -6.38 -5.98
C VAL A 15 -2.19 -7.42 -6.63
N THR A 16 -2.69 -8.15 -7.64
CA THR A 16 -1.99 -9.27 -8.27
C THR A 16 -0.86 -8.82 -9.21
N SER A 17 -0.98 -7.66 -9.86
CA SER A 17 0.06 -7.14 -10.77
C SER A 17 1.10 -6.24 -10.09
N HIS A 18 0.72 -5.42 -9.09
CA HIS A 18 1.62 -4.46 -8.44
C HIS A 18 2.36 -5.08 -7.24
N LYS A 19 1.68 -5.93 -6.44
CA LYS A 19 2.17 -6.75 -5.31
C LYS A 19 2.78 -6.00 -4.10
N VAL A 20 3.37 -4.82 -4.28
CA VAL A 20 3.90 -3.95 -3.21
C VAL A 20 3.32 -2.54 -3.43
N VAL A 21 2.43 -2.08 -2.54
CA VAL A 21 1.67 -0.83 -2.73
C VAL A 21 1.54 0.00 -1.45
N LEU A 22 1.28 1.30 -1.64
CA LEU A 22 1.11 2.28 -0.57
C LEU A 22 -0.12 3.16 -0.88
N PHE A 23 -1.15 3.11 -0.02
CA PHE A 23 -2.37 3.91 -0.13
C PHE A 23 -2.18 5.26 0.57
N MET A 24 -2.40 6.38 -0.13
CA MET A 24 -2.32 7.75 0.44
C MET A 24 -2.99 8.82 -0.42
N LYS A 25 -3.08 10.04 0.11
CA LYS A 25 -3.62 11.24 -0.56
C LYS A 25 -2.74 11.78 -1.71
N GLY A 26 -1.44 11.40 -1.74
CA GLY A 26 -0.46 11.79 -2.76
C GLY A 26 -0.48 10.88 -4.00
N THR A 27 0.62 10.90 -4.76
CA THR A 27 0.86 10.10 -5.98
C THR A 27 2.28 9.53 -5.97
N LYS A 28 2.70 8.88 -7.06
CA LYS A 28 4.09 8.42 -7.24
C LYS A 28 5.01 9.57 -7.71
N ASP A 29 4.46 10.54 -8.44
CA ASP A 29 5.17 11.76 -8.88
C ASP A 29 5.37 12.74 -7.71
N PHE A 30 4.41 12.80 -6.78
CA PHE A 30 4.48 13.59 -5.54
C PHE A 30 4.03 12.74 -4.34
N PRO A 31 4.97 12.05 -3.64
CA PRO A 31 4.68 11.37 -2.40
C PRO A 31 4.50 12.38 -1.25
N GLN A 32 3.81 11.97 -0.19
CA GLN A 32 3.53 12.85 0.95
C GLN A 32 4.78 12.95 1.85
N CYS A 33 5.22 14.19 2.10
CA CYS A 33 6.48 14.53 2.77
C CYS A 33 6.57 13.96 4.20
N GLY A 34 7.78 13.53 4.59
CA GLY A 34 8.05 12.90 5.89
C GLY A 34 7.68 11.42 5.88
N PHE A 35 6.52 11.08 6.42
CA PHE A 35 6.07 9.70 6.67
C PHE A 35 6.00 8.84 5.40
N SER A 36 5.14 9.17 4.44
CA SER A 36 4.97 8.33 3.24
C SER A 36 6.24 8.35 2.37
N GLN A 37 6.91 9.50 2.27
CA GLN A 37 8.21 9.64 1.60
C GLN A 37 9.23 8.65 2.19
N THR A 38 9.32 8.56 3.53
CA THR A 38 10.17 7.58 4.23
C THR A 38 9.73 6.15 3.90
N VAL A 39 8.43 5.85 3.97
CA VAL A 39 7.90 4.51 3.64
C VAL A 39 8.25 4.11 2.19
N VAL A 40 8.03 4.96 1.19
CA VAL A 40 8.35 4.63 -0.21
C VAL A 40 9.86 4.58 -0.47
N GLN A 41 10.65 5.42 0.20
CA GLN A 41 12.12 5.37 0.17
C GLN A 41 12.65 4.06 0.75
N ILE A 42 12.07 3.57 1.86
CA ILE A 42 12.41 2.28 2.49
C ILE A 42 12.19 1.12 1.52
N LEU A 43 11.00 1.02 0.91
CA LEU A 43 10.67 -0.04 -0.06
C LEU A 43 11.62 0.00 -1.27
N LYS A 44 11.74 1.18 -1.90
CA LYS A 44 12.65 1.37 -3.02
C LYS A 44 14.07 0.88 -2.67
N SER A 45 14.64 1.40 -1.58
CA SER A 45 16.03 1.16 -1.13
C SER A 45 16.29 -0.29 -0.65
N LEU A 46 15.28 -0.96 -0.09
CA LEU A 46 15.32 -2.40 0.22
C LEU A 46 15.56 -3.21 -1.06
N ASN A 47 15.02 -2.72 -2.18
CA ASN A 47 15.20 -3.10 -3.59
C ASN A 47 13.87 -3.58 -4.18
N ALA A 48 12.83 -2.75 -4.06
CA ALA A 48 11.45 -3.16 -4.37
C ALA A 48 10.66 -2.09 -5.16
N PRO A 49 9.87 -2.48 -6.19
CA PRO A 49 9.04 -1.58 -6.95
C PRO A 49 7.73 -1.31 -6.18
N PHE A 50 7.74 -0.27 -5.35
CA PHE A 50 6.52 0.24 -4.70
C PHE A 50 5.61 0.94 -5.73
N GLU A 51 4.29 0.96 -5.47
CA GLU A 51 3.35 1.77 -6.24
C GLU A 51 2.46 2.60 -5.29
N SER A 52 2.49 3.92 -5.44
CA SER A 52 1.59 4.83 -4.73
C SER A 52 0.16 4.72 -5.33
N VAL A 53 -0.83 4.36 -4.52
CA VAL A 53 -2.25 4.37 -4.89
C VAL A 53 -2.87 5.66 -4.32
N ASN A 54 -3.38 6.51 -5.21
CA ASN A 54 -4.06 7.76 -4.85
C ASN A 54 -5.47 7.49 -4.30
N ILE A 55 -5.72 7.90 -3.05
CA ILE A 55 -7.00 7.72 -2.34
C ILE A 55 -7.54 9.04 -1.78
N LEU A 56 -8.72 8.98 -1.12
CA LEU A 56 -9.35 10.03 -0.31
C LEU A 56 -10.03 11.10 -1.17
N GLU A 57 -9.32 11.69 -2.13
CA GLU A 57 -9.87 12.69 -3.07
C GLU A 57 -10.92 12.10 -4.03
N ASN A 58 -10.83 10.78 -4.28
CA ASN A 58 -11.73 9.98 -5.12
C ASN A 58 -12.66 9.13 -4.23
N GLU A 59 -13.97 9.40 -4.28
CA GLU A 59 -14.97 8.84 -3.34
C GLU A 59 -15.15 7.32 -3.49
N LEU A 60 -14.92 6.75 -4.67
CA LEU A 60 -14.99 5.30 -4.90
C LEU A 60 -13.93 4.56 -4.10
N LEU A 61 -12.66 5.00 -4.19
CA LEU A 61 -11.55 4.41 -3.42
C LEU A 61 -11.73 4.67 -1.92
N ARG A 62 -12.20 5.87 -1.55
CA ARG A 62 -12.50 6.26 -0.16
C ARG A 62 -13.47 5.28 0.52
N GLN A 63 -14.54 4.88 -0.18
CA GLN A 63 -15.57 3.94 0.31
C GLN A 63 -15.13 2.47 0.18
N GLY A 64 -14.51 2.10 -0.94
CA GLY A 64 -14.18 0.70 -1.28
C GLY A 64 -13.04 0.13 -0.46
N LEU A 65 -11.96 0.90 -0.24
CA LEU A 65 -10.76 0.40 0.47
C LEU A 65 -11.01 0.16 1.95
N LYS A 66 -11.98 0.84 2.59
CA LYS A 66 -12.37 0.57 3.97
C LYS A 66 -12.88 -0.88 4.14
N GLU A 67 -13.72 -1.35 3.20
CA GLU A 67 -14.18 -2.74 3.15
C GLU A 67 -13.05 -3.69 2.69
N TYR A 68 -12.32 -3.32 1.63
CA TYR A 68 -11.29 -4.19 1.02
C TYR A 68 -10.12 -4.49 1.96
N SER A 69 -9.68 -3.48 2.74
CA SER A 69 -8.57 -3.63 3.70
C SER A 69 -9.01 -4.08 5.10
N SER A 70 -10.17 -3.66 5.58
CA SER A 70 -10.70 -3.79 6.97
C SER A 70 -9.87 -3.04 8.05
N TRP A 71 -8.59 -2.76 7.78
CA TRP A 71 -7.69 -1.99 8.63
C TRP A 71 -8.13 -0.51 8.71
N PRO A 72 -8.23 0.09 9.91
CA PRO A 72 -8.68 1.47 10.08
C PRO A 72 -7.55 2.47 9.78
N THR A 73 -7.90 3.54 9.04
CA THR A 73 -7.10 4.75 8.76
C THR A 73 -6.01 4.57 7.69
N PHE A 74 -5.51 5.71 7.20
CA PHE A 74 -4.51 5.87 6.14
C PHE A 74 -3.53 7.03 6.48
N PRO A 75 -2.33 7.12 5.85
CA PRO A 75 -1.72 6.20 4.88
C PRO A 75 -1.54 4.77 5.38
N GLN A 76 -1.45 3.81 4.44
CA GLN A 76 -1.45 2.38 4.76
C GLN A 76 -0.70 1.58 3.69
N LEU A 77 0.20 0.69 4.11
CA LEU A 77 0.98 -0.20 3.24
C LEU A 77 0.29 -1.56 3.08
N TYR A 78 0.35 -2.12 1.87
CA TYR A 78 -0.07 -3.49 1.56
C TYR A 78 0.99 -4.24 0.73
N ILE A 79 1.15 -5.52 1.01
CA ILE A 79 2.01 -6.45 0.27
C ILE A 79 1.28 -7.78 0.05
N ASP A 80 1.42 -8.34 -1.16
CA ASP A 80 0.75 -9.54 -1.70
C ASP A 80 0.05 -10.45 -0.67
N GLY A 81 -1.24 -10.16 -0.41
CA GLY A 81 -2.12 -10.92 0.48
C GLY A 81 -2.36 -10.33 1.87
N GLU A 82 -1.63 -9.29 2.30
CA GLU A 82 -1.67 -8.75 3.68
C GLU A 82 -1.55 -7.22 3.76
N PHE A 83 -2.48 -6.61 4.52
CA PHE A 83 -2.44 -5.21 4.92
C PHE A 83 -1.51 -5.04 6.13
N PHE A 84 -0.49 -4.21 5.97
CA PHE A 84 0.64 -4.09 6.92
C PHE A 84 0.44 -3.01 7.99
N GLY A 85 -0.26 -1.92 7.65
CA GLY A 85 -0.53 -0.78 8.53
C GLY A 85 0.25 0.48 8.16
N GLY A 86 0.50 1.35 9.14
CA GLY A 86 1.04 2.71 8.96
C GLY A 86 2.57 2.80 8.95
N CYS A 87 3.06 4.06 8.89
CA CYS A 87 4.49 4.40 8.81
C CYS A 87 5.30 3.85 9.99
N ASP A 88 4.86 4.12 11.22
CA ASP A 88 5.60 3.71 12.43
C ASP A 88 5.78 2.19 12.52
N ILE A 89 4.72 1.44 12.22
CA ILE A 89 4.76 -0.03 12.13
C ILE A 89 5.76 -0.47 11.03
N THR A 90 5.70 0.18 9.86
CA THR A 90 6.59 -0.10 8.72
C THR A 90 8.05 0.17 9.07
N VAL A 91 8.34 1.30 9.70
CA VAL A 91 9.69 1.70 10.14
C VAL A 91 10.24 0.74 11.21
N GLU A 92 9.46 0.34 12.21
CA GLU A 92 9.90 -0.62 13.22
C GLU A 92 10.11 -2.02 12.63
N ALA A 93 9.24 -2.46 11.71
CA ALA A 93 9.38 -3.74 11.02
C ALA A 93 10.59 -3.76 10.09
N TYR A 94 10.93 -2.65 9.44
CA TYR A 94 12.14 -2.50 8.62
C TYR A 94 13.42 -2.61 9.47
N LYS A 95 13.44 -1.95 10.64
CA LYS A 95 14.53 -2.05 11.61
C LYS A 95 14.63 -3.43 12.28
N SER A 96 13.51 -4.13 12.44
CA SER A 96 13.45 -5.49 13.01
C SER A 96 13.71 -6.61 11.97
N GLY A 97 13.68 -6.29 10.67
CA GLY A 97 13.89 -7.23 9.56
C GLY A 97 12.61 -7.90 9.05
N GLU A 98 11.48 -7.64 9.70
CA GLU A 98 10.18 -8.28 9.43
C GLU A 98 9.56 -7.76 8.12
N LEU A 99 9.68 -6.45 7.84
CA LEU A 99 9.29 -5.89 6.54
C LEU A 99 10.21 -6.43 5.43
N GLN A 100 11.53 -6.50 5.70
CA GLN A 100 12.53 -6.94 4.72
C GLN A 100 12.21 -8.36 4.24
N GLU A 101 11.94 -9.28 5.18
CA GLU A 101 11.54 -10.66 4.90
C GLU A 101 10.21 -10.71 4.14
N GLN A 102 9.17 -10.01 4.61
CA GLN A 102 7.83 -10.10 4.03
C GLN A 102 7.70 -9.41 2.66
N VAL A 103 8.39 -8.29 2.43
CA VAL A 103 8.43 -7.62 1.11
C VAL A 103 9.14 -8.50 0.08
N GLU A 104 10.23 -9.19 0.44
CA GLU A 104 10.89 -10.15 -0.44
C GLU A 104 9.95 -11.33 -0.77
N LYS A 105 9.27 -11.91 0.22
CA LYS A 105 8.26 -12.95 0.00
C LYS A 105 7.11 -12.46 -0.90
N ALA A 106 6.67 -11.20 -0.77
CA ALA A 106 5.63 -10.60 -1.63
C ALA A 106 6.10 -10.36 -3.09
N MET A 107 7.40 -10.17 -3.32
CA MET A 107 7.97 -10.14 -4.68
C MET A 107 8.10 -11.55 -5.27
N CYS A 108 8.47 -12.55 -4.46
CA CYS A 108 8.61 -13.95 -4.89
C CYS A 108 7.25 -14.65 -5.17
N SER A 109 6.24 -14.40 -4.32
CA SER A 109 4.92 -15.05 -4.28
C SER A 109 5.01 -16.58 -4.22
N MET A 1 -26.28 -2.06 -6.54
CA MET A 1 -25.19 -2.86 -5.91
C MET A 1 -24.18 -1.98 -5.16
N ALA A 2 -23.37 -2.57 -4.28
CA ALA A 2 -22.28 -1.89 -3.56
C ALA A 2 -21.04 -1.66 -4.47
N LEU A 3 -20.05 -0.93 -3.95
CA LEU A 3 -18.79 -0.63 -4.66
C LEU A 3 -17.83 -1.83 -4.79
N THR A 4 -18.07 -2.93 -4.07
CA THR A 4 -17.15 -4.07 -3.89
C THR A 4 -16.64 -4.74 -5.18
N PRO A 5 -17.45 -5.07 -6.22
CA PRO A 5 -16.92 -5.71 -7.43
C PRO A 5 -16.05 -4.76 -8.26
N ALA A 6 -16.45 -3.49 -8.39
CA ALA A 6 -15.69 -2.48 -9.13
C ALA A 6 -14.35 -2.15 -8.43
N LEU A 7 -14.41 -1.93 -7.11
CA LEU A 7 -13.24 -1.72 -6.25
C LEU A 7 -12.28 -2.91 -6.36
N LYS A 8 -12.76 -4.14 -6.14
CA LYS A 8 -11.92 -5.33 -6.18
C LYS A 8 -11.27 -5.55 -7.55
N THR A 9 -11.97 -5.22 -8.65
CA THR A 9 -11.45 -5.26 -10.03
C THR A 9 -10.29 -4.28 -10.22
N THR A 10 -10.41 -3.04 -9.74
CA THR A 10 -9.32 -2.05 -9.76
C THR A 10 -8.13 -2.51 -8.93
N LEU A 11 -8.36 -2.92 -7.68
CA LEU A 11 -7.27 -3.38 -6.80
C LEU A 11 -6.56 -4.61 -7.36
N ASP A 12 -7.28 -5.60 -7.89
CA ASP A 12 -6.70 -6.77 -8.56
C ASP A 12 -5.79 -6.36 -9.73
N LYS A 13 -6.27 -5.48 -10.62
CA LYS A 13 -5.47 -4.92 -11.72
C LYS A 13 -4.24 -4.17 -11.20
N VAL A 14 -4.37 -3.39 -10.13
CA VAL A 14 -3.24 -2.70 -9.48
C VAL A 14 -2.24 -3.70 -8.87
N VAL A 15 -2.67 -4.65 -8.01
CA VAL A 15 -1.73 -5.56 -7.32
C VAL A 15 -1.08 -6.62 -8.23
N THR A 16 -1.70 -6.93 -9.38
CA THR A 16 -1.08 -7.78 -10.42
C THR A 16 -0.10 -7.00 -11.29
N SER A 17 -0.33 -5.70 -11.52
CA SER A 17 0.60 -4.83 -12.27
C SER A 17 1.80 -4.39 -11.42
N HIS A 18 1.59 -4.10 -10.13
CA HIS A 18 2.59 -3.63 -9.16
C HIS A 18 2.34 -4.31 -7.81
N LYS A 19 3.14 -5.33 -7.45
CA LYS A 19 2.84 -6.17 -6.28
C LYS A 19 2.80 -5.39 -4.96
N VAL A 20 3.69 -4.43 -4.77
CA VAL A 20 3.71 -3.51 -3.62
C VAL A 20 3.07 -2.17 -4.03
N VAL A 21 2.23 -1.60 -3.17
CA VAL A 21 1.52 -0.34 -3.48
C VAL A 21 1.09 0.42 -2.23
N LEU A 22 1.27 1.75 -2.23
CA LEU A 22 0.79 2.64 -1.17
C LEU A 22 -0.53 3.33 -1.57
N PHE A 23 -1.42 3.50 -0.61
CA PHE A 23 -2.64 4.31 -0.72
C PHE A 23 -2.59 5.42 0.34
N MET A 24 -2.53 6.66 -0.12
CA MET A 24 -2.26 7.85 0.71
C MET A 24 -3.05 9.07 0.20
N LYS A 25 -2.94 10.21 0.85
CA LYS A 25 -3.47 11.52 0.38
C LYS A 25 -2.61 12.17 -0.75
N GLY A 26 -1.81 11.36 -1.45
CA GLY A 26 -0.84 11.76 -2.49
C GLY A 26 -0.25 10.57 -3.25
N THR A 27 0.44 10.85 -4.37
CA THR A 27 1.06 9.82 -5.24
C THR A 27 2.55 9.65 -4.91
N LYS A 28 3.25 8.82 -5.69
CA LYS A 28 4.73 8.70 -5.63
C LYS A 28 5.48 9.98 -6.05
N ASP A 29 4.80 10.97 -6.63
CA ASP A 29 5.37 12.30 -6.89
C ASP A 29 5.48 13.16 -5.61
N PHE A 30 4.61 12.92 -4.61
CA PHE A 30 4.62 13.53 -3.28
C PHE A 30 4.11 12.53 -2.20
N PRO A 31 4.96 11.57 -1.75
CA PRO A 31 4.61 10.65 -0.67
C PRO A 31 4.33 11.45 0.62
N GLN A 32 3.25 11.07 1.33
CA GLN A 32 2.70 11.84 2.44
C GLN A 32 3.44 11.57 3.77
N CYS A 33 4.38 12.46 4.12
CA CYS A 33 5.16 12.52 5.38
C CYS A 33 6.47 11.71 5.30
N GLY A 34 7.41 12.01 6.19
CA GLY A 34 8.76 11.42 6.22
C GLY A 34 8.76 9.91 6.42
N PHE A 35 7.77 9.37 7.14
CA PHE A 35 7.56 7.92 7.26
C PHE A 35 7.25 7.30 5.89
N SER A 36 6.27 7.82 5.16
CA SER A 36 5.90 7.32 3.83
C SER A 36 7.05 7.47 2.83
N GLN A 37 7.76 8.60 2.84
CA GLN A 37 8.93 8.86 2.00
C GLN A 37 10.04 7.83 2.28
N THR A 38 10.30 7.53 3.56
CA THR A 38 11.22 6.46 3.98
C THR A 38 10.71 5.10 3.53
N VAL A 39 9.41 4.82 3.71
CA VAL A 39 8.77 3.55 3.33
C VAL A 39 8.84 3.28 1.83
N VAL A 40 8.53 4.26 0.96
CA VAL A 40 8.63 4.03 -0.49
C VAL A 40 10.08 3.76 -0.94
N GLN A 41 11.07 4.41 -0.30
CA GLN A 41 12.49 4.08 -0.53
C GLN A 41 12.86 2.68 0.00
N ILE A 42 12.39 2.31 1.19
CA ILE A 42 12.58 0.97 1.81
C ILE A 42 12.09 -0.15 0.88
N LEU A 43 10.86 -0.03 0.38
CA LEU A 43 10.21 -1.05 -0.44
C LEU A 43 10.92 -1.21 -1.79
N LYS A 44 11.18 -0.10 -2.48
CA LYS A 44 11.97 -0.07 -3.72
C LYS A 44 13.31 -0.79 -3.53
N SER A 45 14.04 -0.43 -2.46
CA SER A 45 15.39 -0.92 -2.11
C SER A 45 15.43 -2.40 -1.70
N LEU A 46 14.40 -2.90 -0.99
CA LEU A 46 14.23 -4.33 -0.72
C LEU A 46 14.09 -5.16 -2.01
N ASN A 47 13.52 -4.53 -3.04
CA ASN A 47 13.40 -4.91 -4.46
C ASN A 47 11.93 -4.99 -4.84
N ALA A 48 11.36 -3.87 -5.28
CA ALA A 48 9.94 -3.83 -5.69
C ALA A 48 9.64 -2.79 -6.80
N PRO A 49 8.90 -3.16 -7.86
CA PRO A 49 8.37 -2.24 -8.87
C PRO A 49 7.06 -1.63 -8.32
N PHE A 50 7.19 -0.88 -7.21
CA PHE A 50 6.07 -0.38 -6.42
C PHE A 50 5.24 0.72 -7.11
N GLU A 51 4.08 1.04 -6.53
CA GLU A 51 3.26 2.19 -6.90
C GLU A 51 2.78 2.97 -5.67
N SER A 52 2.14 4.12 -5.89
CA SER A 52 1.56 4.96 -4.83
C SER A 52 0.41 5.78 -5.40
N VAL A 53 -0.82 5.54 -4.91
CA VAL A 53 -2.08 6.07 -5.48
C VAL A 53 -2.73 7.04 -4.48
N ASN A 54 -3.23 8.16 -5.00
CA ASN A 54 -3.94 9.18 -4.19
C ASN A 54 -5.41 8.79 -3.94
N ILE A 55 -5.81 8.71 -2.68
CA ILE A 55 -7.21 8.47 -2.24
C ILE A 55 -8.09 9.73 -2.29
N LEU A 56 -7.49 10.91 -2.14
CA LEU A 56 -8.18 12.20 -2.17
C LEU A 56 -8.52 12.57 -3.61
N GLU A 57 -9.65 13.29 -3.76
CA GLU A 57 -10.33 13.61 -5.04
C GLU A 57 -10.91 12.35 -5.73
N ASN A 58 -10.86 11.17 -5.06
CA ASN A 58 -11.24 9.85 -5.58
C ASN A 58 -12.09 9.10 -4.54
N GLU A 59 -13.22 9.69 -4.14
CA GLU A 59 -14.06 9.24 -3.00
C GLU A 59 -14.44 7.75 -3.05
N LEU A 60 -14.72 7.22 -4.25
CA LEU A 60 -15.05 5.80 -4.47
C LEU A 60 -13.92 4.87 -4.01
N LEU A 61 -12.66 5.23 -4.30
CA LEU A 61 -11.46 4.54 -3.82
C LEU A 61 -11.23 4.82 -2.32
N ARG A 62 -11.41 6.06 -1.87
CA ARG A 62 -11.25 6.49 -0.47
C ARG A 62 -12.10 5.66 0.50
N GLN A 63 -13.40 5.45 0.19
CA GLN A 63 -14.26 4.55 0.93
C GLN A 63 -13.91 3.09 0.63
N GLY A 64 -13.79 2.73 -0.66
CA GLY A 64 -13.66 1.35 -1.11
C GLY A 64 -12.47 0.59 -0.55
N LEU A 65 -11.31 1.26 -0.39
CA LEU A 65 -10.14 0.70 0.29
C LEU A 65 -10.49 0.29 1.72
N LYS A 66 -10.98 1.23 2.53
CA LYS A 66 -11.36 0.98 3.93
C LYS A 66 -12.50 -0.07 4.04
N GLU A 67 -13.47 -0.05 3.12
CA GLU A 67 -14.56 -1.02 3.02
C GLU A 67 -14.04 -2.46 2.79
N TYR A 68 -12.97 -2.60 2.00
CA TYR A 68 -12.35 -3.87 1.61
C TYR A 68 -11.30 -4.38 2.61
N SER A 69 -10.48 -3.49 3.19
CA SER A 69 -9.39 -3.86 4.11
C SER A 69 -9.79 -3.84 5.61
N SER A 70 -10.75 -3.00 6.00
CA SER A 70 -11.16 -2.70 7.39
C SER A 70 -10.15 -1.78 8.14
N TRP A 71 -9.09 -1.30 7.45
CA TRP A 71 -8.05 -0.43 8.02
C TRP A 71 -8.63 0.93 8.51
N PRO A 72 -8.28 1.41 9.72
CA PRO A 72 -8.95 2.56 10.34
C PRO A 72 -8.61 3.92 9.71
N THR A 73 -7.32 4.22 9.46
CA THR A 73 -6.85 5.56 9.07
C THR A 73 -5.65 5.50 8.13
N PHE A 74 -5.75 6.14 6.97
CA PHE A 74 -4.67 6.27 5.98
C PHE A 74 -3.49 7.12 6.51
N PRO A 75 -2.25 6.92 6.02
CA PRO A 75 -1.84 6.09 4.88
C PRO A 75 -1.94 4.58 5.16
N GLN A 76 -2.02 3.78 4.08
CA GLN A 76 -2.14 2.33 4.12
C GLN A 76 -1.22 1.71 3.05
N LEU A 77 -0.40 0.75 3.45
CA LEU A 77 0.45 -0.06 2.58
C LEU A 77 -0.28 -1.36 2.20
N TYR A 78 -0.34 -1.67 0.92
CA TYR A 78 -0.87 -2.92 0.35
C TYR A 78 0.22 -3.73 -0.37
N ILE A 79 0.17 -5.05 -0.23
CA ILE A 79 1.03 -5.99 -0.98
C ILE A 79 0.22 -7.21 -1.44
N ASP A 80 0.30 -7.54 -2.74
CA ASP A 80 -0.19 -8.77 -3.40
C ASP A 80 -1.73 -8.94 -3.45
N GLY A 81 -2.47 -8.23 -2.58
CA GLY A 81 -3.92 -8.32 -2.39
C GLY A 81 -4.40 -8.10 -0.95
N GLU A 82 -3.50 -7.82 0.00
CA GLU A 82 -3.83 -7.51 1.41
C GLU A 82 -3.03 -6.31 1.92
N PHE A 83 -3.51 -5.65 2.99
CA PHE A 83 -2.77 -4.59 3.66
C PHE A 83 -1.66 -5.15 4.57
N PHE A 84 -0.53 -4.43 4.62
CA PHE A 84 0.57 -4.66 5.56
C PHE A 84 0.40 -3.83 6.84
N GLY A 85 -0.04 -2.58 6.70
CA GLY A 85 -0.26 -1.63 7.82
C GLY A 85 0.03 -0.18 7.46
N GLY A 86 0.39 0.63 8.47
CA GLY A 86 0.77 2.04 8.32
C GLY A 86 2.27 2.24 8.12
N CYS A 87 2.69 3.45 7.77
CA CYS A 87 4.08 3.75 7.40
C CYS A 87 5.05 3.66 8.60
N ASP A 88 4.69 4.24 9.75
CA ASP A 88 5.50 4.12 10.98
C ASP A 88 5.64 2.65 11.41
N ILE A 89 4.54 1.88 11.35
CA ILE A 89 4.54 0.43 11.59
C ILE A 89 5.47 -0.29 10.60
N THR A 90 5.48 0.13 9.34
CA THR A 90 6.38 -0.39 8.28
C THR A 90 7.84 -0.07 8.57
N VAL A 91 8.16 1.15 9.02
CA VAL A 91 9.53 1.50 9.46
C VAL A 91 9.97 0.61 10.63
N GLU A 92 9.11 0.37 11.63
CA GLU A 92 9.43 -0.53 12.75
C GLU A 92 9.55 -2.00 12.33
N ALA A 93 8.72 -2.46 11.37
CA ALA A 93 8.80 -3.80 10.80
C ALA A 93 10.08 -4.02 9.98
N TYR A 94 10.53 -3.01 9.24
CA TYR A 94 11.82 -3.01 8.53
C TYR A 94 13.00 -3.11 9.50
N LYS A 95 12.98 -2.34 10.59
CA LYS A 95 13.98 -2.38 11.66
C LYS A 95 13.94 -3.72 12.45
N SER A 96 12.77 -4.35 12.56
CA SER A 96 12.58 -5.65 13.22
C SER A 96 12.89 -6.85 12.30
N GLY A 97 13.00 -6.63 10.98
CA GLY A 97 13.28 -7.66 9.95
C GLY A 97 12.03 -8.32 9.35
N GLU A 98 10.84 -7.96 9.86
CA GLU A 98 9.57 -8.57 9.49
C GLU A 98 9.15 -8.19 8.06
N LEU A 99 9.25 -6.89 7.72
CA LEU A 99 8.99 -6.41 6.35
C LEU A 99 10.00 -7.01 5.36
N GLN A 100 11.27 -7.11 5.76
CA GLN A 100 12.33 -7.65 4.91
C GLN A 100 12.01 -9.10 4.49
N GLU A 101 11.60 -9.94 5.45
CA GLU A 101 11.13 -11.30 5.18
C GLU A 101 9.85 -11.29 4.34
N GLN A 102 8.84 -10.50 4.70
CA GLN A 102 7.53 -10.53 4.02
C GLN A 102 7.59 -10.00 2.58
N VAL A 103 8.36 -8.94 2.30
CA VAL A 103 8.54 -8.41 0.92
C VAL A 103 9.29 -9.42 0.05
N GLU A 104 10.34 -10.07 0.57
CA GLU A 104 11.04 -11.13 -0.16
C GLU A 104 10.11 -12.33 -0.42
N LYS A 105 9.35 -12.77 0.57
CA LYS A 105 8.37 -13.86 0.48
C LYS A 105 7.26 -13.55 -0.54
N ALA A 106 6.75 -12.31 -0.58
CA ALA A 106 5.76 -11.86 -1.57
C ALA A 106 6.33 -11.83 -3.01
N MET A 107 7.55 -11.31 -3.20
CA MET A 107 8.19 -11.17 -4.52
C MET A 107 8.71 -12.50 -5.09
N CYS A 108 9.41 -13.30 -4.27
CA CYS A 108 10.08 -14.55 -4.68
C CYS A 108 9.19 -15.79 -4.49
N SER A 109 8.53 -15.90 -3.32
CA SER A 109 7.65 -17.03 -2.90
C SER A 109 8.34 -18.41 -3.01
N MET A 1 -26.93 -4.29 -5.36
CA MET A 1 -25.59 -3.92 -5.91
C MET A 1 -24.74 -3.19 -4.85
N ALA A 2 -23.42 -3.39 -4.88
CA ALA A 2 -22.44 -2.75 -3.98
C ALA A 2 -21.10 -2.49 -4.70
N LEU A 3 -20.18 -1.76 -4.05
CA LEU A 3 -18.89 -1.35 -4.64
C LEU A 3 -17.86 -2.47 -4.83
N THR A 4 -18.07 -3.65 -4.24
CA THR A 4 -17.06 -4.73 -4.14
C THR A 4 -16.53 -5.25 -5.50
N PRO A 5 -17.31 -5.39 -6.60
CA PRO A 5 -16.77 -5.82 -7.89
C PRO A 5 -15.80 -4.79 -8.48
N ALA A 6 -16.17 -3.50 -8.44
CA ALA A 6 -15.35 -2.40 -8.95
C ALA A 6 -14.07 -2.20 -8.10
N LEU A 7 -14.19 -2.31 -6.77
CA LEU A 7 -13.07 -2.26 -5.83
C LEU A 7 -12.07 -3.39 -6.11
N LYS A 8 -12.54 -4.65 -6.16
CA LYS A 8 -11.68 -5.81 -6.44
C LYS A 8 -10.99 -5.69 -7.81
N THR A 9 -11.71 -5.25 -8.85
CA THR A 9 -11.19 -4.99 -10.19
C THR A 9 -10.10 -3.92 -10.17
N THR A 10 -10.32 -2.80 -9.45
CA THR A 10 -9.35 -1.70 -9.31
C THR A 10 -8.08 -2.16 -8.60
N LEU A 11 -8.22 -2.76 -7.40
CA LEU A 11 -7.08 -3.22 -6.59
C LEU A 11 -6.28 -4.31 -7.30
N ASP A 12 -6.93 -5.28 -7.93
CA ASP A 12 -6.28 -6.31 -8.74
C ASP A 12 -5.51 -5.70 -9.91
N LYS A 13 -6.12 -4.81 -10.71
CA LYS A 13 -5.43 -4.12 -11.81
C LYS A 13 -4.24 -3.30 -11.30
N VAL A 14 -4.42 -2.54 -10.22
CA VAL A 14 -3.33 -1.80 -9.54
C VAL A 14 -2.19 -2.76 -9.14
N VAL A 15 -2.47 -3.78 -8.31
CA VAL A 15 -1.43 -4.61 -7.70
C VAL A 15 -0.75 -5.61 -8.67
N THR A 16 -1.39 -5.92 -9.81
CA THR A 16 -0.81 -6.73 -10.90
C THR A 16 -0.06 -5.89 -11.93
N SER A 17 -0.50 -4.65 -12.19
CA SER A 17 0.25 -3.69 -13.02
C SER A 17 1.59 -3.28 -12.38
N HIS A 18 1.62 -3.15 -11.04
CA HIS A 18 2.81 -2.82 -10.27
C HIS A 18 2.71 -3.29 -8.81
N LYS A 19 3.75 -4.00 -8.33
CA LYS A 19 3.82 -4.51 -6.95
C LYS A 19 4.46 -3.49 -5.97
N VAL A 20 4.21 -3.68 -4.67
CA VAL A 20 4.66 -2.80 -3.55
C VAL A 20 3.98 -1.43 -3.66
N VAL A 21 2.75 -1.34 -3.14
CA VAL A 21 1.86 -0.18 -3.34
C VAL A 21 1.62 0.54 -2.01
N LEU A 22 1.78 1.86 -1.99
CA LEU A 22 1.49 2.71 -0.83
C LEU A 22 0.25 3.57 -1.11
N PHE A 23 -0.78 3.42 -0.27
CA PHE A 23 -2.03 4.18 -0.35
C PHE A 23 -1.94 5.38 0.60
N MET A 24 -2.06 6.60 0.06
CA MET A 24 -1.96 7.88 0.79
C MET A 24 -2.77 8.98 0.10
N LYS A 25 -2.74 10.22 0.57
CA LYS A 25 -3.43 11.39 -0.05
C LYS A 25 -2.67 11.96 -1.27
N GLY A 26 -2.03 11.10 -2.09
CA GLY A 26 -1.11 11.49 -3.18
C GLY A 26 -0.42 10.30 -3.83
N THR A 27 0.53 10.59 -4.74
CA THR A 27 1.34 9.62 -5.49
C THR A 27 2.83 9.99 -5.44
N LYS A 28 3.67 9.26 -6.17
CA LYS A 28 5.12 9.53 -6.27
C LYS A 28 5.48 10.90 -6.91
N ASP A 29 4.51 11.59 -7.53
CA ASP A 29 4.66 12.96 -8.02
C ASP A 29 4.79 13.98 -6.87
N PHE A 30 4.17 13.69 -5.72
CA PHE A 30 4.35 14.43 -4.46
C PHE A 30 4.02 13.50 -3.26
N PRO A 31 5.04 12.77 -2.74
CA PRO A 31 4.89 11.93 -1.55
C PRO A 31 4.44 12.76 -0.35
N GLN A 32 3.46 12.25 0.40
CA GLN A 32 2.83 12.99 1.50
C GLN A 32 3.63 12.84 2.80
N CYS A 33 3.91 13.96 3.44
CA CYS A 33 4.83 14.13 4.58
C CYS A 33 4.54 13.22 5.79
N GLY A 34 5.59 12.91 6.56
CA GLY A 34 5.51 12.13 7.80
C GLY A 34 5.42 10.64 7.55
N PHE A 35 4.31 10.02 7.97
CA PHE A 35 3.99 8.59 7.91
C PHE A 35 4.26 7.99 6.53
N SER A 36 3.58 8.49 5.50
CA SER A 36 3.68 7.99 4.12
C SER A 36 5.07 8.21 3.51
N GLN A 37 5.66 9.40 3.72
CA GLN A 37 7.02 9.71 3.26
C GLN A 37 7.99 8.69 3.87
N THR A 38 7.88 8.42 5.18
CA THR A 38 8.68 7.43 5.90
C THR A 38 8.46 6.03 5.32
N VAL A 39 7.22 5.62 5.07
CA VAL A 39 6.92 4.33 4.43
C VAL A 39 7.59 4.20 3.05
N VAL A 40 7.48 5.19 2.16
CA VAL A 40 8.12 5.12 0.83
C VAL A 40 9.65 5.21 0.93
N GLN A 41 10.18 6.01 1.88
CA GLN A 41 11.61 6.17 2.14
C GLN A 41 12.24 4.86 2.63
N ILE A 42 11.59 4.14 3.54
CA ILE A 42 12.08 2.86 4.07
C ILE A 42 12.23 1.83 2.94
N LEU A 43 11.21 1.62 2.11
CA LEU A 43 11.27 0.69 0.97
C LEU A 43 12.43 1.06 0.01
N LYS A 44 12.43 2.32 -0.43
CA LYS A 44 13.44 2.90 -1.31
C LYS A 44 14.85 2.61 -0.76
N SER A 45 15.16 3.13 0.43
CA SER A 45 16.47 3.05 1.08
C SER A 45 16.90 1.64 1.56
N LEU A 46 15.95 0.75 1.88
CA LEU A 46 16.20 -0.68 2.12
C LEU A 46 16.82 -1.34 0.87
N ASN A 47 16.42 -0.83 -0.31
CA ASN A 47 16.94 -1.06 -1.67
C ASN A 47 15.87 -1.75 -2.53
N ALA A 48 14.72 -1.06 -2.70
CA ALA A 48 13.55 -1.64 -3.38
C ALA A 48 12.69 -0.60 -4.11
N PRO A 49 11.99 -1.00 -5.21
CA PRO A 49 11.03 -0.15 -5.89
C PRO A 49 9.73 -0.04 -5.08
N PHE A 50 8.93 0.97 -5.42
CA PHE A 50 7.59 1.20 -4.89
C PHE A 50 6.73 2.00 -5.87
N GLU A 51 5.41 1.91 -5.70
CA GLU A 51 4.42 2.75 -6.38
C GLU A 51 3.42 3.24 -5.32
N SER A 52 2.54 4.18 -5.69
CA SER A 52 1.58 4.73 -4.73
C SER A 52 0.29 5.26 -5.38
N VAL A 53 -0.79 5.30 -4.59
CA VAL A 53 -2.17 5.57 -5.05
C VAL A 53 -2.82 6.62 -4.16
N ASN A 54 -3.46 7.62 -4.79
CA ASN A 54 -4.16 8.70 -4.10
C ASN A 54 -5.56 8.26 -3.63
N ILE A 55 -5.74 8.05 -2.32
CA ILE A 55 -7.02 7.64 -1.70
C ILE A 55 -8.15 8.66 -1.89
N LEU A 56 -7.82 9.94 -2.03
CA LEU A 56 -8.78 11.05 -2.16
C LEU A 56 -9.31 11.24 -3.61
N GLU A 57 -8.82 10.45 -4.57
CA GLU A 57 -9.13 10.60 -5.99
C GLU A 57 -10.38 9.82 -6.46
N ASN A 58 -10.92 8.94 -5.61
CA ASN A 58 -12.12 8.13 -5.90
C ASN A 58 -12.81 7.64 -4.61
N GLU A 59 -14.10 7.94 -4.46
CA GLU A 59 -14.88 7.66 -3.25
C GLU A 59 -15.07 6.16 -3.00
N LEU A 60 -15.34 5.36 -4.04
CA LEU A 60 -15.55 3.91 -3.91
C LEU A 60 -14.28 3.18 -3.47
N LEU A 61 -13.11 3.61 -3.97
CA LEU A 61 -11.80 3.16 -3.48
C LEU A 61 -11.63 3.56 -2.01
N ARG A 62 -11.83 4.84 -1.67
CA ARG A 62 -11.66 5.36 -0.31
C ARG A 62 -12.53 4.64 0.74
N GLN A 63 -13.82 4.44 0.44
CA GLN A 63 -14.78 3.77 1.32
C GLN A 63 -14.54 2.24 1.34
N GLY A 64 -14.26 1.65 0.18
CA GLY A 64 -14.14 0.20 0.01
C GLY A 64 -12.85 -0.38 0.57
N LEU A 65 -11.71 0.29 0.39
CA LEU A 65 -10.41 -0.17 0.90
C LEU A 65 -10.39 -0.28 2.43
N LYS A 66 -11.17 0.56 3.13
CA LYS A 66 -11.32 0.50 4.59
C LYS A 66 -12.02 -0.80 5.04
N GLU A 67 -13.01 -1.28 4.29
CA GLU A 67 -13.67 -2.57 4.52
C GLU A 67 -12.76 -3.74 4.11
N TYR A 68 -12.12 -3.65 2.93
CA TYR A 68 -11.24 -4.67 2.35
C TYR A 68 -10.03 -4.99 3.25
N SER A 69 -9.37 -3.95 3.77
CA SER A 69 -8.19 -4.08 4.64
C SER A 69 -8.53 -4.13 6.14
N SER A 70 -9.71 -3.66 6.55
CA SER A 70 -10.11 -3.44 7.96
C SER A 70 -9.26 -2.38 8.70
N TRP A 71 -8.35 -1.69 7.99
CA TRP A 71 -7.42 -0.71 8.54
C TRP A 71 -8.14 0.57 9.02
N PRO A 72 -7.82 1.11 10.22
CA PRO A 72 -8.62 2.19 10.83
C PRO A 72 -8.39 3.57 10.18
N THR A 73 -7.13 3.95 9.88
CA THR A 73 -6.76 5.28 9.39
C THR A 73 -5.56 5.20 8.45
N PHE A 74 -5.79 5.51 7.17
CA PHE A 74 -4.74 5.63 6.14
C PHE A 74 -3.70 6.71 6.51
N PRO A 75 -2.46 6.70 5.96
CA PRO A 75 -1.91 5.82 4.91
C PRO A 75 -1.73 4.35 5.31
N GLN A 76 -1.37 3.51 4.32
CA GLN A 76 -0.93 2.12 4.55
C GLN A 76 -0.18 1.53 3.33
N LEU A 77 0.71 0.59 3.61
CA LEU A 77 1.44 -0.23 2.64
C LEU A 77 0.58 -1.47 2.27
N TYR A 78 0.70 -1.94 1.03
CA TYR A 78 -0.14 -2.98 0.40
C TYR A 78 0.66 -3.79 -0.64
N ILE A 79 0.47 -5.12 -0.69
CA ILE A 79 1.28 -6.07 -1.47
C ILE A 79 0.46 -7.28 -1.94
N ASP A 80 0.71 -7.76 -3.17
CA ASP A 80 0.21 -9.03 -3.77
C ASP A 80 -1.33 -9.10 -4.03
N GLY A 81 -2.10 -8.27 -3.33
CA GLY A 81 -3.57 -8.29 -3.25
C GLY A 81 -4.14 -8.12 -1.84
N GLU A 82 -3.30 -7.86 -0.83
CA GLU A 82 -3.68 -7.63 0.57
C GLU A 82 -2.89 -6.46 1.17
N PHE A 83 -3.40 -5.89 2.28
CA PHE A 83 -2.67 -4.86 3.02
C PHE A 83 -1.50 -5.45 3.83
N PHE A 84 -0.46 -4.64 4.04
CA PHE A 84 0.68 -4.93 4.92
C PHE A 84 0.54 -4.16 6.25
N GLY A 85 0.11 -2.89 6.20
CA GLY A 85 -0.15 -2.06 7.39
C GLY A 85 0.57 -0.71 7.39
N GLY A 86 0.67 -0.09 8.57
CA GLY A 86 1.12 1.28 8.77
C GLY A 86 2.64 1.46 8.89
N CYS A 87 3.05 2.72 9.14
CA CYS A 87 4.46 3.11 9.27
C CYS A 87 5.13 2.42 10.47
N ASP A 88 4.45 2.31 11.59
CA ASP A 88 4.93 1.60 12.80
C ASP A 88 5.25 0.13 12.48
N ILE A 89 4.32 -0.58 11.83
CA ILE A 89 4.52 -1.96 11.35
C ILE A 89 5.70 -2.01 10.37
N THR A 90 5.79 -1.05 9.44
CA THR A 90 6.87 -0.95 8.44
C THR A 90 8.23 -0.74 9.09
N VAL A 91 8.33 0.14 10.09
CA VAL A 91 9.55 0.38 10.88
C VAL A 91 9.98 -0.87 11.65
N GLU A 92 9.05 -1.56 12.33
CA GLU A 92 9.39 -2.76 13.11
C GLU A 92 9.77 -3.94 12.22
N ALA A 93 9.08 -4.13 11.07
CA ALA A 93 9.39 -5.17 10.09
C ALA A 93 10.73 -4.91 9.36
N TYR A 94 11.12 -3.64 9.17
CA TYR A 94 12.44 -3.25 8.67
C TYR A 94 13.57 -3.61 9.65
N LYS A 95 13.34 -3.49 10.97
CA LYS A 95 14.31 -3.89 12.01
C LYS A 95 14.53 -5.41 12.07
N SER A 96 13.48 -6.22 11.94
CA SER A 96 13.56 -7.69 12.01
C SER A 96 13.93 -8.35 10.67
N GLY A 97 13.79 -7.64 9.55
CA GLY A 97 13.97 -8.16 8.18
C GLY A 97 12.69 -8.77 7.60
N GLU A 98 11.57 -8.69 8.32
CA GLU A 98 10.27 -9.20 7.88
C GLU A 98 9.71 -8.41 6.69
N LEU A 99 10.08 -7.13 6.54
CA LEU A 99 9.72 -6.32 5.38
C LEU A 99 10.34 -6.89 4.09
N GLN A 100 11.64 -7.23 4.12
CA GLN A 100 12.30 -7.93 3.01
C GLN A 100 11.60 -9.26 2.71
N GLU A 101 11.35 -10.07 3.75
CA GLU A 101 10.70 -11.38 3.62
C GLU A 101 9.32 -11.27 2.94
N GLN A 102 8.47 -10.34 3.39
CA GLN A 102 7.15 -10.13 2.81
C GLN A 102 7.20 -9.50 1.42
N VAL A 103 8.11 -8.55 1.15
CA VAL A 103 8.30 -7.97 -0.19
C VAL A 103 8.77 -9.02 -1.20
N GLU A 104 9.74 -9.88 -0.82
CA GLU A 104 10.19 -11.00 -1.66
C GLU A 104 9.06 -12.00 -1.91
N LYS A 105 8.29 -12.37 -0.87
CA LYS A 105 7.13 -13.24 -1.00
C LYS A 105 6.06 -12.65 -1.93
N ALA A 106 5.82 -11.32 -1.87
CA ALA A 106 4.92 -10.62 -2.79
C ALA A 106 5.42 -10.59 -4.24
N MET A 107 6.73 -10.46 -4.46
CA MET A 107 7.34 -10.56 -5.80
C MET A 107 7.22 -11.98 -6.38
N CYS A 108 7.39 -13.01 -5.55
CA CYS A 108 7.25 -14.42 -5.97
C CYS A 108 5.78 -14.87 -6.19
N SER A 109 4.85 -14.37 -5.36
CA SER A 109 3.43 -14.76 -5.27
C SER A 109 3.24 -16.27 -5.01
N MET A 1 -22.42 3.26 -7.36
CA MET A 1 -21.10 2.81 -6.80
C MET A 1 -20.50 1.69 -7.67
N ALA A 2 -19.21 1.80 -8.03
CA ALA A 2 -18.48 0.90 -8.94
C ALA A 2 -17.52 -0.07 -8.20
N LEU A 3 -17.89 -0.49 -6.98
CA LEU A 3 -17.04 -1.23 -6.05
C LEU A 3 -16.54 -2.57 -6.62
N THR A 4 -17.44 -3.52 -6.86
CA THR A 4 -17.11 -4.85 -7.38
C THR A 4 -16.74 -4.89 -8.86
N PRO A 5 -17.31 -4.07 -9.78
CA PRO A 5 -16.94 -4.12 -11.20
C PRO A 5 -15.58 -3.49 -11.52
N ALA A 6 -15.22 -2.36 -10.91
CA ALA A 6 -14.05 -1.56 -11.29
C ALA A 6 -13.03 -1.36 -10.16
N LEU A 7 -13.49 -1.00 -8.96
CA LEU A 7 -12.59 -0.63 -7.85
C LEU A 7 -11.80 -1.84 -7.38
N LYS A 8 -12.46 -2.92 -6.96
CA LYS A 8 -11.78 -4.14 -6.46
C LYS A 8 -10.96 -4.83 -7.56
N THR A 9 -11.39 -4.73 -8.82
CA THR A 9 -10.68 -5.15 -10.04
C THR A 9 -9.36 -4.39 -10.22
N THR A 10 -9.32 -3.09 -9.92
CA THR A 10 -8.11 -2.25 -9.96
C THR A 10 -7.14 -2.62 -8.84
N LEU A 11 -7.66 -2.85 -7.62
CA LEU A 11 -6.86 -3.30 -6.47
C LEU A 11 -6.19 -4.64 -6.79
N ASP A 12 -6.96 -5.64 -7.24
CA ASP A 12 -6.45 -6.94 -7.67
C ASP A 12 -5.40 -6.80 -8.79
N LYS A 13 -5.62 -5.90 -9.76
CA LYS A 13 -4.63 -5.61 -10.81
C LYS A 13 -3.31 -5.07 -10.23
N VAL A 14 -3.34 -4.04 -9.36
CA VAL A 14 -2.10 -3.52 -8.77
C VAL A 14 -1.44 -4.52 -7.80
N VAL A 15 -2.23 -5.32 -7.07
CA VAL A 15 -1.72 -6.40 -6.20
C VAL A 15 -1.01 -7.50 -6.99
N THR A 16 -1.59 -7.96 -8.11
CA THR A 16 -1.01 -9.05 -8.92
C THR A 16 0.17 -8.59 -9.77
N SER A 17 0.09 -7.41 -10.39
CA SER A 17 1.14 -6.91 -11.29
C SER A 17 2.37 -6.33 -10.56
N HIS A 18 2.19 -5.72 -9.38
CA HIS A 18 3.27 -4.98 -8.69
C HIS A 18 3.53 -5.40 -7.23
N LYS A 19 2.70 -6.26 -6.63
CA LYS A 19 2.86 -6.91 -5.31
C LYS A 19 2.81 -5.95 -4.10
N VAL A 20 3.66 -4.93 -4.05
CA VAL A 20 3.71 -3.90 -3.00
C VAL A 20 2.84 -2.71 -3.41
N VAL A 21 1.88 -2.34 -2.56
CA VAL A 21 0.88 -1.30 -2.81
C VAL A 21 0.80 -0.36 -1.60
N LEU A 22 0.70 0.94 -1.85
CA LEU A 22 0.50 1.97 -0.84
C LEU A 22 -0.85 2.65 -1.08
N PHE A 23 -1.70 2.70 -0.06
CA PHE A 23 -2.93 3.50 -0.04
C PHE A 23 -2.57 4.81 0.67
N MET A 24 -2.34 5.86 -0.12
CA MET A 24 -1.77 7.13 0.33
C MET A 24 -2.37 8.33 -0.42
N LYS A 25 -2.43 9.51 0.20
CA LYS A 25 -3.18 10.67 -0.34
C LYS A 25 -2.49 11.38 -1.53
N GLY A 26 -1.18 11.19 -1.68
CA GLY A 26 -0.35 11.74 -2.76
C GLY A 26 -0.14 10.75 -3.91
N THR A 27 0.58 11.19 -4.95
CA THR A 27 0.93 10.41 -6.15
C THR A 27 2.39 9.92 -6.09
N LYS A 28 2.78 9.07 -7.04
CA LYS A 28 4.15 8.57 -7.15
C LYS A 28 5.16 9.70 -7.46
N ASP A 29 4.75 10.68 -8.27
CA ASP A 29 5.56 11.86 -8.63
C ASP A 29 5.55 12.99 -7.58
N PHE A 30 4.60 12.95 -6.63
CA PHE A 30 4.44 13.96 -5.58
C PHE A 30 3.81 13.34 -4.30
N PRO A 31 4.64 12.81 -3.39
CA PRO A 31 4.19 12.27 -2.12
C PRO A 31 3.91 13.38 -1.10
N GLN A 32 3.26 13.02 0.02
CA GLN A 32 2.84 13.98 1.07
C GLN A 32 4.00 14.42 2.00
N CYS A 33 5.21 13.88 1.81
CA CYS A 33 6.49 14.28 2.43
C CYS A 33 6.64 13.93 3.93
N GLY A 34 5.61 13.32 4.55
CA GLY A 34 5.62 12.83 5.94
C GLY A 34 6.10 11.37 6.04
N PHE A 35 5.60 10.65 7.07
CA PHE A 35 5.95 9.25 7.32
C PHE A 35 5.57 8.31 6.16
N SER A 36 4.59 8.68 5.35
CA SER A 36 4.23 8.01 4.09
C SER A 36 5.41 8.00 3.11
N GLN A 37 6.06 9.16 2.89
CA GLN A 37 7.28 9.26 2.09
C GLN A 37 8.38 8.37 2.68
N THR A 38 8.56 8.34 4.01
CA THR A 38 9.50 7.45 4.69
C THR A 38 9.20 5.98 4.41
N VAL A 39 7.94 5.55 4.53
CA VAL A 39 7.48 4.19 4.17
C VAL A 39 7.77 3.88 2.69
N VAL A 40 7.46 4.80 1.77
CA VAL A 40 7.77 4.65 0.34
C VAL A 40 9.29 4.51 0.12
N GLN A 41 10.10 5.35 0.79
CA GLN A 41 11.56 5.34 0.69
C GLN A 41 12.17 4.05 1.25
N ILE A 42 11.63 3.51 2.36
CA ILE A 42 12.04 2.24 2.97
C ILE A 42 11.89 1.09 1.97
N LEU A 43 10.73 0.96 1.31
CA LEU A 43 10.47 -0.07 0.30
C LEU A 43 11.39 0.10 -0.92
N LYS A 44 11.45 1.32 -1.44
CA LYS A 44 12.28 1.68 -2.59
C LYS A 44 13.75 1.29 -2.35
N SER A 45 14.34 1.81 -1.27
CA SER A 45 15.74 1.60 -0.88
C SER A 45 16.07 0.17 -0.41
N LEU A 46 15.10 -0.58 0.14
CA LEU A 46 15.24 -2.03 0.41
C LEU A 46 15.55 -2.78 -0.91
N ASN A 47 14.95 -2.28 -2.01
CA ASN A 47 15.18 -2.61 -3.43
C ASN A 47 13.89 -3.18 -4.06
N ALA A 48 12.85 -2.35 -4.13
CA ALA A 48 11.53 -2.79 -4.57
C ALA A 48 10.66 -1.68 -5.21
N PRO A 49 9.79 -2.00 -6.19
CA PRO A 49 8.78 -1.08 -6.71
C PRO A 49 7.63 -0.94 -5.72
N PHE A 50 6.74 0.03 -5.98
CA PHE A 50 5.57 0.33 -5.15
C PHE A 50 4.47 1.01 -5.99
N GLU A 51 3.20 0.70 -5.68
CA GLU A 51 2.04 1.38 -6.27
C GLU A 51 1.39 2.29 -5.24
N SER A 52 1.83 3.54 -5.17
CA SER A 52 1.18 4.58 -4.37
C SER A 52 -0.15 5.00 -5.02
N VAL A 53 -1.19 4.21 -4.77
CA VAL A 53 -2.58 4.46 -5.19
C VAL A 53 -3.08 5.71 -4.47
N ASN A 54 -3.38 6.77 -5.24
CA ASN A 54 -3.74 8.09 -4.73
C ASN A 54 -5.19 8.12 -4.19
N ILE A 55 -5.34 7.92 -2.87
CA ILE A 55 -6.63 7.96 -2.16
C ILE A 55 -7.15 9.41 -2.01
N LEU A 56 -8.39 9.56 -1.51
CA LEU A 56 -9.03 10.83 -1.13
C LEU A 56 -9.52 11.62 -2.34
N GLU A 57 -8.69 11.77 -3.38
CA GLU A 57 -9.03 12.47 -4.63
C GLU A 57 -10.16 11.75 -5.41
N ASN A 58 -10.14 10.42 -5.44
CA ASN A 58 -11.19 9.58 -6.03
C ASN A 58 -12.18 9.12 -4.94
N GLU A 59 -13.47 9.41 -5.12
CA GLU A 59 -14.53 9.06 -4.15
C GLU A 59 -14.73 7.55 -3.99
N LEU A 60 -14.42 6.74 -5.01
CA LEU A 60 -14.54 5.27 -4.96
C LEU A 60 -13.60 4.65 -3.91
N LEU A 61 -12.38 5.16 -3.77
CA LEU A 61 -11.38 4.66 -2.81
C LEU A 61 -11.77 4.98 -1.36
N ARG A 62 -12.44 6.12 -1.11
CA ARG A 62 -12.85 6.56 0.24
C ARG A 62 -13.70 5.49 0.97
N GLN A 63 -14.65 4.88 0.26
CA GLN A 63 -15.50 3.79 0.78
C GLN A 63 -14.87 2.42 0.49
N GLY A 64 -14.38 2.20 -0.73
CA GLY A 64 -13.97 0.88 -1.22
C GLY A 64 -12.77 0.29 -0.50
N LEU A 65 -11.79 1.11 -0.09
CA LEU A 65 -10.62 0.63 0.66
C LEU A 65 -10.98 0.25 2.10
N LYS A 66 -11.80 1.06 2.78
CA LYS A 66 -12.29 0.74 4.12
C LYS A 66 -13.12 -0.56 4.13
N GLU A 67 -13.96 -0.76 3.12
CA GLU A 67 -14.76 -1.98 2.95
C GLU A 67 -13.87 -3.21 2.67
N TYR A 68 -12.97 -3.12 1.68
CA TYR A 68 -12.13 -4.24 1.22
C TYR A 68 -11.08 -4.67 2.25
N SER A 69 -10.46 -3.72 2.96
CA SER A 69 -9.46 -4.01 3.99
C SER A 69 -10.04 -4.33 5.38
N SER A 70 -11.22 -3.78 5.70
CA SER A 70 -11.89 -3.75 7.03
C SER A 70 -11.24 -2.72 8.00
N TRP A 71 -10.14 -2.06 7.60
CA TRP A 71 -9.48 -1.01 8.38
C TRP A 71 -10.25 0.33 8.29
N PRO A 72 -10.42 1.06 9.42
CA PRO A 72 -10.93 2.43 9.40
C PRO A 72 -9.82 3.44 9.09
N THR A 73 -8.54 3.09 9.36
CA THR A 73 -7.38 3.98 9.32
C THR A 73 -6.63 3.92 7.99
N PHE A 74 -6.36 5.11 7.44
CA PHE A 74 -5.50 5.36 6.26
C PHE A 74 -4.63 6.60 6.51
N PRO A 75 -3.43 6.72 5.89
CA PRO A 75 -2.84 5.83 4.89
C PRO A 75 -2.34 4.50 5.48
N GLN A 76 -2.02 3.52 4.61
CA GLN A 76 -1.48 2.23 5.00
C GLN A 76 -0.78 1.48 3.85
N LEU A 77 0.06 0.51 4.21
CA LEU A 77 0.83 -0.37 3.34
C LEU A 77 0.10 -1.72 3.16
N TYR A 78 0.14 -2.27 1.95
CA TYR A 78 -0.56 -3.49 1.52
C TYR A 78 0.34 -4.33 0.58
N ILE A 79 0.48 -5.64 0.80
CA ILE A 79 1.40 -6.49 0.03
C ILE A 79 0.76 -7.84 -0.32
N ASP A 80 0.61 -8.14 -1.62
CA ASP A 80 0.22 -9.46 -2.14
C ASP A 80 -1.06 -10.05 -1.51
N GLY A 81 -2.02 -9.17 -1.13
CA GLY A 81 -3.28 -9.54 -0.48
C GLY A 81 -3.27 -9.45 1.05
N GLU A 82 -2.13 -9.14 1.67
CA GLU A 82 -1.98 -8.94 3.12
C GLU A 82 -1.87 -7.45 3.47
N PHE A 83 -2.80 -6.96 4.30
CA PHE A 83 -2.81 -5.58 4.79
C PHE A 83 -1.77 -5.43 5.91
N PHE A 84 -0.67 -4.75 5.59
CA PHE A 84 0.54 -4.67 6.44
C PHE A 84 0.40 -3.59 7.53
N GLY A 85 -0.34 -2.51 7.25
CA GLY A 85 -0.75 -1.50 8.23
C GLY A 85 0.00 -0.17 8.13
N GLY A 86 0.05 0.56 9.25
CA GLY A 86 0.54 1.95 9.33
C GLY A 86 2.06 2.10 9.33
N CYS A 87 2.52 3.35 9.34
CA CYS A 87 3.93 3.70 9.25
C CYS A 87 4.76 3.21 10.45
N ASP A 88 4.28 3.38 11.68
CA ASP A 88 4.96 2.92 12.89
C ASP A 88 5.14 1.38 12.88
N ILE A 89 4.09 0.66 12.49
CA ILE A 89 4.15 -0.81 12.31
C ILE A 89 5.19 -1.17 11.26
N THR A 90 5.20 -0.44 10.12
CA THR A 90 6.15 -0.63 9.02
C THR A 90 7.59 -0.39 9.46
N VAL A 91 7.84 0.73 10.16
CA VAL A 91 9.18 1.11 10.63
C VAL A 91 9.74 0.08 11.64
N GLU A 92 8.91 -0.40 12.58
CA GLU A 92 9.35 -1.43 13.53
C GLU A 92 9.50 -2.82 12.89
N ALA A 93 8.66 -3.16 11.91
CA ALA A 93 8.79 -4.38 11.11
C ALA A 93 10.06 -4.37 10.24
N TYR A 94 10.44 -3.22 9.69
CA TYR A 94 11.66 -3.03 8.91
C TYR A 94 12.93 -3.18 9.78
N LYS A 95 12.92 -2.64 11.00
CA LYS A 95 13.97 -2.87 12.02
C LYS A 95 14.04 -4.34 12.45
N SER A 96 12.89 -5.00 12.58
CA SER A 96 12.78 -6.40 13.02
C SER A 96 13.13 -7.42 11.91
N GLY A 97 13.13 -6.98 10.64
CA GLY A 97 13.39 -7.82 9.45
C GLY A 97 12.12 -8.45 8.86
N GLU A 98 10.96 -8.20 9.46
CA GLU A 98 9.66 -8.77 9.06
C GLU A 98 9.22 -8.19 7.70
N LEU A 99 9.29 -6.88 7.52
CA LEU A 99 9.00 -6.24 6.22
C LEU A 99 10.00 -6.72 5.16
N GLN A 100 11.28 -6.80 5.52
CA GLN A 100 12.36 -7.23 4.61
C GLN A 100 12.08 -8.65 4.09
N GLU A 101 11.72 -9.58 4.98
CA GLU A 101 11.32 -10.93 4.61
C GLU A 101 10.03 -10.93 3.76
N GLN A 102 8.98 -10.22 4.19
CA GLN A 102 7.68 -10.27 3.49
C GLN A 102 7.72 -9.61 2.11
N VAL A 103 8.46 -8.50 1.94
CA VAL A 103 8.65 -7.86 0.62
C VAL A 103 9.40 -8.78 -0.34
N GLU A 104 10.49 -9.43 0.12
CA GLU A 104 11.22 -10.40 -0.69
C GLU A 104 10.34 -11.61 -1.04
N LYS A 105 9.63 -12.18 -0.06
CA LYS A 105 8.73 -13.32 -0.22
C LYS A 105 7.59 -13.03 -1.21
N ALA A 106 7.01 -11.81 -1.18
CA ALA A 106 6.01 -11.37 -2.15
C ALA A 106 6.59 -11.27 -3.57
N MET A 107 7.79 -10.69 -3.74
CA MET A 107 8.45 -10.57 -5.04
C MET A 107 8.88 -11.92 -5.63
N CYS A 108 9.25 -12.89 -4.77
CA CYS A 108 9.52 -14.27 -5.19
C CYS A 108 8.23 -15.03 -5.55
N SER A 109 7.17 -14.87 -4.74
CA SER A 109 5.87 -15.59 -4.81
C SER A 109 6.03 -17.12 -4.84
N MET A 1 -21.85 3.48 -0.75
CA MET A 1 -21.61 2.32 0.15
C MET A 1 -20.18 1.77 0.00
N ALA A 2 -19.87 1.02 -1.07
CA ALA A 2 -18.58 0.34 -1.29
C ALA A 2 -18.27 0.14 -2.79
N LEU A 3 -17.07 -0.35 -3.11
CA LEU A 3 -16.65 -0.66 -4.48
C LEU A 3 -17.36 -1.91 -5.06
N THR A 4 -17.26 -2.07 -6.40
CA THR A 4 -17.87 -3.14 -7.24
C THR A 4 -17.55 -3.02 -8.74
N PRO A 5 -17.39 -1.82 -9.37
CA PRO A 5 -16.95 -1.69 -10.76
C PRO A 5 -15.49 -2.11 -10.98
N ALA A 6 -14.95 -1.82 -12.17
CA ALA A 6 -13.57 -2.09 -12.57
C ALA A 6 -12.49 -1.38 -11.72
N LEU A 7 -12.88 -0.53 -10.77
CA LEU A 7 -11.98 0.05 -9.75
C LEU A 7 -11.27 -1.07 -8.97
N LYS A 8 -12.02 -2.05 -8.45
CA LYS A 8 -11.43 -3.17 -7.71
C LYS A 8 -10.44 -3.97 -8.57
N THR A 9 -10.82 -4.25 -9.83
CA THR A 9 -10.00 -4.92 -10.86
C THR A 9 -8.72 -4.15 -11.16
N THR A 10 -8.77 -2.80 -11.19
CA THR A 10 -7.61 -1.92 -11.40
C THR A 10 -6.65 -2.01 -10.22
N LEU A 11 -7.16 -1.89 -8.98
CA LEU A 11 -6.35 -2.06 -7.77
C LEU A 11 -5.71 -3.45 -7.73
N ASP A 12 -6.45 -4.51 -8.02
CA ASP A 12 -5.95 -5.89 -8.08
C ASP A 12 -4.84 -6.05 -9.14
N LYS A 13 -5.01 -5.50 -10.35
CA LYS A 13 -3.97 -5.48 -11.40
C LYS A 13 -2.72 -4.71 -10.94
N VAL A 14 -2.87 -3.54 -10.32
CA VAL A 14 -1.74 -2.79 -9.74
C VAL A 14 -1.05 -3.59 -8.63
N VAL A 15 -1.82 -4.18 -7.70
CA VAL A 15 -1.32 -4.98 -6.57
C VAL A 15 -0.59 -6.26 -7.01
N THR A 16 -1.06 -6.93 -8.08
CA THR A 16 -0.45 -8.17 -8.58
C THR A 16 0.74 -7.91 -9.52
N SER A 17 0.68 -6.86 -10.33
CA SER A 17 1.76 -6.52 -11.28
C SER A 17 3.00 -5.90 -10.58
N HIS A 18 2.79 -4.99 -9.63
CA HIS A 18 3.88 -4.28 -8.92
C HIS A 18 4.17 -4.83 -7.51
N LYS A 19 3.36 -5.77 -7.01
CA LYS A 19 3.44 -6.42 -5.69
C LYS A 19 3.25 -5.48 -4.49
N VAL A 20 4.08 -4.46 -4.32
CA VAL A 20 4.07 -3.53 -3.17
C VAL A 20 3.35 -2.24 -3.55
N VAL A 21 2.33 -1.83 -2.76
CA VAL A 21 1.50 -0.65 -3.07
C VAL A 21 1.17 0.14 -1.80
N LEU A 22 1.39 1.46 -1.82
CA LEU A 22 0.99 2.38 -0.74
C LEU A 22 -0.34 3.09 -1.09
N PHE A 23 -1.23 3.25 -0.11
CA PHE A 23 -2.47 4.03 -0.25
C PHE A 23 -2.46 5.19 0.75
N MET A 24 -2.60 6.41 0.24
CA MET A 24 -2.52 7.68 1.00
C MET A 24 -3.22 8.80 0.22
N LYS A 25 -3.27 10.03 0.74
CA LYS A 25 -3.86 11.19 0.03
C LYS A 25 -2.93 11.80 -1.07
N GLY A 26 -2.16 10.94 -1.76
CA GLY A 26 -1.17 11.30 -2.79
C GLY A 26 -0.72 10.12 -3.64
N THR A 27 -0.13 10.43 -4.81
CA THR A 27 0.32 9.46 -5.83
C THR A 27 1.81 9.12 -5.67
N LYS A 28 2.34 8.32 -6.60
CA LYS A 28 3.78 8.07 -6.70
C LYS A 28 4.56 9.34 -7.15
N ASP A 29 3.90 10.22 -7.91
CA ASP A 29 4.44 11.54 -8.32
C ASP A 29 4.35 12.58 -7.19
N PHE A 30 3.36 12.46 -6.30
CA PHE A 30 3.17 13.32 -5.12
C PHE A 30 3.06 12.49 -3.82
N PRO A 31 4.18 11.94 -3.31
CA PRO A 31 4.25 11.32 -1.97
C PRO A 31 3.85 12.31 -0.87
N GLN A 32 3.37 11.78 0.26
CA GLN A 32 2.90 12.59 1.39
C GLN A 32 3.87 12.51 2.57
N CYS A 33 3.98 13.62 3.32
CA CYS A 33 4.94 13.80 4.41
C CYS A 33 4.68 12.90 5.65
N GLY A 34 5.70 12.74 6.49
CA GLY A 34 5.68 11.89 7.67
C GLY A 34 6.04 10.43 7.34
N PHE A 35 5.44 9.48 8.07
CA PHE A 35 5.76 8.05 7.94
C PHE A 35 5.58 7.51 6.52
N SER A 36 4.63 8.02 5.74
CA SER A 36 4.44 7.61 4.33
C SER A 36 5.71 7.87 3.48
N GLN A 37 6.31 9.07 3.58
CA GLN A 37 7.57 9.42 2.92
C GLN A 37 8.69 8.47 3.33
N THR A 38 8.82 8.21 4.64
CA THR A 38 9.79 7.24 5.20
C THR A 38 9.55 5.85 4.63
N VAL A 39 8.29 5.42 4.57
CA VAL A 39 7.89 4.10 4.07
C VAL A 39 8.15 3.93 2.57
N VAL A 40 7.84 4.91 1.70
CA VAL A 40 8.15 4.77 0.27
C VAL A 40 9.67 4.75 0.01
N GLN A 41 10.47 5.49 0.79
CA GLN A 41 11.94 5.39 0.76
C GLN A 41 12.41 4.00 1.25
N ILE A 42 11.84 3.47 2.33
CA ILE A 42 12.16 2.14 2.88
C ILE A 42 11.87 1.04 1.86
N LEU A 43 10.68 0.99 1.27
CA LEU A 43 10.25 -0.10 0.39
C LEU A 43 11.09 -0.17 -0.89
N LYS A 44 11.27 0.99 -1.53
CA LYS A 44 12.18 1.15 -2.67
C LYS A 44 13.56 0.59 -2.36
N SER A 45 14.19 1.07 -1.27
CA SER A 45 15.56 0.76 -0.84
C SER A 45 15.76 -0.69 -0.37
N LEU A 46 14.75 -1.28 0.30
CA LEU A 46 14.70 -2.68 0.71
C LEU A 46 14.77 -3.62 -0.50
N ASN A 47 14.19 -3.16 -1.63
CA ASN A 47 14.22 -3.65 -3.02
C ASN A 47 12.79 -3.92 -3.50
N ALA A 48 12.10 -2.88 -3.97
CA ALA A 48 10.75 -3.03 -4.55
C ALA A 48 10.42 -1.98 -5.63
N PRO A 49 9.79 -2.38 -6.76
CA PRO A 49 9.22 -1.46 -7.76
C PRO A 49 7.84 -0.99 -7.28
N PHE A 50 7.81 -0.30 -6.13
CA PHE A 50 6.58 0.08 -5.42
C PHE A 50 5.68 1.02 -6.24
N GLU A 51 4.39 1.03 -5.91
CA GLU A 51 3.40 1.98 -6.45
C GLU A 51 2.74 2.76 -5.31
N SER A 52 1.97 3.80 -5.64
CA SER A 52 1.29 4.64 -4.65
C SER A 52 -0.02 5.21 -5.20
N VAL A 53 -1.15 4.90 -4.55
CA VAL A 53 -2.52 5.24 -5.00
C VAL A 53 -3.08 6.37 -4.14
N ASN A 54 -3.61 7.41 -4.79
CA ASN A 54 -4.27 8.53 -4.11
C ASN A 54 -5.72 8.18 -3.71
N ILE A 55 -5.98 7.99 -2.42
CA ILE A 55 -7.33 7.68 -1.89
C ILE A 55 -8.33 8.84 -2.10
N LEU A 56 -7.85 10.08 -2.18
CA LEU A 56 -8.64 11.30 -2.37
C LEU A 56 -8.97 11.59 -3.84
N GLU A 57 -8.51 10.75 -4.79
CA GLU A 57 -8.72 10.95 -6.24
C GLU A 57 -10.19 10.77 -6.65
N ASN A 58 -10.95 9.92 -5.94
CA ASN A 58 -12.36 9.65 -6.17
C ASN A 58 -13.03 9.07 -4.92
N GLU A 59 -14.26 9.49 -4.62
CA GLU A 59 -15.07 9.04 -3.48
C GLU A 59 -15.25 7.52 -3.40
N LEU A 60 -15.44 6.85 -4.55
CA LEU A 60 -15.60 5.41 -4.64
C LEU A 60 -14.32 4.65 -4.25
N LEU A 61 -13.14 5.23 -4.50
CA LEU A 61 -11.85 4.71 -4.01
C LEU A 61 -11.69 4.98 -2.51
N ARG A 62 -12.01 6.21 -2.07
CA ARG A 62 -11.94 6.65 -0.67
C ARG A 62 -12.75 5.75 0.28
N GLN A 63 -13.98 5.40 -0.11
CA GLN A 63 -14.82 4.44 0.65
C GLN A 63 -14.51 2.97 0.30
N GLY A 64 -14.06 2.69 -0.93
CA GLY A 64 -13.84 1.32 -1.43
C GLY A 64 -12.63 0.63 -0.80
N LEU A 65 -11.58 1.39 -0.43
CA LEU A 65 -10.40 0.83 0.25
C LEU A 65 -10.75 0.17 1.60
N LYS A 66 -11.77 0.67 2.31
CA LYS A 66 -12.24 0.05 3.54
C LYS A 66 -12.82 -1.37 3.30
N GLU A 67 -13.53 -1.58 2.19
CA GLU A 67 -13.98 -2.91 1.76
C GLU A 67 -12.81 -3.76 1.25
N TYR A 68 -11.87 -3.16 0.50
CA TYR A 68 -10.70 -3.84 -0.07
C TYR A 68 -9.72 -4.38 1.00
N SER A 69 -9.54 -3.64 2.10
CA SER A 69 -8.52 -3.93 3.13
C SER A 69 -9.04 -4.25 4.54
N SER A 70 -10.28 -3.87 4.89
CA SER A 70 -10.88 -3.90 6.26
C SER A 70 -10.26 -2.86 7.24
N TRP A 71 -9.13 -2.25 6.87
CA TRP A 71 -8.41 -1.25 7.66
C TRP A 71 -9.26 0.02 7.93
N PRO A 72 -9.26 0.57 9.17
CA PRO A 72 -10.19 1.63 9.55
C PRO A 72 -9.80 3.06 9.12
N THR A 73 -8.52 3.45 9.24
CA THR A 73 -8.07 4.85 9.06
C THR A 73 -6.74 4.92 8.32
N PHE A 74 -6.78 5.38 7.08
CA PHE A 74 -5.64 5.48 6.16
C PHE A 74 -4.65 6.60 6.58
N PRO A 75 -3.38 6.63 6.08
CA PRO A 75 -2.74 5.73 5.11
C PRO A 75 -2.65 4.25 5.51
N GLN A 76 -2.37 3.39 4.53
CA GLN A 76 -2.03 1.98 4.72
C GLN A 76 -1.23 1.42 3.54
N LEU A 77 -0.51 0.32 3.79
CA LEU A 77 0.29 -0.41 2.82
C LEU A 77 -0.42 -1.73 2.47
N TYR A 78 -0.42 -2.11 1.19
CA TYR A 78 -0.97 -3.37 0.64
C TYR A 78 0.09 -4.14 -0.16
N ILE A 79 0.13 -5.48 -0.06
CA ILE A 79 1.13 -6.31 -0.75
C ILE A 79 0.51 -7.59 -1.34
N ASP A 80 0.68 -7.79 -2.65
CA ASP A 80 0.41 -8.99 -3.48
C ASP A 80 -1.05 -9.47 -3.57
N GLY A 81 -1.87 -9.17 -2.54
CA GLY A 81 -3.25 -9.62 -2.38
C GLY A 81 -3.84 -9.44 -0.97
N GLU A 82 -3.09 -8.89 -0.01
CA GLU A 82 -3.55 -8.59 1.35
C GLU A 82 -3.00 -7.24 1.85
N PHE A 83 -3.68 -6.63 2.82
CA PHE A 83 -3.17 -5.43 3.49
C PHE A 83 -2.07 -5.79 4.51
N PHE A 84 -1.11 -4.88 4.70
CA PHE A 84 -0.03 -5.00 5.69
C PHE A 84 -0.33 -4.22 6.97
N GLY A 85 -0.85 -2.98 6.84
CA GLY A 85 -1.20 -2.08 7.95
C GLY A 85 -0.76 -0.64 7.71
N GLY A 86 -0.78 0.18 8.78
CA GLY A 86 -0.36 1.59 8.75
C GLY A 86 1.16 1.77 8.69
N CYS A 87 1.61 2.93 8.21
CA CYS A 87 3.03 3.21 7.93
C CYS A 87 3.93 3.12 9.18
N ASP A 88 3.42 3.48 10.35
CA ASP A 88 4.14 3.32 11.63
C ASP A 88 4.46 1.84 11.91
N ILE A 89 3.53 0.92 11.61
CA ILE A 89 3.77 -0.53 11.71
C ILE A 89 4.90 -0.94 10.75
N THR A 90 4.91 -0.40 9.52
CA THR A 90 5.96 -0.64 8.52
C THR A 90 7.32 -0.12 8.99
N VAL A 91 7.38 1.06 9.59
CA VAL A 91 8.63 1.59 10.17
C VAL A 91 9.16 0.69 11.29
N GLU A 92 8.29 0.17 12.17
CA GLU A 92 8.69 -0.81 13.21
C GLU A 92 9.10 -2.16 12.62
N ALA A 93 8.39 -2.63 11.58
CA ALA A 93 8.67 -3.89 10.89
C ALA A 93 10.00 -3.87 10.12
N TYR A 94 10.37 -2.74 9.52
CA TYR A 94 11.68 -2.53 8.89
C TYR A 94 12.82 -2.53 9.92
N LYS A 95 12.60 -1.87 11.06
CA LYS A 95 13.57 -1.77 12.16
C LYS A 95 13.79 -3.12 12.88
N SER A 96 12.75 -3.94 12.99
CA SER A 96 12.81 -5.28 13.61
C SER A 96 13.14 -6.42 12.61
N GLY A 97 13.08 -6.17 11.30
CA GLY A 97 13.41 -7.13 10.23
C GLY A 97 12.21 -7.94 9.71
N GLU A 98 11.02 -7.72 10.26
CA GLU A 98 9.77 -8.38 9.86
C GLU A 98 9.34 -8.00 8.43
N LEU A 99 9.55 -6.74 8.03
CA LEU A 99 9.23 -6.28 6.68
C LEU A 99 10.13 -6.94 5.63
N GLN A 100 11.43 -7.10 5.92
CA GLN A 100 12.37 -7.80 5.03
C GLN A 100 11.89 -9.24 4.78
N GLU A 101 11.51 -9.97 5.84
CA GLU A 101 10.96 -11.32 5.70
C GLU A 101 9.65 -11.33 4.90
N GLN A 102 8.71 -10.42 5.16
CA GLN A 102 7.42 -10.38 4.45
C GLN A 102 7.58 -9.95 2.98
N VAL A 103 8.43 -8.98 2.67
CA VAL A 103 8.70 -8.54 1.29
C VAL A 103 9.47 -9.62 0.52
N GLU A 104 10.43 -10.31 1.14
CA GLU A 104 11.07 -11.48 0.55
C GLU A 104 10.03 -12.57 0.24
N LYS A 105 9.10 -12.85 1.15
CA LYS A 105 8.00 -13.79 0.92
C LYS A 105 7.06 -13.34 -0.21
N ALA A 106 6.75 -12.04 -0.31
CA ALA A 106 5.94 -11.49 -1.41
C ALA A 106 6.63 -11.60 -2.78
N MET A 107 7.96 -11.43 -2.85
CA MET A 107 8.74 -11.48 -4.09
C MET A 107 9.13 -12.91 -4.51
N CYS A 108 9.65 -13.72 -3.57
CA CYS A 108 10.26 -15.02 -3.83
C CYS A 108 9.44 -16.23 -3.32
N SER A 109 8.63 -16.05 -2.26
CA SER A 109 7.71 -17.04 -1.65
C SER A 109 8.40 -18.34 -1.19
N MET A 1 -22.54 2.22 -3.81
CA MET A 1 -22.66 1.43 -2.54
C MET A 1 -21.54 0.39 -2.42
N ALA A 2 -21.67 -0.79 -3.02
CA ALA A 2 -20.65 -1.86 -3.00
C ALA A 2 -19.48 -1.59 -3.97
N LEU A 3 -18.44 -2.43 -3.89
CA LEU A 3 -17.26 -2.37 -4.78
C LEU A 3 -17.67 -2.68 -6.23
N THR A 4 -17.18 -1.89 -7.18
CA THR A 4 -17.37 -2.13 -8.63
C THR A 4 -16.32 -3.13 -9.15
N PRO A 5 -16.58 -3.84 -10.25
CA PRO A 5 -15.58 -4.69 -10.89
C PRO A 5 -14.40 -3.85 -11.43
N ALA A 6 -14.64 -2.62 -11.90
CA ALA A 6 -13.60 -1.70 -12.36
C ALA A 6 -12.63 -1.30 -11.23
N LEU A 7 -13.14 -1.01 -10.02
CA LEU A 7 -12.34 -0.72 -8.83
C LEU A 7 -11.48 -1.94 -8.46
N LYS A 8 -12.10 -3.11 -8.31
CA LYS A 8 -11.39 -4.36 -7.96
C LYS A 8 -10.31 -4.74 -8.99
N THR A 9 -10.58 -4.52 -10.29
CA THR A 9 -9.65 -4.71 -11.40
C THR A 9 -8.50 -3.70 -11.36
N THR A 10 -8.76 -2.43 -11.02
CA THR A 10 -7.74 -1.37 -10.88
C THR A 10 -6.79 -1.68 -9.72
N LEU A 11 -7.36 -2.04 -8.56
CA LEU A 11 -6.61 -2.47 -7.38
C LEU A 11 -5.71 -3.66 -7.70
N ASP A 12 -6.26 -4.74 -8.27
CA ASP A 12 -5.49 -5.90 -8.73
C ASP A 12 -4.40 -5.51 -9.74
N LYS A 13 -4.70 -4.63 -10.70
CA LYS A 13 -3.73 -4.16 -11.68
C LYS A 13 -2.57 -3.38 -11.03
N VAL A 14 -2.81 -2.45 -10.09
CA VAL A 14 -1.72 -1.78 -9.39
C VAL A 14 -0.95 -2.72 -8.46
N VAL A 15 -1.65 -3.66 -7.79
CA VAL A 15 -1.04 -4.68 -6.90
C VAL A 15 -0.12 -5.65 -7.66
N THR A 16 -0.44 -6.00 -8.91
CA THR A 16 0.33 -6.96 -9.73
C THR A 16 1.43 -6.29 -10.57
N SER A 17 1.13 -5.16 -11.21
CA SER A 17 2.10 -4.49 -12.10
C SER A 17 3.24 -3.78 -11.34
N HIS A 18 2.98 -3.27 -10.15
CA HIS A 18 3.95 -2.61 -9.27
C HIS A 18 3.78 -3.14 -7.83
N LYS A 19 4.17 -4.41 -7.61
CA LYS A 19 4.00 -5.09 -6.32
C LYS A 19 4.64 -4.31 -5.14
N VAL A 20 3.94 -4.29 -3.99
CA VAL A 20 4.19 -3.47 -2.79
C VAL A 20 3.55 -2.09 -3.02
N VAL A 21 2.26 -1.95 -2.65
CA VAL A 21 1.48 -0.74 -2.93
C VAL A 21 1.23 0.04 -1.64
N LEU A 22 1.46 1.35 -1.66
CA LEU A 22 1.08 2.26 -0.57
C LEU A 22 -0.20 3.00 -0.97
N PHE A 23 -1.23 2.88 -0.14
CA PHE A 23 -2.50 3.58 -0.30
C PHE A 23 -2.59 4.74 0.71
N MET A 24 -2.64 5.97 0.19
CA MET A 24 -2.64 7.23 0.97
C MET A 24 -3.04 8.42 0.07
N LYS A 25 -2.87 9.67 0.52
CA LYS A 25 -3.39 10.87 -0.17
C LYS A 25 -2.52 11.40 -1.32
N GLY A 26 -1.36 10.77 -1.57
CA GLY A 26 -0.36 11.17 -2.57
C GLY A 26 -0.07 10.10 -3.62
N THR A 27 0.72 10.47 -4.64
CA THR A 27 1.18 9.60 -5.74
C THR A 27 2.65 9.21 -5.53
N LYS A 28 3.19 8.38 -6.43
CA LYS A 28 4.63 8.05 -6.44
C LYS A 28 5.50 9.29 -6.79
N ASP A 29 4.98 10.20 -7.62
CA ASP A 29 5.63 11.46 -7.99
C ASP A 29 5.54 12.53 -6.89
N PHE A 30 4.44 12.53 -6.12
CA PHE A 30 4.18 13.45 -5.02
C PHE A 30 3.60 12.70 -3.80
N PRO A 31 4.45 12.07 -2.97
CA PRO A 31 4.03 11.34 -1.77
C PRO A 31 3.72 12.29 -0.61
N GLN A 32 3.16 11.74 0.47
CA GLN A 32 2.84 12.49 1.69
C GLN A 32 4.06 12.55 2.64
N CYS A 33 4.13 13.63 3.42
CA CYS A 33 5.22 13.93 4.36
C CYS A 33 5.21 13.02 5.62
N GLY A 34 6.27 13.12 6.42
CA GLY A 34 6.40 12.43 7.73
C GLY A 34 6.65 10.94 7.57
N PHE A 35 5.97 10.10 8.37
CA PHE A 35 6.11 8.64 8.34
C PHE A 35 5.91 8.09 6.93
N SER A 36 4.95 8.60 6.15
CA SER A 36 4.71 8.16 4.77
C SER A 36 5.94 8.36 3.86
N GLN A 37 6.63 9.50 3.95
CA GLN A 37 7.86 9.77 3.19
C GLN A 37 8.96 8.78 3.59
N THR A 38 9.16 8.56 4.90
CA THR A 38 10.11 7.57 5.43
C THR A 38 9.77 6.18 4.94
N VAL A 39 8.49 5.80 4.97
CA VAL A 39 7.98 4.51 4.48
C VAL A 39 8.20 4.35 2.96
N VAL A 40 7.94 5.38 2.15
CA VAL A 40 8.21 5.36 0.71
C VAL A 40 9.70 5.12 0.44
N GLN A 41 10.60 5.78 1.18
CA GLN A 41 12.04 5.52 1.11
C GLN A 41 12.41 4.11 1.59
N ILE A 42 11.78 3.61 2.66
CA ILE A 42 12.00 2.27 3.23
C ILE A 42 11.70 1.16 2.23
N LEU A 43 10.52 1.12 1.60
CA LEU A 43 10.19 0.04 0.65
C LEU A 43 11.08 0.11 -0.59
N LYS A 44 11.23 1.30 -1.16
CA LYS A 44 12.14 1.54 -2.28
C LYS A 44 13.53 0.94 -1.98
N SER A 45 14.16 1.38 -0.87
CA SER A 45 15.51 0.98 -0.43
C SER A 45 15.62 -0.50 -0.01
N LEU A 46 14.56 -1.09 0.54
CA LEU A 46 14.44 -2.53 0.80
C LEU A 46 14.55 -3.34 -0.51
N ASN A 47 14.25 -2.70 -1.65
CA ASN A 47 14.46 -3.07 -3.07
C ASN A 47 13.14 -3.27 -3.82
N ALA A 48 12.10 -2.51 -3.45
CA ALA A 48 10.74 -2.77 -3.94
C ALA A 48 10.42 -2.05 -5.26
N PRO A 49 9.74 -2.70 -6.23
CA PRO A 49 9.18 -2.08 -7.43
C PRO A 49 7.82 -1.42 -7.07
N PHE A 50 7.82 -0.63 -5.99
CA PHE A 50 6.65 -0.09 -5.32
C PHE A 50 5.83 0.93 -6.14
N GLU A 51 4.65 1.27 -5.63
CA GLU A 51 3.84 2.37 -6.14
C GLU A 51 2.97 2.98 -5.03
N SER A 52 3.01 4.31 -4.88
CA SER A 52 2.07 5.04 -4.03
C SER A 52 0.84 5.45 -4.85
N VAL A 53 -0.36 5.07 -4.41
CA VAL A 53 -1.63 5.29 -5.11
C VAL A 53 -2.49 6.26 -4.29
N ASN A 54 -2.92 7.35 -4.94
CA ASN A 54 -3.76 8.37 -4.32
C ASN A 54 -5.21 7.88 -4.16
N ILE A 55 -5.60 7.46 -2.96
CA ILE A 55 -6.97 6.97 -2.69
C ILE A 55 -8.03 8.08 -2.68
N LEU A 56 -7.62 9.32 -2.40
CA LEU A 56 -8.51 10.49 -2.33
C LEU A 56 -8.89 11.04 -3.72
N GLU A 57 -8.36 10.45 -4.80
CA GLU A 57 -8.71 10.78 -6.19
C GLU A 57 -10.17 10.42 -6.54
N ASN A 58 -10.78 9.45 -5.84
CA ASN A 58 -12.17 9.01 -6.08
C ASN A 58 -12.79 8.40 -4.82
N GLU A 59 -14.04 8.76 -4.48
CA GLU A 59 -14.73 8.29 -3.27
C GLU A 59 -14.86 6.77 -3.21
N LEU A 60 -15.19 6.08 -4.32
CA LEU A 60 -15.32 4.62 -4.31
C LEU A 60 -13.99 3.90 -4.02
N LEU A 61 -12.84 4.53 -4.31
CA LEU A 61 -11.51 4.01 -3.97
C LEU A 61 -11.23 4.25 -2.48
N ARG A 62 -11.48 5.46 -1.97
CA ARG A 62 -11.36 5.80 -0.53
C ARG A 62 -12.24 4.88 0.35
N GLN A 63 -13.50 4.70 -0.03
CA GLN A 63 -14.48 3.92 0.74
C GLN A 63 -14.31 2.41 0.56
N GLY A 64 -14.04 1.94 -0.67
CA GLY A 64 -14.07 0.51 -1.01
C GLY A 64 -12.81 -0.27 -0.61
N LEU A 65 -11.64 0.39 -0.55
CA LEU A 65 -10.38 -0.25 -0.17
C LEU A 65 -10.44 -0.90 1.23
N LYS A 66 -11.15 -0.27 2.18
CA LYS A 66 -11.39 -0.82 3.51
C LYS A 66 -11.92 -2.26 3.48
N GLU A 67 -12.87 -2.57 2.59
CA GLU A 67 -13.45 -3.91 2.43
C GLU A 67 -12.58 -4.82 1.53
N TYR A 68 -11.85 -4.25 0.56
CA TYR A 68 -10.92 -5.00 -0.30
C TYR A 68 -9.74 -5.61 0.46
N SER A 69 -9.17 -4.89 1.45
CA SER A 69 -8.17 -5.44 2.37
C SER A 69 -8.82 -6.07 3.61
N SER A 70 -9.44 -5.24 4.46
CA SER A 70 -10.05 -5.41 5.80
C SER A 70 -9.54 -4.34 6.79
N TRP A 71 -8.48 -3.60 6.45
CA TRP A 71 -7.89 -2.55 7.29
C TRP A 71 -8.87 -1.35 7.47
N PRO A 72 -9.06 -0.82 8.70
CA PRO A 72 -10.11 0.15 8.98
C PRO A 72 -9.84 1.58 8.50
N THR A 73 -8.62 2.12 8.68
CA THR A 73 -8.31 3.55 8.45
C THR A 73 -6.93 3.74 7.83
N PHE A 74 -6.90 4.30 6.62
CA PHE A 74 -5.68 4.61 5.86
C PHE A 74 -4.73 5.62 6.59
N PRO A 75 -3.42 5.69 6.26
CA PRO A 75 -2.68 4.88 5.27
C PRO A 75 -2.68 3.37 5.52
N GLN A 76 -2.36 2.60 4.47
CA GLN A 76 -2.15 1.15 4.55
C GLN A 76 -1.24 0.65 3.41
N LEU A 77 -0.68 -0.54 3.58
CA LEU A 77 0.29 -1.17 2.67
C LEU A 77 -0.27 -2.52 2.19
N TYR A 78 -0.40 -2.70 0.87
CA TYR A 78 -0.93 -3.92 0.25
C TYR A 78 0.17 -4.70 -0.51
N ILE A 79 0.19 -6.03 -0.39
CA ILE A 79 1.27 -6.92 -0.84
C ILE A 79 0.77 -8.31 -1.25
N ASP A 80 0.80 -8.63 -2.56
CA ASP A 80 0.57 -9.98 -3.11
C ASP A 80 -0.76 -10.63 -2.65
N GLY A 81 -1.83 -9.84 -2.61
CA GLY A 81 -3.17 -10.28 -2.16
C GLY A 81 -3.37 -10.22 -0.64
N GLU A 82 -2.31 -9.95 0.12
CA GLU A 82 -2.32 -9.69 1.56
C GLU A 82 -2.12 -8.18 1.83
N PHE A 83 -2.16 -7.79 3.11
CA PHE A 83 -2.02 -6.41 3.54
C PHE A 83 -1.40 -6.29 4.93
N PHE A 84 -0.92 -5.08 5.18
CA PHE A 84 -0.22 -4.64 6.38
C PHE A 84 -0.75 -3.27 6.82
N GLY A 85 -0.21 -2.81 7.95
CA GLY A 85 -0.67 -1.64 8.71
C GLY A 85 -0.26 -0.28 8.14
N GLY A 86 -0.45 0.76 8.95
CA GLY A 86 -0.14 2.15 8.63
C GLY A 86 1.35 2.47 8.60
N CYS A 87 1.71 3.72 8.32
CA CYS A 87 3.09 4.11 8.04
C CYS A 87 4.00 3.99 9.27
N ASP A 88 3.59 4.51 10.42
CA ASP A 88 4.35 4.40 11.68
C ASP A 88 4.57 2.91 12.08
N ILE A 89 3.53 2.08 11.92
CA ILE A 89 3.62 0.62 12.09
C ILE A 89 4.63 0.02 11.11
N THR A 90 4.64 0.48 9.85
CA THR A 90 5.59 0.05 8.82
C THR A 90 7.02 0.44 9.17
N VAL A 91 7.25 1.63 9.70
CA VAL A 91 8.59 2.05 10.22
C VAL A 91 9.05 1.12 11.36
N GLU A 92 8.18 0.77 12.31
CA GLU A 92 8.51 -0.16 13.39
C GLU A 92 8.73 -1.60 12.88
N ALA A 93 7.96 -2.05 11.89
CA ALA A 93 8.09 -3.37 11.28
C ALA A 93 9.41 -3.54 10.52
N TYR A 94 9.88 -2.48 9.84
CA TYR A 94 11.21 -2.44 9.20
C TYR A 94 12.35 -2.49 10.23
N LYS A 95 12.20 -1.79 11.35
CA LYS A 95 13.15 -1.83 12.48
C LYS A 95 13.13 -3.19 13.21
N SER A 96 11.98 -3.88 13.22
CA SER A 96 11.80 -5.20 13.86
C SER A 96 12.16 -6.37 12.92
N GLY A 97 12.31 -6.12 11.60
CA GLY A 97 12.64 -7.12 10.57
C GLY A 97 11.42 -7.83 9.96
N GLU A 98 10.21 -7.49 10.42
CA GLU A 98 8.94 -8.11 10.01
C GLU A 98 8.55 -7.67 8.60
N LEU A 99 8.76 -6.38 8.26
CA LEU A 99 8.49 -5.85 6.93
C LEU A 99 9.37 -6.53 5.88
N GLN A 100 10.67 -6.68 6.18
CA GLN A 100 11.63 -7.36 5.31
C GLN A 100 11.16 -8.80 4.99
N GLU A 101 10.75 -9.57 6.01
CA GLU A 101 10.24 -10.93 5.83
C GLU A 101 8.98 -10.97 4.95
N GLN A 102 7.99 -10.10 5.22
CA GLN A 102 6.74 -10.07 4.44
C GLN A 102 6.96 -9.54 3.01
N VAL A 103 7.76 -8.49 2.82
CA VAL A 103 8.04 -7.89 1.50
C VAL A 103 8.87 -8.84 0.64
N GLU A 104 9.88 -9.54 1.20
CA GLU A 104 10.62 -10.55 0.47
C GLU A 104 9.69 -11.68 0.00
N LYS A 105 8.81 -12.18 0.87
CA LYS A 105 7.81 -13.19 0.52
C LYS A 105 6.86 -12.68 -0.59
N ALA A 106 6.37 -11.44 -0.49
CA ALA A 106 5.52 -10.81 -1.50
C ALA A 106 6.22 -10.61 -2.85
N MET A 107 7.52 -10.26 -2.86
CA MET A 107 8.33 -10.09 -4.07
C MET A 107 8.62 -11.41 -4.78
N CYS A 108 8.89 -12.49 -4.04
CA CYS A 108 8.97 -13.86 -4.58
C CYS A 108 7.60 -14.35 -5.10
N SER A 109 6.52 -13.94 -4.42
CA SER A 109 5.10 -14.14 -4.76
C SER A 109 4.67 -15.62 -4.69
N MET A 1 -23.17 2.45 -1.40
CA MET A 1 -22.35 1.21 -1.31
C MET A 1 -20.92 1.42 -1.87
N ALA A 2 -20.01 0.48 -1.59
CA ALA A 2 -18.62 0.46 -2.09
C ALA A 2 -18.08 -0.99 -2.22
N LEU A 3 -16.99 -1.16 -2.97
CA LEU A 3 -16.24 -2.43 -3.21
C LEU A 3 -16.99 -3.44 -4.11
N THR A 4 -18.32 -3.35 -4.21
CA THR A 4 -19.19 -4.12 -5.12
C THR A 4 -18.96 -3.89 -6.63
N PRO A 5 -18.56 -2.71 -7.16
CA PRO A 5 -18.29 -2.53 -8.59
C PRO A 5 -16.88 -3.02 -8.98
N ALA A 6 -16.43 -2.67 -10.19
CA ALA A 6 -15.11 -3.04 -10.75
C ALA A 6 -13.90 -2.48 -9.97
N LEU A 7 -14.12 -1.68 -8.92
CA LEU A 7 -13.11 -1.21 -7.97
C LEU A 7 -12.28 -2.39 -7.43
N LYS A 8 -12.92 -3.45 -6.92
CA LYS A 8 -12.19 -4.61 -6.37
C LYS A 8 -11.33 -5.32 -7.43
N THR A 9 -11.87 -5.49 -8.65
CA THR A 9 -11.20 -6.05 -9.82
C THR A 9 -9.97 -5.22 -10.22
N THR A 10 -10.08 -3.89 -10.14
CA THR A 10 -9.00 -2.93 -10.40
C THR A 10 -7.89 -3.06 -9.36
N LEU A 11 -8.27 -3.02 -8.07
CA LEU A 11 -7.33 -3.22 -6.96
C LEU A 11 -6.58 -4.56 -7.10
N ASP A 12 -7.28 -5.67 -7.30
CA ASP A 12 -6.68 -6.99 -7.50
C ASP A 12 -5.70 -7.00 -8.68
N LYS A 13 -6.09 -6.48 -9.85
CA LYS A 13 -5.22 -6.36 -11.02
C LYS A 13 -3.99 -5.49 -10.74
N VAL A 14 -4.14 -4.35 -10.05
CA VAL A 14 -3.03 -3.49 -9.62
C VAL A 14 -2.12 -4.21 -8.62
N VAL A 15 -2.69 -4.91 -7.64
CA VAL A 15 -1.97 -5.69 -6.61
C VAL A 15 -1.10 -6.80 -7.19
N THR A 16 -1.59 -7.57 -8.19
CA THR A 16 -0.83 -8.66 -8.79
C THR A 16 0.25 -8.17 -9.76
N SER A 17 -0.08 -7.17 -10.59
CA SER A 17 0.84 -6.67 -11.63
C SER A 17 1.96 -5.77 -11.09
N HIS A 18 1.70 -4.94 -10.06
CA HIS A 18 2.71 -4.09 -9.43
C HIS A 18 3.32 -4.71 -8.15
N LYS A 19 2.72 -5.77 -7.60
CA LYS A 19 3.18 -6.60 -6.45
C LYS A 19 3.20 -5.88 -5.09
N VAL A 20 3.77 -4.67 -5.02
CA VAL A 20 3.88 -3.82 -3.83
C VAL A 20 3.12 -2.52 -4.12
N VAL A 21 2.10 -2.20 -3.30
CA VAL A 21 1.19 -1.06 -3.56
C VAL A 21 0.94 -0.26 -2.27
N LEU A 22 0.60 1.02 -2.44
CA LEU A 22 0.43 1.98 -1.33
C LEU A 22 -0.90 2.71 -1.47
N PHE A 23 -1.65 2.81 -0.37
CA PHE A 23 -2.87 3.61 -0.29
C PHE A 23 -2.58 4.83 0.60
N MET A 24 -2.62 6.03 0.00
CA MET A 24 -2.17 7.28 0.61
C MET A 24 -2.79 8.49 -0.11
N LYS A 25 -2.57 9.70 0.40
CA LYS A 25 -3.18 10.94 -0.13
C LYS A 25 -2.41 11.55 -1.31
N GLY A 26 -1.72 10.72 -2.11
CA GLY A 26 -0.86 11.12 -3.23
C GLY A 26 -0.45 9.95 -4.13
N THR A 27 0.20 10.25 -5.25
CA THR A 27 0.71 9.26 -6.22
C THR A 27 2.22 9.05 -6.03
N LYS A 28 2.82 8.16 -6.82
CA LYS A 28 4.29 8.00 -6.85
C LYS A 28 5.01 9.19 -7.52
N ASP A 29 4.31 9.94 -8.39
CA ASP A 29 4.81 11.18 -9.01
C ASP A 29 4.61 12.41 -8.11
N PHE A 30 3.57 12.40 -7.28
CA PHE A 30 3.24 13.45 -6.30
C PHE A 30 2.94 12.82 -4.92
N PRO A 31 3.98 12.38 -4.18
CA PRO A 31 3.84 11.85 -2.83
C PRO A 31 3.58 12.98 -1.81
N GLN A 32 3.30 12.61 -0.56
CA GLN A 32 3.06 13.55 0.54
C GLN A 32 4.19 13.47 1.58
N CYS A 33 4.66 14.63 2.04
CA CYS A 33 5.77 14.76 2.99
C CYS A 33 5.48 14.13 4.36
N GLY A 34 6.53 13.63 5.02
CA GLY A 34 6.43 12.96 6.34
C GLY A 34 6.15 11.47 6.19
N PHE A 35 4.97 11.01 6.62
CA PHE A 35 4.62 9.58 6.72
C PHE A 35 4.70 8.85 5.37
N SER A 36 3.96 9.31 4.36
CA SER A 36 3.91 8.66 3.04
C SER A 36 5.29 8.65 2.35
N GLN A 37 5.98 9.80 2.36
CA GLN A 37 7.37 9.96 1.93
C GLN A 37 8.30 8.93 2.60
N THR A 38 8.21 8.78 3.93
CA THR A 38 8.97 7.80 4.70
C THR A 38 8.65 6.38 4.26
N VAL A 39 7.36 6.03 4.17
CA VAL A 39 6.93 4.70 3.73
C VAL A 39 7.42 4.36 2.32
N VAL A 40 7.27 5.25 1.33
CA VAL A 40 7.72 4.97 -0.03
C VAL A 40 9.25 4.95 -0.14
N GLN A 41 9.97 5.81 0.60
CA GLN A 41 11.42 5.81 0.66
C GLN A 41 11.96 4.51 1.28
N ILE A 42 11.30 3.97 2.32
CA ILE A 42 11.67 2.69 2.94
C ILE A 42 11.60 1.55 1.92
N LEU A 43 10.47 1.39 1.19
CA LEU A 43 10.34 0.35 0.16
C LEU A 43 11.41 0.51 -0.94
N LYS A 44 11.52 1.72 -1.49
CA LYS A 44 12.48 2.07 -2.51
C LYS A 44 13.90 1.65 -2.10
N SER A 45 14.39 2.21 -0.99
CA SER A 45 15.74 1.98 -0.43
C SER A 45 15.99 0.56 0.14
N LEU A 46 14.95 -0.14 0.60
CA LEU A 46 15.02 -1.58 0.94
C LEU A 46 15.45 -2.39 -0.29
N ASN A 47 15.06 -1.93 -1.47
CA ASN A 47 15.44 -2.30 -2.84
C ASN A 47 14.24 -2.91 -3.56
N ALA A 48 13.14 -2.14 -3.62
CA ALA A 48 11.84 -2.66 -4.09
C ALA A 48 10.97 -1.61 -4.80
N PRO A 49 10.07 -2.04 -5.72
CA PRO A 49 9.04 -1.17 -6.31
C PRO A 49 8.01 -0.72 -5.28
N PHE A 50 7.18 0.25 -5.68
CA PHE A 50 5.99 0.70 -4.97
C PHE A 50 5.02 1.38 -5.95
N GLU A 51 3.72 1.17 -5.78
CA GLU A 51 2.67 1.79 -6.60
C GLU A 51 1.68 2.53 -5.70
N SER A 52 1.91 3.83 -5.49
CA SER A 52 1.04 4.65 -4.65
C SER A 52 -0.23 5.08 -5.39
N VAL A 53 -1.39 4.62 -4.92
CA VAL A 53 -2.73 5.01 -5.37
C VAL A 53 -3.25 6.14 -4.47
N ASN A 54 -3.64 7.27 -5.09
CA ASN A 54 -4.14 8.43 -4.37
C ASN A 54 -5.60 8.25 -3.93
N ILE A 55 -5.84 8.05 -2.62
CA ILE A 55 -7.19 7.82 -2.07
C ILE A 55 -8.11 9.06 -2.16
N LEU A 56 -7.56 10.27 -2.24
CA LEU A 56 -8.35 11.50 -2.39
C LEU A 56 -8.91 11.68 -3.83
N GLU A 57 -8.45 10.88 -4.79
CA GLU A 57 -8.93 10.92 -6.19
C GLU A 57 -10.38 10.42 -6.35
N ASN A 58 -10.85 9.50 -5.49
CA ASN A 58 -12.16 8.85 -5.64
C ASN A 58 -12.73 8.34 -4.30
N GLU A 59 -14.01 8.59 -4.02
CA GLU A 59 -14.72 8.10 -2.83
C GLU A 59 -14.74 6.57 -2.77
N LEU A 60 -14.81 5.88 -3.92
CA LEU A 60 -14.79 4.41 -4.00
C LEU A 60 -13.48 3.81 -3.47
N LEU A 61 -12.36 4.54 -3.50
CA LEU A 61 -11.12 4.15 -2.83
C LEU A 61 -11.28 4.31 -1.32
N ARG A 62 -11.63 5.52 -0.85
CA ARG A 62 -11.80 5.83 0.58
C ARG A 62 -12.78 4.92 1.32
N GLN A 63 -13.90 4.56 0.69
CA GLN A 63 -14.91 3.67 1.29
C GLN A 63 -14.59 2.19 1.05
N GLY A 64 -14.06 1.81 -0.12
CA GLY A 64 -13.84 0.42 -0.52
C GLY A 64 -12.58 -0.20 0.10
N LEU A 65 -11.49 0.57 0.22
CA LEU A 65 -10.20 0.07 0.73
C LEU A 65 -10.27 -0.39 2.19
N LYS A 66 -11.00 0.34 3.04
CA LYS A 66 -11.18 -0.03 4.45
C LYS A 66 -11.82 -1.42 4.60
N GLU A 67 -12.77 -1.77 3.72
CA GLU A 67 -13.38 -3.11 3.66
C GLU A 67 -12.43 -4.14 3.00
N TYR A 68 -11.72 -3.76 1.93
CA TYR A 68 -10.78 -4.60 1.18
C TYR A 68 -9.59 -5.10 2.04
N SER A 69 -8.96 -4.21 2.82
CA SER A 69 -7.82 -4.54 3.68
C SER A 69 -8.18 -4.86 5.13
N SER A 70 -9.33 -4.37 5.63
CA SER A 70 -9.81 -4.36 7.02
C SER A 70 -9.17 -3.24 7.88
N TRP A 71 -8.09 -2.59 7.41
CA TRP A 71 -7.42 -1.51 8.12
C TRP A 71 -8.16 -0.17 7.93
N PRO A 72 -8.52 0.56 9.02
CA PRO A 72 -9.43 1.71 8.96
C PRO A 72 -8.80 3.07 8.58
N THR A 73 -7.46 3.21 8.57
CA THR A 73 -6.78 4.51 8.40
C THR A 73 -5.82 4.53 7.22
N PHE A 74 -5.29 5.72 6.90
CA PHE A 74 -4.32 5.95 5.82
C PHE A 74 -3.18 6.86 6.32
N PRO A 75 -1.94 6.72 5.80
CA PRO A 75 -1.48 5.72 4.83
C PRO A 75 -1.56 4.28 5.32
N GLN A 76 -1.63 3.32 4.38
CA GLN A 76 -1.51 1.88 4.66
C GLN A 76 -0.84 1.16 3.49
N LEU A 77 0.04 0.22 3.81
CA LEU A 77 0.85 -0.56 2.84
C LEU A 77 0.14 -1.88 2.51
N TYR A 78 0.33 -2.39 1.29
CA TYR A 78 -0.32 -3.63 0.81
C TYR A 78 0.57 -4.37 -0.21
N ILE A 79 0.60 -5.70 -0.15
CA ILE A 79 1.55 -6.55 -0.88
C ILE A 79 0.91 -7.88 -1.33
N ASP A 80 0.96 -8.18 -2.64
CA ASP A 80 0.62 -9.47 -3.30
C ASP A 80 -0.84 -9.99 -3.16
N GLY A 81 -1.60 -9.47 -2.19
CA GLY A 81 -2.92 -9.95 -1.76
C GLY A 81 -3.12 -9.93 -0.24
N GLU A 82 -2.17 -9.35 0.52
CA GLU A 82 -2.22 -9.19 1.97
C GLU A 82 -1.93 -7.72 2.35
N PHE A 83 -2.60 -7.22 3.39
CA PHE A 83 -2.41 -5.86 3.90
C PHE A 83 -1.36 -5.79 4.99
N PHE A 84 -0.93 -4.55 5.22
CA PHE A 84 0.02 -4.16 6.24
C PHE A 84 -0.39 -2.79 6.84
N GLY A 85 0.38 -2.38 7.84
CA GLY A 85 0.09 -1.23 8.70
C GLY A 85 0.47 0.13 8.08
N GLY A 86 0.41 1.17 8.92
CA GLY A 86 0.84 2.54 8.59
C GLY A 86 2.34 2.76 8.76
N CYS A 87 2.76 4.02 8.82
CA CYS A 87 4.18 4.41 8.81
C CYS A 87 4.96 3.85 10.00
N ASP A 88 4.47 4.02 11.23
CA ASP A 88 5.16 3.55 12.44
C ASP A 88 5.35 2.02 12.42
N ILE A 89 4.31 1.27 12.02
CA ILE A 89 4.38 -0.19 11.85
C ILE A 89 5.41 -0.55 10.76
N THR A 90 5.42 0.18 9.64
CA THR A 90 6.37 0.00 8.53
C THR A 90 7.81 0.27 8.98
N VAL A 91 8.03 1.34 9.74
CA VAL A 91 9.34 1.71 10.32
C VAL A 91 9.84 0.62 11.28
N GLU A 92 8.98 0.10 12.17
CA GLU A 92 9.36 -0.97 13.11
C GLU A 92 9.61 -2.31 12.39
N ALA A 93 8.82 -2.64 11.36
CA ALA A 93 8.98 -3.86 10.56
C ALA A 93 10.25 -3.82 9.70
N TYR A 94 10.63 -2.66 9.16
CA TYR A 94 11.89 -2.45 8.45
C TYR A 94 13.11 -2.53 9.38
N LYS A 95 13.00 -2.01 10.61
CA LYS A 95 14.02 -2.13 11.65
C LYS A 95 14.16 -3.58 12.16
N SER A 96 13.04 -4.31 12.24
CA SER A 96 13.01 -5.70 12.75
C SER A 96 13.35 -6.77 11.68
N GLY A 97 13.31 -6.41 10.38
CA GLY A 97 13.53 -7.31 9.25
C GLY A 97 12.27 -8.01 8.73
N GLU A 98 11.12 -7.74 9.34
CA GLU A 98 9.82 -8.32 8.97
C GLU A 98 9.36 -7.79 7.60
N LEU A 99 9.51 -6.48 7.35
CA LEU A 99 9.16 -5.88 6.06
C LEU A 99 10.05 -6.43 4.95
N GLN A 100 11.35 -6.56 5.19
CA GLN A 100 12.31 -7.16 4.26
C GLN A 100 11.89 -8.57 3.85
N GLU A 101 11.54 -9.42 4.82
CA GLU A 101 11.05 -10.78 4.55
C GLU A 101 9.73 -10.77 3.76
N GLN A 102 8.74 -9.97 4.18
CA GLN A 102 7.42 -9.94 3.52
C GLN A 102 7.47 -9.32 2.13
N VAL A 103 8.25 -8.25 1.91
CA VAL A 103 8.43 -7.60 0.59
C VAL A 103 9.21 -8.50 -0.37
N GLU A 104 10.24 -9.22 0.12
CA GLU A 104 10.93 -10.23 -0.69
C GLU A 104 9.97 -11.36 -1.12
N LYS A 105 9.16 -11.88 -0.19
CA LYS A 105 8.12 -12.87 -0.49
C LYS A 105 7.07 -12.32 -1.49
N ALA A 106 6.68 -11.05 -1.38
CA ALA A 106 5.75 -10.42 -2.33
C ALA A 106 6.33 -10.28 -3.74
N MET A 107 7.60 -9.88 -3.87
CA MET A 107 8.31 -9.77 -5.16
C MET A 107 8.57 -11.13 -5.81
N CYS A 108 8.83 -12.17 -5.01
CA CYS A 108 8.91 -13.57 -5.46
C CYS A 108 7.53 -14.09 -5.95
N SER A 109 6.48 -13.78 -5.17
CA SER A 109 5.05 -14.01 -5.41
C SER A 109 4.66 -15.49 -5.22
N MET A 1 -25.75 1.80 -9.22
CA MET A 1 -24.40 1.23 -9.54
C MET A 1 -23.54 1.17 -8.27
N ALA A 2 -22.91 0.01 -8.00
CA ALA A 2 -22.01 -0.20 -6.85
C ALA A 2 -20.52 -0.03 -7.22
N LEU A 3 -19.66 0.09 -6.21
CA LEU A 3 -18.20 0.18 -6.36
C LEU A 3 -17.53 -1.19 -6.65
N THR A 4 -18.15 -2.29 -6.21
CA THR A 4 -17.57 -3.65 -6.19
C THR A 4 -17.05 -4.20 -7.54
N PRO A 5 -17.70 -3.98 -8.71
CA PRO A 5 -17.16 -4.47 -9.99
C PRO A 5 -16.02 -3.60 -10.55
N ALA A 6 -15.78 -2.39 -10.01
CA ALA A 6 -14.80 -1.44 -10.52
C ALA A 6 -13.60 -1.25 -9.58
N LEU A 7 -13.85 -0.84 -8.34
CA LEU A 7 -12.83 -0.48 -7.35
C LEU A 7 -11.99 -1.69 -6.97
N LYS A 8 -12.63 -2.75 -6.46
CA LYS A 8 -11.93 -3.97 -6.00
C LYS A 8 -11.12 -4.61 -7.14
N THR A 9 -11.69 -4.65 -8.35
CA THR A 9 -11.08 -5.12 -9.60
C THR A 9 -9.86 -4.30 -10.01
N THR A 10 -9.90 -2.97 -9.86
CA THR A 10 -8.77 -2.08 -10.16
C THR A 10 -7.62 -2.32 -9.17
N LEU A 11 -7.92 -2.33 -7.87
CA LEU A 11 -6.91 -2.57 -6.84
C LEU A 11 -6.30 -3.98 -6.91
N ASP A 12 -7.10 -5.00 -7.27
CA ASP A 12 -6.61 -6.35 -7.57
C ASP A 12 -5.63 -6.36 -8.75
N LYS A 13 -5.97 -5.71 -9.88
CA LYS A 13 -5.05 -5.54 -11.01
C LYS A 13 -3.77 -4.77 -10.60
N VAL A 14 -3.90 -3.71 -9.78
CA VAL A 14 -2.74 -2.97 -9.23
C VAL A 14 -1.86 -3.87 -8.36
N VAL A 15 -2.41 -4.56 -7.34
CA VAL A 15 -1.58 -5.37 -6.43
C VAL A 15 -0.98 -6.62 -7.09
N THR A 16 -1.64 -7.21 -8.09
CA THR A 16 -1.08 -8.32 -8.88
C THR A 16 -0.01 -7.86 -9.88
N SER A 17 -0.10 -6.64 -10.39
CA SER A 17 0.90 -6.08 -11.32
C SER A 17 2.18 -5.58 -10.59
N HIS A 18 2.03 -4.94 -9.44
CA HIS A 18 3.16 -4.28 -8.73
C HIS A 18 3.63 -5.02 -7.45
N LYS A 19 2.90 -6.04 -6.98
CA LYS A 19 3.17 -6.91 -5.82
C LYS A 19 3.16 -6.20 -4.44
N VAL A 20 3.86 -5.07 -4.31
CA VAL A 20 3.91 -4.22 -3.10
C VAL A 20 3.30 -2.85 -3.42
N VAL A 21 2.27 -2.46 -2.66
CA VAL A 21 1.49 -1.24 -2.91
C VAL A 21 1.32 -0.45 -1.61
N LEU A 22 1.50 0.87 -1.69
CA LEU A 22 1.38 1.81 -0.57
C LEU A 22 0.15 2.71 -0.82
N PHE A 23 -0.73 2.82 0.17
CA PHE A 23 -1.95 3.63 0.10
C PHE A 23 -1.80 4.87 0.99
N MET A 24 -1.90 6.07 0.41
CA MET A 24 -1.75 7.37 1.07
C MET A 24 -2.46 8.47 0.27
N LYS A 25 -2.66 9.66 0.83
CA LYS A 25 -3.42 10.75 0.17
C LYS A 25 -2.64 11.53 -0.91
N GLY A 26 -1.71 10.85 -1.61
CA GLY A 26 -0.87 11.37 -2.69
C GLY A 26 -0.38 10.27 -3.64
N THR A 27 0.10 10.68 -4.83
CA THR A 27 0.66 9.80 -5.87
C THR A 27 2.12 9.44 -5.57
N LYS A 28 2.71 8.61 -6.44
CA LYS A 28 4.15 8.30 -6.42
C LYS A 28 5.01 9.56 -6.73
N ASP A 29 4.46 10.52 -7.48
CA ASP A 29 5.10 11.81 -7.81
C ASP A 29 4.89 12.89 -6.72
N PHE A 30 3.80 12.79 -5.94
CA PHE A 30 3.49 13.65 -4.78
C PHE A 30 3.40 12.81 -3.48
N PRO A 31 4.51 12.20 -3.02
CA PRO A 31 4.53 11.37 -1.81
C PRO A 31 4.25 12.21 -0.56
N GLN A 32 3.63 11.58 0.44
CA GLN A 32 3.12 12.27 1.62
C GLN A 32 4.15 12.24 2.76
N CYS A 33 4.65 13.43 3.13
CA CYS A 33 5.74 13.62 4.08
C CYS A 33 5.43 13.01 5.47
N GLY A 34 6.48 12.51 6.13
CA GLY A 34 6.38 11.69 7.34
C GLY A 34 6.44 10.21 6.99
N PHE A 35 5.75 9.37 7.78
CA PHE A 35 5.87 7.91 7.72
C PHE A 35 5.63 7.32 6.31
N SER A 36 4.65 7.82 5.55
CA SER A 36 4.35 7.28 4.21
C SER A 36 5.50 7.51 3.21
N GLN A 37 6.08 8.73 3.17
CA GLN A 37 7.31 8.99 2.40
C GLN A 37 8.44 8.09 2.88
N THR A 38 8.62 7.92 4.20
CA THR A 38 9.63 7.00 4.77
C THR A 38 9.39 5.57 4.30
N VAL A 39 8.14 5.10 4.29
CA VAL A 39 7.78 3.76 3.75
C VAL A 39 8.08 3.65 2.26
N VAL A 40 7.79 4.68 1.45
CA VAL A 40 8.18 4.73 0.04
C VAL A 40 9.71 4.60 -0.13
N GLN A 41 10.49 5.38 0.63
CA GLN A 41 11.95 5.31 0.63
C GLN A 41 12.47 3.95 1.13
N ILE A 42 11.82 3.36 2.14
CA ILE A 42 12.14 2.05 2.74
C ILE A 42 12.07 0.92 1.72
N LEU A 43 10.99 0.79 0.95
CA LEU A 43 10.85 -0.27 -0.07
C LEU A 43 11.92 -0.12 -1.16
N LYS A 44 12.01 1.11 -1.69
CA LYS A 44 12.98 1.46 -2.71
C LYS A 44 14.40 1.07 -2.26
N SER A 45 14.81 1.55 -1.08
CA SER A 45 16.14 1.34 -0.45
C SER A 45 16.42 -0.10 0.02
N LEU A 46 15.38 -0.85 0.43
CA LEU A 46 15.46 -2.30 0.70
C LEU A 46 15.97 -3.04 -0.55
N ASN A 47 15.62 -2.49 -1.73
CA ASN A 47 16.09 -2.78 -3.10
C ASN A 47 14.94 -3.40 -3.90
N ALA A 48 13.83 -2.66 -4.00
CA ALA A 48 12.58 -3.21 -4.54
C ALA A 48 11.68 -2.18 -5.25
N PRO A 49 10.88 -2.62 -6.25
CA PRO A 49 9.84 -1.81 -6.85
C PRO A 49 8.63 -1.71 -5.91
N PHE A 50 7.76 -0.73 -6.19
CA PHE A 50 6.59 -0.38 -5.39
C PHE A 50 5.60 0.45 -6.22
N GLU A 51 4.36 0.60 -5.76
CA GLU A 51 3.41 1.55 -6.35
C GLU A 51 2.65 2.32 -5.26
N SER A 52 2.27 3.56 -5.54
CA SER A 52 1.55 4.43 -4.59
C SER A 52 0.13 4.73 -5.09
N VAL A 53 -0.89 4.31 -4.32
CA VAL A 53 -2.31 4.56 -4.61
C VAL A 53 -2.75 5.84 -3.88
N ASN A 54 -3.25 6.82 -4.64
CA ASN A 54 -3.69 8.13 -4.17
C ASN A 54 -5.13 8.08 -3.60
N ILE A 55 -5.25 7.87 -2.28
CA ILE A 55 -6.54 7.85 -1.55
C ILE A 55 -7.06 9.28 -1.32
N LEU A 56 -8.25 9.43 -0.72
CA LEU A 56 -8.84 10.67 -0.21
C LEU A 56 -9.38 11.58 -1.32
N GLU A 57 -8.55 11.90 -2.32
CA GLU A 57 -8.87 12.83 -3.41
C GLU A 57 -9.96 12.27 -4.34
N ASN A 58 -9.86 10.99 -4.70
CA ASN A 58 -10.84 10.29 -5.55
C ASN A 58 -11.96 9.67 -4.69
N GLU A 59 -13.22 9.93 -5.05
CA GLU A 59 -14.40 9.53 -4.29
C GLU A 59 -14.63 8.01 -4.27
N LEU A 60 -14.42 7.31 -5.40
CA LEU A 60 -14.57 5.86 -5.50
C LEU A 60 -13.59 5.13 -4.56
N LEU A 61 -12.33 5.60 -4.49
CA LEU A 61 -11.35 5.12 -3.51
C LEU A 61 -11.76 5.49 -2.08
N ARG A 62 -12.15 6.75 -1.84
CA ARG A 62 -12.59 7.23 -0.52
C ARG A 62 -13.72 6.36 0.08
N GLN A 63 -14.67 5.93 -0.76
CA GLN A 63 -15.81 5.10 -0.36
C GLN A 63 -15.47 3.59 -0.31
N GLY A 64 -14.64 3.07 -1.23
CA GLY A 64 -14.36 1.64 -1.37
C GLY A 64 -13.21 1.10 -0.52
N LEU A 65 -12.27 1.97 -0.10
CA LEU A 65 -11.19 1.61 0.84
C LEU A 65 -11.73 1.43 2.27
N LYS A 66 -10.85 1.00 3.19
CA LYS A 66 -11.14 0.54 4.56
C LYS A 66 -11.79 -0.86 4.53
N GLU A 67 -12.87 -1.00 3.75
CA GLU A 67 -13.58 -2.25 3.49
C GLU A 67 -12.76 -3.22 2.62
N TYR A 68 -12.03 -2.70 1.61
CA TYR A 68 -11.26 -3.53 0.68
C TYR A 68 -10.11 -4.31 1.36
N SER A 69 -9.29 -3.63 2.17
CA SER A 69 -8.11 -4.24 2.81
C SER A 69 -8.36 -4.71 4.26
N SER A 70 -9.44 -4.25 4.90
CA SER A 70 -9.87 -4.49 6.30
C SER A 70 -9.16 -3.60 7.34
N TRP A 71 -8.10 -2.86 6.96
CA TRP A 71 -7.40 -1.94 7.85
C TRP A 71 -8.28 -0.73 8.22
N PRO A 72 -8.40 -0.34 9.52
CA PRO A 72 -9.37 0.65 9.97
C PRO A 72 -9.03 2.11 9.63
N THR A 73 -7.74 2.49 9.66
CA THR A 73 -7.31 3.90 9.57
C THR A 73 -6.06 4.04 8.70
N PHE A 74 -6.27 4.27 7.40
CA PHE A 74 -5.22 4.56 6.41
C PHE A 74 -4.45 5.84 6.77
N PRO A 75 -3.21 6.08 6.28
CA PRO A 75 -2.39 5.27 5.36
C PRO A 75 -2.04 3.85 5.82
N GLN A 76 -1.63 2.99 4.88
CA GLN A 76 -1.25 1.59 5.11
C GLN A 76 -0.53 0.96 3.90
N LEU A 77 0.32 -0.04 4.16
CA LEU A 77 0.98 -0.87 3.14
C LEU A 77 0.17 -2.16 2.88
N TYR A 78 0.21 -2.61 1.63
CA TYR A 78 -0.56 -3.75 1.08
C TYR A 78 0.32 -4.60 0.16
N ILE A 79 0.21 -5.93 0.23
CA ILE A 79 1.08 -6.91 -0.45
C ILE A 79 0.28 -8.13 -0.93
N ASP A 80 0.42 -8.46 -2.22
CA ASP A 80 -0.10 -9.70 -2.84
C ASP A 80 -1.61 -9.99 -2.59
N GLY A 81 -2.41 -8.96 -2.27
CA GLY A 81 -3.85 -9.08 -1.96
C GLY A 81 -4.18 -9.12 -0.47
N GLU A 82 -3.26 -8.76 0.43
CA GLU A 82 -3.47 -8.68 1.88
C GLU A 82 -2.76 -7.44 2.47
N PHE A 83 -3.30 -6.87 3.56
CA PHE A 83 -2.70 -5.71 4.20
C PHE A 83 -1.54 -6.10 5.14
N PHE A 84 -0.56 -5.18 5.28
CA PHE A 84 0.55 -5.32 6.23
C PHE A 84 0.28 -4.55 7.53
N GLY A 85 -0.16 -3.28 7.40
CA GLY A 85 -0.45 -2.37 8.52
C GLY A 85 -0.11 -0.92 8.19
N GLY A 86 -0.21 -0.04 9.20
CA GLY A 86 0.06 1.40 9.08
C GLY A 86 1.51 1.73 8.76
N CYS A 87 1.78 2.96 8.32
CA CYS A 87 3.12 3.38 7.87
C CYS A 87 4.15 3.40 9.02
N ASP A 88 3.78 3.90 10.20
CA ASP A 88 4.64 3.87 11.39
C ASP A 88 5.00 2.43 11.78
N ILE A 89 4.01 1.51 11.76
CA ILE A 89 4.23 0.08 11.99
C ILE A 89 5.19 -0.49 10.94
N THR A 90 5.04 -0.09 9.67
CA THR A 90 5.91 -0.48 8.55
C THR A 90 7.34 0.03 8.75
N VAL A 91 7.52 1.27 9.20
CA VAL A 91 8.84 1.82 9.52
C VAL A 91 9.53 1.01 10.64
N GLU A 92 8.83 0.66 11.71
CA GLU A 92 9.38 -0.17 12.80
C GLU A 92 9.61 -1.64 12.39
N ALA A 93 8.76 -2.19 11.51
CA ALA A 93 8.92 -3.52 10.95
C ALA A 93 10.14 -3.64 10.03
N TYR A 94 10.47 -2.60 9.27
CA TYR A 94 11.72 -2.52 8.50
C TYR A 94 12.96 -2.53 9.41
N LYS A 95 12.93 -1.76 10.51
CA LYS A 95 13.98 -1.80 11.54
C LYS A 95 14.08 -3.19 12.22
N SER A 96 12.95 -3.88 12.37
CA SER A 96 12.87 -5.20 13.03
C SER A 96 13.14 -6.39 12.09
N GLY A 97 13.19 -6.16 10.76
CA GLY A 97 13.42 -7.19 9.72
C GLY A 97 12.14 -7.91 9.25
N GLU A 98 10.99 -7.56 9.82
CA GLU A 98 9.71 -8.23 9.57
C GLU A 98 9.13 -7.83 8.20
N LEU A 99 9.31 -6.56 7.80
CA LEU A 99 8.90 -6.10 6.46
C LEU A 99 9.70 -6.81 5.37
N GLN A 100 11.03 -6.97 5.53
CA GLN A 100 11.88 -7.71 4.61
C GLN A 100 11.35 -9.14 4.40
N GLU A 101 11.04 -9.85 5.49
CA GLU A 101 10.51 -11.22 5.43
C GLU A 101 9.20 -11.30 4.63
N GLN A 102 8.23 -10.40 4.91
CA GLN A 102 6.96 -10.38 4.20
C GLN A 102 7.06 -9.85 2.76
N VAL A 103 7.92 -8.87 2.48
CA VAL A 103 8.17 -8.37 1.11
C VAL A 103 8.83 -9.44 0.25
N GLU A 104 9.81 -10.19 0.77
CA GLU A 104 10.39 -11.34 0.07
C GLU A 104 9.31 -12.39 -0.24
N LYS A 105 8.45 -12.72 0.73
CA LYS A 105 7.33 -13.64 0.52
C LYS A 105 6.35 -13.13 -0.55
N ALA A 106 6.01 -11.84 -0.55
CA ALA A 106 5.15 -11.21 -1.55
C ALA A 106 5.77 -11.25 -2.97
N MET A 107 7.08 -11.05 -3.09
CA MET A 107 7.82 -11.13 -4.37
C MET A 107 7.92 -12.57 -4.89
N CYS A 108 8.05 -13.57 -4.00
CA CYS A 108 7.96 -15.00 -4.36
C CYS A 108 6.54 -15.39 -4.83
N SER A 109 5.51 -14.81 -4.18
CA SER A 109 4.08 -14.86 -4.54
C SER A 109 3.46 -16.26 -4.36
N MET A 1 -23.61 -6.79 -5.39
CA MET A 1 -22.23 -6.27 -5.66
C MET A 1 -21.65 -5.63 -4.39
N ALA A 2 -20.40 -5.96 -4.05
CA ALA A 2 -19.61 -5.29 -3.00
C ALA A 2 -18.78 -4.16 -3.64
N LEU A 3 -17.47 -4.39 -3.88
CA LEU A 3 -16.63 -3.48 -4.68
C LEU A 3 -16.98 -3.64 -6.17
N THR A 4 -16.67 -2.62 -6.98
CA THR A 4 -16.84 -2.68 -8.44
C THR A 4 -15.83 -3.65 -9.05
N PRO A 5 -16.17 -4.40 -10.12
CA PRO A 5 -15.22 -5.19 -10.89
C PRO A 5 -14.02 -4.37 -11.36
N ALA A 6 -14.22 -3.09 -11.71
CA ALA A 6 -13.16 -2.16 -12.08
C ALA A 6 -12.12 -1.94 -10.96
N LEU A 7 -12.56 -1.68 -9.72
CA LEU A 7 -11.64 -1.53 -8.59
C LEU A 7 -10.92 -2.86 -8.31
N LYS A 8 -11.66 -3.97 -8.26
CA LYS A 8 -11.08 -5.29 -7.98
C LYS A 8 -10.00 -5.67 -9.01
N THR A 9 -10.26 -5.42 -10.30
CA THR A 9 -9.34 -5.65 -11.43
C THR A 9 -8.12 -4.74 -11.35
N THR A 10 -8.32 -3.45 -11.03
CA THR A 10 -7.24 -2.46 -10.88
C THR A 10 -6.29 -2.86 -9.76
N LEU A 11 -6.83 -3.11 -8.56
CA LEU A 11 -6.06 -3.52 -7.38
C LEU A 11 -5.29 -4.82 -7.65
N ASP A 12 -5.95 -5.86 -8.16
CA ASP A 12 -5.31 -7.14 -8.50
C ASP A 12 -4.16 -6.97 -9.50
N LYS A 13 -4.36 -6.23 -10.61
CA LYS A 13 -3.30 -5.97 -11.59
C LYS A 13 -2.17 -5.13 -10.99
N VAL A 14 -2.46 -4.06 -10.26
CA VAL A 14 -1.44 -3.20 -9.64
C VAL A 14 -0.65 -3.97 -8.57
N VAL A 15 -1.32 -4.68 -7.65
CA VAL A 15 -0.68 -5.35 -6.51
C VAL A 15 0.12 -6.60 -6.91
N THR A 16 -0.17 -7.21 -8.07
CA THR A 16 0.60 -8.35 -8.61
C THR A 16 1.71 -7.93 -9.57
N SER A 17 1.48 -6.90 -10.40
CA SER A 17 2.48 -6.44 -11.38
C SER A 17 3.63 -5.66 -10.71
N HIS A 18 3.32 -4.76 -9.75
CA HIS A 18 4.32 -3.97 -9.02
C HIS A 18 4.70 -4.57 -7.65
N LYS A 19 3.96 -5.58 -7.17
CA LYS A 19 4.17 -6.33 -5.90
C LYS A 19 4.04 -5.51 -4.60
N VAL A 20 4.55 -4.28 -4.54
CA VAL A 20 4.48 -3.37 -3.38
C VAL A 20 3.76 -2.08 -3.81
N VAL A 21 2.72 -1.65 -3.07
CA VAL A 21 2.00 -0.38 -3.37
C VAL A 21 1.38 0.24 -2.13
N LEU A 22 1.48 1.57 -2.01
CA LEU A 22 0.99 2.36 -0.87
C LEU A 22 -0.18 3.27 -1.30
N PHE A 23 -1.30 3.23 -0.56
CA PHE A 23 -2.46 4.10 -0.79
C PHE A 23 -2.57 5.16 0.30
N MET A 24 -2.70 6.42 -0.12
CA MET A 24 -2.71 7.63 0.74
C MET A 24 -3.31 8.83 0.00
N LYS A 25 -3.32 10.03 0.60
CA LYS A 25 -3.76 11.28 -0.08
C LYS A 25 -2.69 11.83 -1.06
N GLY A 26 -2.20 10.98 -1.97
CA GLY A 26 -1.06 11.27 -2.86
C GLY A 26 -0.53 10.06 -3.62
N THR A 27 0.33 10.32 -4.61
CA THR A 27 0.90 9.34 -5.55
C THR A 27 2.41 9.17 -5.35
N LYS A 28 3.06 8.37 -6.19
CA LYS A 28 4.53 8.27 -6.23
C LYS A 28 5.19 9.60 -6.68
N ASP A 29 4.51 10.36 -7.55
CA ASP A 29 4.95 11.68 -8.04
C ASP A 29 4.66 12.81 -7.03
N PHE A 30 3.57 12.68 -6.27
CA PHE A 30 3.16 13.63 -5.22
C PHE A 30 3.01 12.90 -3.86
N PRO A 31 4.13 12.59 -3.17
CA PRO A 31 4.12 11.93 -1.87
C PRO A 31 3.67 12.88 -0.75
N GLN A 32 3.31 12.32 0.42
CA GLN A 32 2.92 13.08 1.61
C GLN A 32 4.01 13.03 2.69
N CYS A 33 4.25 14.18 3.34
CA CYS A 33 5.34 14.40 4.29
C CYS A 33 5.21 13.58 5.58
N GLY A 34 6.36 13.38 6.27
CA GLY A 34 6.43 12.71 7.57
C GLY A 34 6.43 11.18 7.45
N PHE A 35 5.43 10.52 8.02
CA PHE A 35 5.35 9.06 8.08
C PHE A 35 5.34 8.40 6.70
N SER A 36 4.54 8.90 5.75
CA SER A 36 4.47 8.31 4.40
C SER A 36 5.77 8.54 3.60
N GLN A 37 6.33 9.76 3.63
CA GLN A 37 7.65 10.08 3.06
C GLN A 37 8.73 9.13 3.62
N THR A 38 8.73 8.90 4.93
CA THR A 38 9.61 7.94 5.62
C THR A 38 9.38 6.53 5.09
N VAL A 39 8.12 6.08 5.03
CA VAL A 39 7.76 4.75 4.54
C VAL A 39 8.13 4.53 3.07
N VAL A 40 7.88 5.47 2.16
CA VAL A 40 8.26 5.29 0.76
C VAL A 40 9.78 5.28 0.58
N GLN A 41 10.53 6.06 1.36
CA GLN A 41 12.00 6.00 1.38
C GLN A 41 12.52 4.68 1.99
N ILE A 42 11.86 4.16 3.03
CA ILE A 42 12.13 2.83 3.61
C ILE A 42 11.96 1.73 2.56
N LEU A 43 10.84 1.69 1.84
CA LEU A 43 10.56 0.68 0.81
C LEU A 43 11.61 0.73 -0.31
N LYS A 44 11.85 1.92 -0.87
CA LYS A 44 12.91 2.14 -1.86
C LYS A 44 14.22 1.50 -1.38
N SER A 45 14.71 1.95 -0.22
CA SER A 45 16.00 1.56 0.41
C SER A 45 16.08 0.06 0.78
N LEU A 46 14.95 -0.55 1.18
CA LEU A 46 14.81 -1.99 1.41
C LEU A 46 15.00 -2.80 0.11
N ASN A 47 14.83 -2.14 -1.04
CA ASN A 47 15.13 -2.51 -2.44
C ASN A 47 13.83 -2.77 -3.23
N ALA A 48 12.79 -1.96 -2.97
CA ALA A 48 11.44 -2.24 -3.48
C ALA A 48 11.14 -1.57 -4.84
N PRO A 49 10.50 -2.29 -5.80
CA PRO A 49 9.98 -1.73 -7.05
C PRO A 49 8.56 -1.14 -6.78
N PHE A 50 8.43 -0.34 -5.72
CA PHE A 50 7.15 0.12 -5.18
C PHE A 50 6.39 1.10 -6.10
N GLU A 51 5.10 1.28 -5.78
CA GLU A 51 4.22 2.29 -6.35
C GLU A 51 3.48 3.03 -5.23
N SER A 52 2.78 4.12 -5.55
CA SER A 52 1.88 4.80 -4.62
C SER A 52 0.70 5.44 -5.36
N VAL A 53 -0.51 5.32 -4.82
CA VAL A 53 -1.77 5.67 -5.50
C VAL A 53 -2.68 6.50 -4.59
N ASN A 54 -3.35 7.51 -5.15
CA ASN A 54 -4.17 8.43 -4.36
C ASN A 54 -5.56 7.86 -4.00
N ILE A 55 -6.02 8.18 -2.78
CA ILE A 55 -7.40 7.95 -2.32
C ILE A 55 -8.27 9.19 -2.68
N LEU A 56 -9.54 9.19 -2.22
CA LEU A 56 -10.51 10.31 -2.25
C LEU A 56 -11.03 10.64 -3.67
N GLU A 57 -11.99 11.58 -3.73
CA GLU A 57 -12.75 12.05 -4.90
C GLU A 57 -13.86 11.04 -5.26
N ASN A 58 -13.57 10.01 -6.06
CA ASN A 58 -14.52 8.95 -6.42
C ASN A 58 -14.85 8.07 -5.19
N GLU A 59 -16.11 7.64 -5.02
CA GLU A 59 -16.55 6.88 -3.83
C GLU A 59 -15.75 5.58 -3.60
N LEU A 60 -15.39 4.86 -4.66
CA LEU A 60 -14.56 3.64 -4.57
C LEU A 60 -13.13 3.97 -4.11
N LEU A 61 -12.63 5.19 -4.35
CA LEU A 61 -11.37 5.70 -3.80
C LEU A 61 -11.54 6.33 -2.40
N ARG A 62 -12.76 6.67 -1.96
CA ARG A 62 -13.05 7.11 -0.57
C ARG A 62 -13.16 5.91 0.39
N GLN A 63 -13.99 4.92 0.05
CA GLN A 63 -14.36 3.81 0.94
C GLN A 63 -13.96 2.42 0.41
N GLY A 64 -13.71 2.26 -0.90
CA GLY A 64 -13.50 0.94 -1.50
C GLY A 64 -12.19 0.28 -1.08
N LEU A 65 -11.14 1.06 -0.82
CA LEU A 65 -9.88 0.54 -0.25
C LEU A 65 -10.08 0.00 1.17
N LYS A 66 -10.86 0.70 2.01
CA LYS A 66 -11.19 0.24 3.37
C LYS A 66 -11.98 -1.08 3.34
N GLU A 67 -12.98 -1.17 2.47
CA GLU A 67 -13.81 -2.37 2.32
C GLU A 67 -13.04 -3.55 1.70
N TYR A 68 -12.16 -3.32 0.72
CA TYR A 68 -11.34 -4.36 0.09
C TYR A 68 -10.25 -4.91 1.05
N SER A 69 -9.54 -4.03 1.76
CA SER A 69 -8.44 -4.42 2.67
C SER A 69 -8.88 -4.80 4.09
N SER A 70 -10.10 -4.42 4.51
CA SER A 70 -10.66 -4.52 5.88
C SER A 70 -10.00 -3.57 6.90
N TRP A 71 -8.96 -2.83 6.50
CA TRP A 71 -8.23 -1.88 7.35
C TRP A 71 -9.05 -0.59 7.56
N PRO A 72 -9.26 -0.14 8.82
CA PRO A 72 -9.87 1.15 9.11
C PRO A 72 -8.86 2.28 8.92
N THR A 73 -9.33 3.43 8.42
CA THR A 73 -8.55 4.67 8.14
C THR A 73 -7.49 4.45 7.04
N PHE A 74 -6.50 5.35 6.97
CA PHE A 74 -5.42 5.40 5.97
C PHE A 74 -4.11 5.92 6.61
N PRO A 75 -2.92 5.75 5.98
CA PRO A 75 -2.63 4.98 4.75
C PRO A 75 -2.92 3.46 4.85
N GLN A 76 -2.81 2.76 3.73
CA GLN A 76 -2.84 1.29 3.65
C GLN A 76 -1.70 0.82 2.72
N LEU A 77 -0.79 -0.01 3.23
CA LEU A 77 0.31 -0.60 2.45
C LEU A 77 -0.08 -2.04 2.03
N TYR A 78 -0.06 -2.31 0.72
CA TYR A 78 -0.36 -3.60 0.12
C TYR A 78 0.92 -4.30 -0.38
N ILE A 79 1.06 -5.60 -0.09
CA ILE A 79 2.14 -6.46 -0.61
C ILE A 79 1.58 -7.76 -1.20
N ASP A 80 1.69 -7.92 -2.53
CA ASP A 80 1.37 -9.14 -3.29
C ASP A 80 -0.11 -9.62 -3.14
N GLY A 81 -1.00 -8.73 -2.67
CA GLY A 81 -2.42 -9.01 -2.37
C GLY A 81 -2.74 -9.12 -0.87
N GLU A 82 -1.75 -9.03 0.01
CA GLU A 82 -1.89 -9.01 1.47
C GLU A 82 -1.76 -7.57 2.02
N PHE A 83 -2.46 -7.29 3.12
CA PHE A 83 -2.59 -5.96 3.73
C PHE A 83 -1.70 -5.83 4.98
N PHE A 84 -0.95 -4.73 5.07
CA PHE A 84 0.02 -4.49 6.14
C PHE A 84 -0.50 -3.58 7.26
N GLY A 85 -1.43 -2.67 6.93
CA GLY A 85 -1.89 -1.58 7.79
C GLY A 85 -1.28 -0.24 7.39
N GLY A 86 -1.24 0.70 8.34
CA GLY A 86 -0.74 2.07 8.15
C GLY A 86 0.77 2.22 8.34
N CYS A 87 1.28 3.39 7.96
CA CYS A 87 2.73 3.70 7.93
C CYS A 87 3.44 3.53 9.28
N ASP A 88 2.79 3.82 10.39
CA ASP A 88 3.35 3.62 11.74
C ASP A 88 3.69 2.15 12.00
N ILE A 89 2.82 1.23 11.57
CA ILE A 89 3.06 -0.23 11.64
C ILE A 89 4.25 -0.59 10.73
N THR A 90 4.35 0.00 9.53
CA THR A 90 5.48 -0.20 8.60
C THR A 90 6.80 0.27 9.24
N VAL A 91 6.82 1.45 9.88
CA VAL A 91 8.00 1.96 10.57
C VAL A 91 8.43 1.04 11.73
N GLU A 92 7.49 0.54 12.55
CA GLU A 92 7.81 -0.42 13.61
C GLU A 92 8.31 -1.76 13.05
N ALA A 93 7.70 -2.27 11.98
CA ALA A 93 8.10 -3.51 11.32
C ALA A 93 9.47 -3.42 10.64
N TYR A 94 9.86 -2.25 10.13
CA TYR A 94 11.22 -2.01 9.62
C TYR A 94 12.26 -2.01 10.76
N LYS A 95 11.91 -1.51 11.94
CA LYS A 95 12.77 -1.54 13.14
C LYS A 95 12.94 -2.94 13.76
N SER A 96 11.93 -3.82 13.69
CA SER A 96 12.02 -5.21 14.16
C SER A 96 12.54 -6.20 13.10
N GLY A 97 12.55 -5.81 11.81
CA GLY A 97 12.92 -6.66 10.67
C GLY A 97 11.76 -7.43 10.06
N GLU A 98 10.54 -7.26 10.59
CA GLU A 98 9.31 -7.91 10.13
C GLU A 98 8.87 -7.42 8.74
N LEU A 99 9.16 -6.15 8.40
CA LEU A 99 8.93 -5.62 7.06
C LEU A 99 9.88 -6.29 6.06
N GLN A 100 11.17 -6.38 6.37
CA GLN A 100 12.17 -7.06 5.53
C GLN A 100 11.76 -8.52 5.27
N GLU A 101 11.37 -9.25 6.31
CA GLU A 101 10.88 -10.63 6.20
C GLU A 101 9.66 -10.73 5.26
N GLN A 102 8.63 -9.90 5.46
CA GLN A 102 7.41 -9.96 4.66
C GLN A 102 7.59 -9.42 3.24
N VAL A 103 8.39 -8.37 3.03
CA VAL A 103 8.70 -7.81 1.70
C VAL A 103 9.56 -8.78 0.88
N GLU A 104 10.53 -9.46 1.50
CA GLU A 104 11.27 -10.54 0.83
C GLU A 104 10.31 -11.68 0.41
N LYS A 105 9.41 -12.12 1.29
CA LYS A 105 8.38 -13.11 0.95
C LYS A 105 7.43 -12.62 -0.15
N ALA A 106 7.07 -11.32 -0.19
CA ALA A 106 6.28 -10.71 -1.25
C ALA A 106 6.99 -10.70 -2.61
N MET A 107 8.32 -10.50 -2.62
CA MET A 107 9.14 -10.56 -3.84
C MET A 107 9.34 -12.01 -4.33
N CYS A 108 9.57 -12.96 -3.41
CA CYS A 108 9.77 -14.38 -3.74
C CYS A 108 8.48 -15.10 -4.19
N SER A 109 7.35 -14.77 -3.53
CA SER A 109 5.98 -15.31 -3.66
C SER A 109 5.89 -16.76 -4.18
N MET A 1 -23.62 -5.31 -9.65
CA MET A 1 -23.09 -5.20 -8.25
C MET A 1 -22.17 -3.98 -8.11
N ALA A 2 -22.22 -3.29 -6.97
CA ALA A 2 -21.35 -2.14 -6.66
C ALA A 2 -19.90 -2.55 -6.33
N LEU A 3 -18.95 -1.65 -6.60
CA LEU A 3 -17.50 -1.73 -6.29
C LEU A 3 -16.73 -2.70 -7.20
N THR A 4 -17.22 -3.94 -7.32
CA THR A 4 -16.60 -5.06 -8.02
C THR A 4 -16.05 -4.72 -9.42
N PRO A 5 -16.82 -4.14 -10.36
CA PRO A 5 -16.35 -3.88 -11.72
C PRO A 5 -15.39 -2.67 -11.85
N ALA A 6 -15.27 -1.82 -10.81
CA ALA A 6 -14.48 -0.58 -10.87
C ALA A 6 -13.39 -0.57 -9.79
N LEU A 7 -13.77 -0.37 -8.52
CA LEU A 7 -12.84 -0.29 -7.39
C LEU A 7 -12.06 -1.59 -7.20
N LYS A 8 -12.74 -2.69 -6.92
CA LYS A 8 -12.06 -3.96 -6.57
C LYS A 8 -11.27 -4.53 -7.76
N THR A 9 -11.74 -4.29 -9.00
CA THR A 9 -11.04 -4.59 -10.26
C THR A 9 -9.74 -3.78 -10.39
N THR A 10 -9.77 -2.47 -10.10
CA THR A 10 -8.58 -1.60 -10.16
C THR A 10 -7.57 -2.01 -9.08
N LEU A 11 -8.05 -2.19 -7.84
CA LEU A 11 -7.23 -2.63 -6.70
C LEU A 11 -6.53 -3.96 -7.03
N ASP A 12 -7.27 -4.99 -7.42
CA ASP A 12 -6.72 -6.31 -7.78
C ASP A 12 -5.64 -6.19 -8.87
N LYS A 13 -5.90 -5.42 -9.94
CA LYS A 13 -4.91 -5.15 -10.99
C LYS A 13 -3.65 -4.49 -10.42
N VAL A 14 -3.76 -3.39 -9.65
CA VAL A 14 -2.56 -2.71 -9.15
C VAL A 14 -1.81 -3.50 -8.07
N VAL A 15 -2.50 -4.23 -7.17
CA VAL A 15 -1.83 -5.00 -6.10
C VAL A 15 -1.21 -6.32 -6.57
N THR A 16 -1.55 -6.81 -7.79
CA THR A 16 -0.93 -7.99 -8.41
C THR A 16 0.09 -7.63 -9.49
N SER A 17 -0.16 -6.62 -10.30
CA SER A 17 0.74 -6.20 -11.39
C SER A 17 1.92 -5.37 -10.87
N HIS A 18 1.65 -4.31 -10.07
CA HIS A 18 2.68 -3.45 -9.49
C HIS A 18 3.19 -3.97 -8.13
N LYS A 19 2.46 -4.89 -7.51
CA LYS A 19 2.78 -5.67 -6.28
C LYS A 19 2.89 -4.84 -4.99
N VAL A 20 3.67 -3.76 -4.97
CA VAL A 20 3.89 -2.89 -3.79
C VAL A 20 3.06 -1.62 -3.96
N VAL A 21 2.10 -1.37 -3.07
CA VAL A 21 1.16 -0.24 -3.20
C VAL A 21 0.98 0.48 -1.85
N LEU A 22 1.05 1.81 -1.87
CA LEU A 22 0.79 2.71 -0.74
C LEU A 22 -0.53 3.43 -0.96
N PHE A 23 -1.34 3.56 0.09
CA PHE A 23 -2.63 4.23 0.07
C PHE A 23 -2.69 5.34 1.14
N MET A 24 -2.85 6.58 0.68
CA MET A 24 -2.86 7.82 1.47
C MET A 24 -3.39 8.99 0.62
N LYS A 25 -3.30 10.24 1.06
CA LYS A 25 -3.72 11.41 0.25
C LYS A 25 -2.63 11.84 -0.76
N GLY A 26 -1.36 11.66 -0.39
CA GLY A 26 -0.18 11.98 -1.22
C GLY A 26 0.06 10.97 -2.36
N THR A 27 0.72 11.43 -3.43
CA THR A 27 1.10 10.64 -4.61
C THR A 27 2.55 10.14 -4.49
N LYS A 28 3.04 9.41 -5.49
CA LYS A 28 4.46 9.03 -5.57
C LYS A 28 5.39 10.19 -5.97
N ASP A 29 4.85 11.26 -6.56
CA ASP A 29 5.56 12.52 -6.85
C ASP A 29 5.53 13.49 -5.65
N PHE A 30 4.48 13.42 -4.82
CA PHE A 30 4.31 14.18 -3.57
C PHE A 30 3.92 13.26 -2.39
N PRO A 31 4.85 12.44 -1.87
CA PRO A 31 4.61 11.60 -0.70
C PRO A 31 4.50 12.45 0.57
N GLN A 32 3.83 11.92 1.61
CA GLN A 32 3.55 12.64 2.84
C GLN A 32 4.74 12.54 3.83
N CYS A 33 5.22 13.68 4.30
CA CYS A 33 6.33 13.79 5.25
C CYS A 33 6.07 13.05 6.56
N GLY A 34 7.11 12.45 7.13
CA GLY A 34 7.03 11.54 8.28
C GLY A 34 7.04 10.07 7.85
N PHE A 35 6.32 9.22 8.59
CA PHE A 35 6.38 7.76 8.46
C PHE A 35 6.10 7.25 7.04
N SER A 36 5.19 7.85 6.28
CA SER A 36 4.94 7.47 4.87
C SER A 36 6.16 7.74 3.98
N GLN A 37 6.79 8.91 4.05
CA GLN A 37 8.06 9.19 3.35
C GLN A 37 9.14 8.19 3.78
N THR A 38 9.26 7.88 5.08
CA THR A 38 10.18 6.86 5.60
C THR A 38 9.90 5.50 5.00
N VAL A 39 8.64 5.07 4.96
CA VAL A 39 8.21 3.81 4.31
C VAL A 39 8.52 3.81 2.81
N VAL A 40 8.27 4.92 2.10
CA VAL A 40 8.63 5.08 0.68
C VAL A 40 10.15 4.92 0.48
N GLN A 41 10.97 5.56 1.32
CA GLN A 41 12.44 5.41 1.28
C GLN A 41 12.88 3.99 1.63
N ILE A 42 12.26 3.34 2.63
CA ILE A 42 12.55 1.96 3.07
C ILE A 42 12.33 0.95 1.93
N LEU A 43 11.17 0.96 1.27
CA LEU A 43 10.85 0.01 0.18
C LEU A 43 11.80 0.22 -1.00
N LYS A 44 11.92 1.48 -1.44
CA LYS A 44 12.83 1.88 -2.51
C LYS A 44 14.25 1.34 -2.25
N SER A 45 14.82 1.66 -1.08
CA SER A 45 16.19 1.33 -0.65
C SER A 45 16.42 -0.17 -0.38
N LEU A 46 15.39 -0.90 0.09
CA LEU A 46 15.40 -2.36 0.21
C LEU A 46 15.63 -3.03 -1.16
N ASN A 47 15.19 -2.34 -2.22
CA ASN A 47 15.42 -2.56 -3.66
C ASN A 47 14.12 -2.98 -4.35
N ALA A 48 13.13 -2.07 -4.32
CA ALA A 48 11.77 -2.38 -4.78
C ALA A 48 11.02 -1.15 -5.34
N PRO A 49 10.02 -1.36 -6.23
CA PRO A 49 9.09 -0.32 -6.65
C PRO A 49 8.07 -0.03 -5.54
N PHE A 50 7.25 1.00 -5.76
CA PHE A 50 6.12 1.38 -4.91
C PHE A 50 5.14 2.28 -5.70
N GLU A 51 3.85 2.15 -5.42
CA GLU A 51 2.79 2.98 -6.03
C GLU A 51 1.99 3.69 -4.95
N SER A 52 2.34 4.94 -4.62
CA SER A 52 1.55 5.77 -3.70
C SER A 52 0.29 6.30 -4.41
N VAL A 53 -0.84 5.61 -4.20
CA VAL A 53 -2.16 5.94 -4.75
C VAL A 53 -2.89 6.94 -3.83
N ASN A 54 -3.40 8.02 -4.42
CA ASN A 54 -4.25 9.00 -3.74
C ASN A 54 -5.67 8.43 -3.50
N ILE A 55 -6.00 8.11 -2.25
CA ILE A 55 -7.33 7.56 -1.88
C ILE A 55 -8.47 8.58 -1.96
N LEU A 56 -8.16 9.87 -1.77
CA LEU A 56 -9.14 10.94 -1.63
C LEU A 56 -9.71 11.40 -2.99
N GLU A 57 -9.01 11.12 -4.09
CA GLU A 57 -9.38 11.52 -5.45
C GLU A 57 -10.74 10.96 -5.90
N ASN A 58 -11.03 9.68 -5.62
CA ASN A 58 -12.19 8.95 -6.16
C ASN A 58 -13.14 8.48 -5.05
N GLU A 59 -14.45 8.75 -5.17
CA GLU A 59 -15.44 8.56 -4.11
C GLU A 59 -15.61 7.10 -3.65
N LEU A 60 -15.40 6.11 -4.54
CA LEU A 60 -15.41 4.69 -4.17
C LEU A 60 -14.16 4.34 -3.35
N LEU A 61 -12.98 4.67 -3.85
CA LEU A 61 -11.67 4.42 -3.22
C LEU A 61 -11.55 5.09 -1.84
N ARG A 62 -12.19 6.26 -1.70
CA ARG A 62 -12.32 7.03 -0.44
C ARG A 62 -13.05 6.24 0.68
N GLN A 63 -13.86 5.23 0.34
CA GLN A 63 -14.77 4.54 1.26
C GLN A 63 -14.55 3.01 1.32
N GLY A 64 -14.62 2.31 0.17
CA GLY A 64 -14.65 0.84 0.11
C GLY A 64 -13.31 0.15 0.37
N LEU A 65 -12.18 0.85 0.25
CA LEU A 65 -10.84 0.31 0.47
C LEU A 65 -10.65 -0.23 1.89
N LYS A 66 -11.29 0.39 2.88
CA LYS A 66 -11.27 -0.06 4.29
C LYS A 66 -11.83 -1.49 4.46
N GLU A 67 -12.87 -1.83 3.69
CA GLU A 67 -13.48 -3.16 3.67
C GLU A 67 -12.72 -4.14 2.76
N TYR A 68 -12.09 -3.65 1.69
CA TYR A 68 -11.25 -4.46 0.80
C TYR A 68 -10.02 -5.05 1.52
N SER A 69 -9.36 -4.26 2.39
CA SER A 69 -8.29 -4.75 3.26
C SER A 69 -8.86 -5.41 4.54
N SER A 70 -9.47 -4.61 5.42
CA SER A 70 -9.96 -4.80 6.81
C SER A 70 -9.33 -3.77 7.77
N TRP A 71 -8.28 -3.06 7.33
CA TRP A 71 -7.52 -2.10 8.14
C TRP A 71 -8.33 -0.82 8.43
N PRO A 72 -8.45 -0.38 9.70
CA PRO A 72 -9.10 0.86 10.07
C PRO A 72 -8.15 2.05 9.85
N THR A 73 -8.69 3.17 9.34
CA THR A 73 -8.02 4.46 9.06
C THR A 73 -6.95 4.35 7.97
N PHE A 74 -6.21 5.46 7.74
CA PHE A 74 -5.11 5.58 6.78
C PHE A 74 -3.94 6.38 7.40
N PRO A 75 -2.68 6.29 6.89
CA PRO A 75 -2.20 5.52 5.75
C PRO A 75 -2.36 3.99 5.85
N GLN A 76 -2.21 3.31 4.72
CA GLN A 76 -2.23 1.86 4.59
C GLN A 76 -1.19 1.42 3.55
N LEU A 77 -0.37 0.41 3.88
CA LEU A 77 0.54 -0.27 2.95
C LEU A 77 -0.06 -1.63 2.58
N TYR A 78 0.03 -2.00 1.31
CA TYR A 78 -0.50 -3.25 0.73
C TYR A 78 0.55 -3.90 -0.20
N ILE A 79 0.71 -5.22 -0.12
CA ILE A 79 1.71 -5.98 -0.88
C ILE A 79 1.17 -7.34 -1.38
N ASP A 80 1.23 -7.58 -2.69
CA ASP A 80 0.97 -8.87 -3.37
C ASP A 80 -0.27 -9.63 -2.86
N GLY A 81 -1.41 -8.92 -2.77
CA GLY A 81 -2.71 -9.50 -2.37
C GLY A 81 -3.01 -9.48 -0.87
N GLU A 82 -2.14 -8.90 -0.04
CA GLU A 82 -2.35 -8.75 1.42
C GLU A 82 -2.07 -7.31 1.90
N PHE A 83 -2.85 -6.84 2.87
CA PHE A 83 -2.55 -5.57 3.56
C PHE A 83 -1.52 -5.79 4.68
N PHE A 84 -0.60 -4.82 4.85
CA PHE A 84 0.44 -4.86 5.88
C PHE A 84 0.02 -4.12 7.16
N GLY A 85 -0.77 -3.04 7.01
CA GLY A 85 -1.17 -2.12 8.08
C GLY A 85 -0.68 -0.70 7.83
N GLY A 86 -0.49 0.07 8.90
CA GLY A 86 -0.02 1.46 8.86
C GLY A 86 1.51 1.58 8.82
N CYS A 87 2.01 2.74 8.41
CA CYS A 87 3.45 3.00 8.20
C CYS A 87 4.32 2.75 9.45
N ASP A 88 3.78 3.03 10.64
CA ASP A 88 4.43 2.74 11.93
C ASP A 88 4.77 1.25 12.07
N ILE A 89 3.83 0.37 11.71
CA ILE A 89 4.02 -1.09 11.73
C ILE A 89 5.13 -1.48 10.75
N THR A 90 5.16 -0.87 9.55
CA THR A 90 6.20 -1.08 8.53
C THR A 90 7.58 -0.65 9.02
N VAL A 91 7.69 0.54 9.63
CA VAL A 91 8.96 1.04 10.17
C VAL A 91 9.52 0.11 11.25
N GLU A 92 8.67 -0.41 12.16
CA GLU A 92 9.11 -1.36 13.19
C GLU A 92 9.39 -2.77 12.63
N ALA A 93 8.64 -3.22 11.63
CA ALA A 93 8.89 -4.48 10.92
C ALA A 93 10.21 -4.46 10.14
N TYR A 94 10.60 -3.32 9.57
CA TYR A 94 11.90 -3.14 8.90
C TYR A 94 13.08 -3.19 9.89
N LYS A 95 12.93 -2.59 11.08
CA LYS A 95 13.90 -2.74 12.18
C LYS A 95 13.98 -4.19 12.69
N SER A 96 12.86 -4.92 12.67
CA SER A 96 12.76 -6.31 13.13
C SER A 96 13.16 -7.35 12.06
N GLY A 97 13.30 -6.93 10.79
CA GLY A 97 13.64 -7.79 9.63
C GLY A 97 12.43 -8.45 8.96
N GLU A 98 11.24 -8.29 9.55
CA GLU A 98 9.99 -8.94 9.11
C GLU A 98 9.52 -8.38 7.76
N LEU A 99 9.68 -7.06 7.54
CA LEU A 99 9.35 -6.46 6.24
C LEU A 99 10.20 -7.03 5.11
N GLN A 100 11.50 -7.27 5.36
CA GLN A 100 12.40 -7.83 4.35
C GLN A 100 11.91 -9.22 3.93
N GLU A 101 11.59 -10.08 4.90
CA GLU A 101 11.02 -11.42 4.65
C GLU A 101 9.68 -11.34 3.91
N GLN A 102 8.77 -10.44 4.32
CA GLN A 102 7.46 -10.27 3.68
C GLN A 102 7.56 -9.66 2.28
N VAL A 103 8.50 -8.74 2.03
CA VAL A 103 8.74 -8.18 0.68
C VAL A 103 9.35 -9.23 -0.24
N GLU A 104 10.29 -10.07 0.22
CA GLU A 104 10.77 -11.22 -0.54
C GLU A 104 9.62 -12.19 -0.86
N LYS A 105 8.77 -12.50 0.12
CA LYS A 105 7.57 -13.31 -0.06
C LYS A 105 6.62 -12.69 -1.11
N ALA A 106 6.41 -11.37 -1.07
CA ALA A 106 5.59 -10.65 -2.05
C ALA A 106 6.18 -10.62 -3.48
N MET A 107 7.50 -10.82 -3.64
CA MET A 107 8.16 -10.85 -4.95
C MET A 107 8.21 -12.26 -5.56
N CYS A 108 8.41 -13.30 -4.75
CA CYS A 108 8.39 -14.70 -5.22
C CYS A 108 6.98 -15.34 -5.28
N SER A 109 6.03 -14.84 -4.47
CA SER A 109 4.60 -15.19 -4.40
C SER A 109 4.35 -16.68 -4.08
N MET A 1 -20.13 -0.84 1.66
CA MET A 1 -19.75 0.38 0.87
C MET A 1 -19.78 0.08 -0.65
N ALA A 2 -19.75 1.11 -1.50
CA ALA A 2 -19.66 0.93 -2.97
C ALA A 2 -18.27 0.38 -3.37
N LEU A 3 -18.25 -0.63 -4.24
CA LEU A 3 -17.05 -1.34 -4.71
C LEU A 3 -17.36 -2.04 -6.05
N THR A 4 -16.92 -1.44 -7.16
CA THR A 4 -17.28 -1.84 -8.53
C THR A 4 -16.27 -2.83 -9.12
N PRO A 5 -16.64 -3.60 -10.17
CA PRO A 5 -15.69 -4.41 -10.93
C PRO A 5 -14.54 -3.59 -11.51
N ALA A 6 -14.79 -2.34 -11.94
CA ALA A 6 -13.76 -1.43 -12.45
C ALA A 6 -12.74 -1.03 -11.37
N LEU A 7 -13.20 -0.75 -10.14
CA LEU A 7 -12.34 -0.46 -8.99
C LEU A 7 -11.49 -1.69 -8.65
N LYS A 8 -12.12 -2.87 -8.55
CA LYS A 8 -11.41 -4.14 -8.28
C LYS A 8 -10.34 -4.43 -9.34
N THR A 9 -10.66 -4.22 -10.63
CA THR A 9 -9.78 -4.42 -11.79
C THR A 9 -8.62 -3.43 -11.81
N THR A 10 -8.85 -2.17 -11.43
CA THR A 10 -7.80 -1.13 -11.32
C THR A 10 -6.79 -1.51 -10.23
N LEU A 11 -7.28 -1.87 -9.05
CA LEU A 11 -6.45 -2.27 -7.91
C LEU A 11 -5.67 -3.56 -8.21
N ASP A 12 -6.31 -4.57 -8.81
CA ASP A 12 -5.64 -5.79 -9.30
C ASP A 12 -4.55 -5.49 -10.34
N LYS A 13 -4.84 -4.63 -11.32
CA LYS A 13 -3.84 -4.16 -12.31
C LYS A 13 -2.68 -3.44 -11.63
N VAL A 14 -2.94 -2.59 -10.65
CA VAL A 14 -1.91 -1.96 -9.81
C VAL A 14 -1.09 -3.02 -9.03
N VAL A 15 -1.74 -3.97 -8.35
CA VAL A 15 -1.08 -5.04 -7.58
C VAL A 15 -0.20 -5.97 -8.44
N THR A 16 -0.64 -6.28 -9.67
CA THR A 16 0.08 -7.18 -10.59
C THR A 16 1.21 -6.49 -11.34
N SER A 17 1.07 -5.20 -11.66
CA SER A 17 2.16 -4.41 -12.27
C SER A 17 3.22 -3.96 -11.24
N HIS A 18 2.84 -3.70 -9.99
CA HIS A 18 3.72 -3.33 -8.89
C HIS A 18 3.39 -4.13 -7.62
N LYS A 19 4.29 -5.04 -7.19
CA LYS A 19 4.02 -6.03 -6.14
C LYS A 19 3.64 -5.41 -4.77
N VAL A 20 4.29 -4.29 -4.41
CA VAL A 20 4.02 -3.49 -3.21
C VAL A 20 3.29 -2.19 -3.62
N VAL A 21 2.24 -1.83 -2.89
CA VAL A 21 1.38 -0.67 -3.18
C VAL A 21 1.15 0.14 -1.90
N LEU A 22 1.36 1.46 -1.97
CA LEU A 22 1.01 2.40 -0.90
C LEU A 22 -0.36 3.03 -1.15
N PHE A 23 -1.25 2.97 -0.17
CA PHE A 23 -2.51 3.71 -0.19
C PHE A 23 -2.48 4.79 0.90
N MET A 24 -2.71 6.05 0.51
CA MET A 24 -2.52 7.25 1.35
C MET A 24 -3.22 8.46 0.70
N LYS A 25 -3.12 9.65 1.27
CA LYS A 25 -3.73 10.88 0.71
C LYS A 25 -2.83 11.57 -0.35
N GLY A 26 -2.16 10.78 -1.19
CA GLY A 26 -1.20 11.23 -2.22
C GLY A 26 -0.72 10.10 -3.15
N THR A 27 -0.19 10.48 -4.31
CA THR A 27 0.33 9.54 -5.34
C THR A 27 1.85 9.38 -5.22
N LYS A 28 2.45 8.58 -6.11
CA LYS A 28 3.91 8.46 -6.23
C LYS A 28 4.55 9.76 -6.78
N ASP A 29 3.82 10.52 -7.61
CA ASP A 29 4.24 11.81 -8.15
C ASP A 29 4.03 12.97 -7.15
N PHE A 30 2.96 12.89 -6.33
CA PHE A 30 2.63 13.84 -5.27
C PHE A 30 2.49 13.11 -3.92
N PRO A 31 3.61 12.74 -3.28
CA PRO A 31 3.60 12.06 -1.98
C PRO A 31 3.29 13.03 -0.83
N GLN A 32 3.07 12.49 0.37
CA GLN A 32 2.80 13.26 1.58
C GLN A 32 3.96 13.10 2.58
N CYS A 33 4.38 14.20 3.21
CA CYS A 33 5.45 14.23 4.21
C CYS A 33 5.02 13.59 5.55
N GLY A 34 6.00 13.13 6.34
CA GLY A 34 5.80 12.36 7.57
C GLY A 34 5.92 10.86 7.35
N PHE A 35 5.20 10.06 8.13
CA PHE A 35 5.34 8.58 8.15
C PHE A 35 5.09 7.92 6.78
N SER A 36 4.24 8.51 5.94
CA SER A 36 4.05 8.13 4.52
C SER A 36 5.38 8.18 3.74
N GLN A 37 6.08 9.32 3.78
CA GLN A 37 7.41 9.47 3.17
C GLN A 37 8.40 8.47 3.79
N THR A 38 8.35 8.26 5.11
CA THR A 38 9.19 7.28 5.81
C THR A 38 8.96 5.87 5.26
N VAL A 39 7.72 5.41 5.15
CA VAL A 39 7.45 4.06 4.58
C VAL A 39 7.81 3.96 3.09
N VAL A 40 7.61 5.03 2.30
CA VAL A 40 8.07 5.08 0.90
C VAL A 40 9.59 4.94 0.81
N GLN A 41 10.36 5.67 1.63
CA GLN A 41 11.82 5.58 1.70
C GLN A 41 12.28 4.20 2.22
N ILE A 42 11.61 3.62 3.22
CA ILE A 42 11.88 2.28 3.76
C ILE A 42 11.82 1.20 2.66
N LEU A 43 10.77 1.16 1.85
CA LEU A 43 10.60 0.17 0.78
C LEU A 43 11.72 0.29 -0.26
N LYS A 44 11.92 1.52 -0.77
CA LYS A 44 13.01 1.84 -1.69
C LYS A 44 14.34 1.31 -1.14
N SER A 45 14.70 1.72 0.08
CA SER A 45 15.96 1.43 0.78
C SER A 45 16.16 -0.05 1.15
N LEU A 46 15.08 -0.79 1.46
CA LEU A 46 15.11 -2.24 1.62
C LEU A 46 15.56 -2.93 0.32
N ASN A 47 15.29 -2.28 -0.82
CA ASN A 47 15.77 -2.55 -2.19
C ASN A 47 14.59 -3.05 -3.05
N ALA A 48 13.53 -2.24 -3.14
CA ALA A 48 12.26 -2.69 -3.73
C ALA A 48 11.52 -1.61 -4.56
N PRO A 49 10.88 -2.00 -5.68
CA PRO A 49 9.95 -1.16 -6.44
C PRO A 49 8.58 -1.11 -5.76
N PHE A 50 7.77 -0.11 -6.12
CA PHE A 50 6.49 0.18 -5.47
C PHE A 50 5.61 1.11 -6.33
N GLU A 51 4.32 1.19 -5.97
CA GLU A 51 3.36 2.17 -6.48
C GLU A 51 2.77 2.95 -5.31
N SER A 52 2.16 4.11 -5.53
CA SER A 52 1.45 4.85 -4.49
C SER A 52 0.20 5.55 -5.05
N VAL A 53 -0.96 5.35 -4.40
CA VAL A 53 -2.28 5.74 -4.89
C VAL A 53 -2.96 6.68 -3.89
N ASN A 54 -3.49 7.81 -4.38
CA ASN A 54 -4.27 8.74 -3.58
C ASN A 54 -5.69 8.19 -3.33
N ILE A 55 -6.01 7.80 -2.08
CA ILE A 55 -7.33 7.25 -1.73
C ILE A 55 -8.49 8.22 -1.98
N LEU A 56 -8.24 9.53 -1.88
CA LEU A 56 -9.26 10.59 -2.02
C LEU A 56 -9.46 11.05 -3.48
N GLU A 57 -8.85 10.36 -4.46
CA GLU A 57 -8.98 10.69 -5.89
C GLU A 57 -10.42 10.59 -6.42
N ASN A 58 -11.24 9.69 -5.86
CA ASN A 58 -12.65 9.50 -6.24
C ASN A 58 -13.47 8.85 -5.09
N GLU A 59 -14.78 9.08 -5.05
CA GLU A 59 -15.67 8.73 -3.92
C GLU A 59 -15.80 7.22 -3.70
N LEU A 60 -15.78 6.40 -4.76
CA LEU A 60 -15.81 4.93 -4.63
C LEU A 60 -14.50 4.34 -4.08
N LEU A 61 -13.35 4.95 -4.36
CA LEU A 61 -12.03 4.46 -3.92
C LEU A 61 -11.89 4.55 -2.40
N ARG A 62 -12.10 5.73 -1.81
CA ARG A 62 -11.96 5.97 -0.36
C ARG A 62 -12.85 5.09 0.53
N GLN A 63 -14.03 4.68 0.02
CA GLN A 63 -14.97 3.82 0.77
C GLN A 63 -14.80 2.32 0.45
N GLY A 64 -14.53 1.95 -0.81
CA GLY A 64 -14.51 0.56 -1.26
C GLY A 64 -13.20 -0.17 -0.97
N LEU A 65 -12.07 0.56 -0.99
CA LEU A 65 -10.75 0.02 -0.67
C LEU A 65 -10.68 -0.58 0.74
N LYS A 66 -11.38 0.03 1.71
CA LYS A 66 -11.44 -0.41 3.11
C LYS A 66 -11.85 -1.90 3.25
N GLU A 67 -12.97 -2.28 2.63
CA GLU A 67 -13.46 -3.67 2.65
C GLU A 67 -12.76 -4.56 1.60
N TYR A 68 -12.22 -3.99 0.52
CA TYR A 68 -11.40 -4.73 -0.47
C TYR A 68 -10.06 -5.22 0.12
N SER A 69 -9.29 -4.36 0.79
CA SER A 69 -8.03 -4.76 1.41
C SER A 69 -8.24 -5.52 2.73
N SER A 70 -9.11 -5.00 3.61
CA SER A 70 -9.67 -5.49 4.89
C SER A 70 -9.41 -4.54 6.06
N TRP A 71 -8.35 -3.72 6.00
CA TRP A 71 -7.94 -2.85 7.12
C TRP A 71 -8.84 -1.59 7.22
N PRO A 72 -9.17 -1.11 8.45
CA PRO A 72 -10.20 -0.09 8.64
C PRO A 72 -9.75 1.37 8.41
N THR A 73 -8.44 1.66 8.32
CA THR A 73 -7.90 3.04 8.22
C THR A 73 -6.77 3.15 7.21
N PHE A 74 -6.39 4.40 6.90
CA PHE A 74 -5.31 4.77 5.97
C PHE A 74 -4.45 5.92 6.56
N PRO A 75 -3.17 6.09 6.15
CA PRO A 75 -2.40 5.28 5.20
C PRO A 75 -2.22 3.81 5.58
N GLN A 76 -1.96 2.96 4.57
CA GLN A 76 -1.85 1.51 4.73
C GLN A 76 -1.09 0.89 3.54
N LEU A 77 -0.15 -0.01 3.82
CA LEU A 77 0.54 -0.84 2.83
C LEU A 77 -0.34 -2.02 2.39
N TYR A 78 -0.29 -2.33 1.10
CA TYR A 78 -0.93 -3.48 0.45
C TYR A 78 0.08 -4.19 -0.45
N ILE A 79 0.20 -5.52 -0.37
CA ILE A 79 1.22 -6.32 -1.08
C ILE A 79 0.58 -7.60 -1.62
N ASP A 80 0.72 -7.84 -2.93
CA ASP A 80 0.29 -9.09 -3.60
C ASP A 80 -1.20 -9.47 -3.39
N GLY A 81 -2.05 -8.48 -3.06
CA GLY A 81 -3.48 -8.68 -2.79
C GLY A 81 -3.83 -8.89 -1.31
N GLU A 82 -2.93 -8.57 -0.37
CA GLU A 82 -3.16 -8.64 1.08
C GLU A 82 -2.60 -7.39 1.78
N PHE A 83 -3.29 -6.92 2.84
CA PHE A 83 -2.83 -5.76 3.62
C PHE A 83 -1.67 -6.12 4.56
N PHE A 84 -0.73 -5.17 4.72
CA PHE A 84 0.39 -5.27 5.65
C PHE A 84 0.17 -4.40 6.91
N GLY A 85 -0.62 -3.32 6.80
CA GLY A 85 -1.03 -2.44 7.91
C GLY A 85 -0.54 -1.00 7.74
N GLY A 86 -0.66 -0.21 8.82
CA GLY A 86 -0.35 1.23 8.85
C GLY A 86 1.14 1.55 8.91
N CYS A 87 1.49 2.83 8.78
CA CYS A 87 2.89 3.27 8.70
C CYS A 87 3.69 3.02 9.98
N ASP A 88 3.11 3.28 11.15
CA ASP A 88 3.78 3.04 12.44
C ASP A 88 4.07 1.54 12.64
N ILE A 89 3.10 0.68 12.30
CA ILE A 89 3.28 -0.78 12.29
C ILE A 89 4.39 -1.18 11.31
N THR A 90 4.42 -0.54 10.13
CA THR A 90 5.45 -0.76 9.09
C THR A 90 6.83 -0.33 9.56
N VAL A 91 6.95 0.80 10.25
CA VAL A 91 8.22 1.28 10.85
C VAL A 91 8.71 0.30 11.94
N GLU A 92 7.83 -0.27 12.76
CA GLU A 92 8.22 -1.32 13.73
C GLU A 92 8.61 -2.64 13.02
N ALA A 93 7.91 -3.04 11.97
CA ALA A 93 8.23 -4.23 11.18
C ALA A 93 9.59 -4.11 10.46
N TYR A 94 9.91 -2.93 9.93
CA TYR A 94 11.23 -2.59 9.36
C TYR A 94 12.36 -2.69 10.41
N LYS A 95 12.13 -2.16 11.61
CA LYS A 95 13.07 -2.27 12.74
C LYS A 95 13.21 -3.71 13.27
N SER A 96 12.15 -4.52 13.14
CA SER A 96 12.12 -5.92 13.58
C SER A 96 12.62 -6.91 12.50
N GLY A 97 12.77 -6.47 11.24
CA GLY A 97 13.18 -7.28 10.08
C GLY A 97 12.04 -8.01 9.37
N GLU A 98 10.81 -7.87 9.88
CA GLU A 98 9.62 -8.59 9.38
C GLU A 98 9.17 -8.04 8.02
N LEU A 99 9.31 -6.73 7.78
CA LEU A 99 8.99 -6.10 6.49
C LEU A 99 9.90 -6.66 5.39
N GLN A 100 11.22 -6.70 5.64
CA GLN A 100 12.22 -7.28 4.73
C GLN A 100 11.89 -8.74 4.41
N GLU A 101 11.61 -9.56 5.43
CA GLU A 101 11.27 -10.97 5.27
C GLU A 101 9.99 -11.15 4.44
N GLN A 102 8.92 -10.40 4.73
CA GLN A 102 7.66 -10.49 3.98
C GLN A 102 7.79 -9.94 2.55
N VAL A 103 8.58 -8.88 2.31
CA VAL A 103 8.87 -8.39 0.95
C VAL A 103 9.65 -9.43 0.14
N GLU A 104 10.67 -10.08 0.73
CA GLU A 104 11.39 -11.16 0.03
C GLU A 104 10.46 -12.32 -0.32
N LYS A 105 9.63 -12.77 0.63
CA LYS A 105 8.63 -13.82 0.43
C LYS A 105 7.60 -13.44 -0.66
N ALA A 106 7.15 -12.19 -0.71
CA ALA A 106 6.27 -11.70 -1.77
C ALA A 106 6.97 -11.67 -3.15
N MET A 107 8.20 -11.17 -3.22
CA MET A 107 8.95 -11.01 -4.48
C MET A 107 9.33 -12.35 -5.13
N CYS A 108 9.70 -13.37 -4.34
CA CYS A 108 9.92 -14.72 -4.86
C CYS A 108 8.62 -15.53 -5.08
N SER A 109 7.53 -15.18 -4.37
CA SER A 109 6.17 -15.76 -4.46
C SER A 109 6.17 -17.29 -4.24
N MET A 1 -21.26 -5.44 -3.73
CA MET A 1 -22.48 -4.90 -3.08
C MET A 1 -22.31 -3.42 -2.70
N ALA A 2 -21.70 -3.10 -1.55
CA ALA A 2 -21.48 -1.70 -1.12
C ALA A 2 -20.45 -0.97 -2.01
N LEU A 3 -19.35 -1.68 -2.35
CA LEU A 3 -18.36 -1.26 -3.35
C LEU A 3 -18.68 -1.93 -4.71
N THR A 4 -18.21 -1.33 -5.81
CA THR A 4 -18.47 -1.82 -7.18
C THR A 4 -17.50 -2.96 -7.55
N PRO A 5 -17.88 -3.85 -8.48
CA PRO A 5 -16.96 -4.84 -9.06
C PRO A 5 -15.74 -4.18 -9.73
N ALA A 6 -15.94 -3.03 -10.40
CA ALA A 6 -14.88 -2.26 -11.07
C ALA A 6 -13.80 -1.76 -10.10
N LEU A 7 -14.20 -1.28 -8.91
CA LEU A 7 -13.27 -0.87 -7.85
C LEU A 7 -12.41 -2.06 -7.41
N LYS A 8 -13.05 -3.17 -7.03
CA LYS A 8 -12.34 -4.37 -6.55
C LYS A 8 -11.41 -4.96 -7.64
N THR A 9 -11.84 -4.93 -8.90
CA THR A 9 -11.08 -5.33 -10.08
C THR A 9 -9.87 -4.43 -10.31
N THR A 10 -10.02 -3.11 -10.14
CA THR A 10 -8.91 -2.13 -10.25
C THR A 10 -7.86 -2.39 -9.18
N LEU A 11 -8.27 -2.56 -7.91
CA LEU A 11 -7.37 -2.90 -6.81
C LEU A 11 -6.62 -4.21 -7.06
N ASP A 12 -7.32 -5.28 -7.45
CA ASP A 12 -6.71 -6.57 -7.81
C ASP A 12 -5.70 -6.43 -8.97
N LYS A 13 -6.04 -5.71 -10.03
CA LYS A 13 -5.12 -5.41 -11.14
C LYS A 13 -3.89 -4.61 -10.67
N VAL A 14 -4.06 -3.58 -9.83
CA VAL A 14 -2.94 -2.82 -9.24
C VAL A 14 -2.06 -3.71 -8.34
N VAL A 15 -2.67 -4.50 -7.45
CA VAL A 15 -1.96 -5.44 -6.55
C VAL A 15 -1.16 -6.49 -7.32
N THR A 16 -1.72 -7.07 -8.38
CA THR A 16 -1.06 -8.12 -9.19
C THR A 16 -0.02 -7.56 -10.17
N SER A 17 -0.20 -6.33 -10.66
CA SER A 17 0.74 -5.70 -11.60
C SER A 17 1.98 -5.11 -10.90
N HIS A 18 1.83 -4.50 -9.72
CA HIS A 18 2.91 -3.75 -9.05
C HIS A 18 3.38 -4.37 -7.72
N LYS A 19 2.67 -5.37 -7.17
CA LYS A 19 2.90 -6.07 -5.89
C LYS A 19 2.85 -5.16 -4.65
N VAL A 20 3.68 -4.12 -4.56
CA VAL A 20 3.70 -3.14 -3.46
C VAL A 20 2.73 -2.00 -3.80
N VAL A 21 1.78 -1.69 -2.91
CA VAL A 21 0.71 -0.72 -3.15
C VAL A 21 0.51 0.19 -1.93
N LEU A 22 0.52 1.51 -2.16
CA LEU A 22 0.23 2.54 -1.16
C LEU A 22 -1.19 3.08 -1.35
N PHE A 23 -1.87 3.36 -0.24
CA PHE A 23 -3.17 4.02 -0.19
C PHE A 23 -3.04 5.37 0.54
N MET A 24 -3.36 6.46 -0.16
CA MET A 24 -3.30 7.85 0.31
C MET A 24 -3.89 8.80 -0.76
N LYS A 25 -3.73 10.12 -0.63
CA LYS A 25 -4.08 11.09 -1.68
C LYS A 25 -2.93 11.44 -2.65
N GLY A 26 -1.67 11.17 -2.25
CA GLY A 26 -0.45 11.44 -3.04
C GLY A 26 -0.11 10.34 -4.04
N THR A 27 0.62 10.67 -5.10
CA THR A 27 1.07 9.75 -6.16
C THR A 27 2.39 9.06 -5.78
N LYS A 28 2.86 8.15 -6.65
CA LYS A 28 4.18 7.51 -6.49
C LYS A 28 5.36 8.50 -6.62
N ASP A 29 5.17 9.58 -7.38
CA ASP A 29 6.16 10.65 -7.60
C ASP A 29 6.08 11.75 -6.53
N PHE A 30 4.86 12.04 -6.03
CA PHE A 30 4.59 13.04 -5.00
C PHE A 30 3.93 12.40 -3.75
N PRO A 31 4.74 11.85 -2.82
CA PRO A 31 4.24 11.43 -1.52
C PRO A 31 3.80 12.67 -0.73
N GLN A 32 2.68 12.55 -0.01
CA GLN A 32 2.00 13.69 0.62
C GLN A 32 2.50 14.05 2.04
N CYS A 33 3.49 13.32 2.58
CA CYS A 33 4.01 13.48 3.95
C CYS A 33 5.42 12.85 4.09
N GLY A 34 6.14 13.22 5.15
CA GLY A 34 7.47 12.68 5.47
C GLY A 34 7.46 11.17 5.76
N PHE A 35 6.38 10.65 6.35
CA PHE A 35 6.22 9.22 6.65
C PHE A 35 5.96 8.39 5.39
N SER A 36 5.05 8.82 4.52
CA SER A 36 4.80 8.18 3.22
C SER A 36 6.05 8.23 2.34
N GLN A 37 6.71 9.40 2.26
CA GLN A 37 8.00 9.58 1.58
C GLN A 37 9.05 8.59 2.11
N THR A 38 9.17 8.47 3.44
CA THR A 38 10.07 7.51 4.09
C THR A 38 9.75 6.08 3.68
N VAL A 39 8.49 5.64 3.79
CA VAL A 39 8.18 4.24 3.44
C VAL A 39 8.34 3.94 1.94
N VAL A 40 7.99 4.86 1.02
CA VAL A 40 8.22 4.61 -0.41
C VAL A 40 9.71 4.61 -0.76
N GLN A 41 10.53 5.43 -0.08
CA GLN A 41 11.99 5.37 -0.20
C GLN A 41 12.54 4.04 0.35
N ILE A 42 12.06 3.57 1.51
CA ILE A 42 12.46 2.29 2.13
C ILE A 42 12.17 1.11 1.20
N LEU A 43 10.94 1.01 0.68
CA LEU A 43 10.48 -0.10 -0.18
C LEU A 43 11.30 -0.13 -1.48
N LYS A 44 11.41 1.01 -2.16
CA LYS A 44 12.21 1.13 -3.38
C LYS A 44 13.67 0.71 -3.14
N SER A 45 14.30 1.27 -2.11
CA SER A 45 15.72 1.06 -1.76
C SER A 45 16.04 -0.36 -1.26
N LEU A 46 15.09 -1.00 -0.56
CA LEU A 46 15.14 -2.42 -0.19
C LEU A 46 15.24 -3.31 -1.43
N ASN A 47 14.62 -2.87 -2.53
CA ASN A 47 14.70 -3.35 -3.93
C ASN A 47 13.33 -3.83 -4.41
N ALA A 48 12.41 -2.89 -4.67
CA ALA A 48 11.05 -3.22 -5.09
C ALA A 48 10.35 -2.12 -5.92
N PRO A 49 9.58 -2.50 -6.97
CA PRO A 49 8.70 -1.58 -7.68
C PRO A 49 7.44 -1.36 -6.82
N PHE A 50 6.73 -0.25 -7.04
CA PHE A 50 5.52 0.09 -6.28
C PHE A 50 4.56 1.01 -7.05
N GLU A 51 3.37 1.22 -6.47
CA GLU A 51 2.34 2.13 -7.00
C GLU A 51 1.58 2.78 -5.85
N SER A 52 0.98 3.95 -6.07
CA SER A 52 0.09 4.60 -5.11
C SER A 52 -1.32 4.77 -5.70
N VAL A 53 -2.35 4.35 -4.95
CA VAL A 53 -3.77 4.54 -5.30
C VAL A 53 -4.28 5.77 -4.56
N ASN A 54 -4.78 6.74 -5.33
CA ASN A 54 -5.39 7.97 -4.82
C ASN A 54 -6.78 7.68 -4.24
N ILE A 55 -6.87 7.37 -2.94
CA ILE A 55 -8.15 7.04 -2.28
C ILE A 55 -9.10 8.23 -2.14
N LEU A 56 -8.59 9.47 -2.27
CA LEU A 56 -9.40 10.70 -2.25
C LEU A 56 -10.01 11.05 -3.63
N GLU A 57 -9.73 10.26 -4.69
CA GLU A 57 -10.29 10.47 -6.03
C GLU A 57 -11.82 10.31 -6.09
N ASN A 58 -12.40 9.49 -5.20
CA ASN A 58 -13.85 9.32 -5.01
C ASN A 58 -14.19 8.73 -3.64
N GLU A 59 -15.45 8.87 -3.20
CA GLU A 59 -15.88 8.43 -1.86
C GLU A 59 -15.85 6.91 -1.69
N LEU A 60 -16.13 6.14 -2.76
CA LEU A 60 -16.14 4.67 -2.71
C LEU A 60 -14.76 4.11 -2.35
N LEU A 61 -13.67 4.70 -2.87
CA LEU A 61 -12.31 4.39 -2.44
C LEU A 61 -12.07 4.84 -0.99
N ARG A 62 -12.38 6.11 -0.68
CA ARG A 62 -12.14 6.72 0.64
C ARG A 62 -12.79 5.93 1.79
N GLN A 63 -14.05 5.51 1.63
CA GLN A 63 -14.79 4.72 2.63
C GLN A 63 -14.47 3.21 2.53
N GLY A 64 -14.06 2.72 1.36
CA GLY A 64 -13.93 1.29 1.07
C GLY A 64 -12.59 0.66 1.42
N LEU A 65 -11.46 1.35 1.19
CA LEU A 65 -10.14 0.72 1.33
C LEU A 65 -9.83 0.22 2.74
N LYS A 66 -10.33 0.93 3.77
CA LYS A 66 -10.20 0.49 5.17
C LYS A 66 -10.88 -0.87 5.46
N GLU A 67 -11.97 -1.21 4.75
CA GLU A 67 -12.63 -2.51 4.82
C GLU A 67 -11.96 -3.56 3.92
N TYR A 68 -11.44 -3.15 2.75
CA TYR A 68 -10.67 -4.01 1.83
C TYR A 68 -9.39 -4.57 2.50
N SER A 69 -8.66 -3.75 3.25
CA SER A 69 -7.51 -4.18 4.05
C SER A 69 -7.92 -4.77 5.43
N SER A 70 -8.45 -3.91 6.31
CA SER A 70 -8.85 -4.03 7.73
C SER A 70 -8.35 -2.81 8.55
N TRP A 71 -7.29 -2.13 8.10
CA TRP A 71 -6.66 -1.02 8.83
C TRP A 71 -7.40 0.33 8.58
N PRO A 72 -7.70 1.11 9.64
CA PRO A 72 -8.58 2.28 9.52
C PRO A 72 -7.88 3.57 9.05
N THR A 73 -6.57 3.70 9.29
CA THR A 73 -5.81 4.96 9.10
C THR A 73 -5.12 4.99 7.73
N PHE A 74 -4.92 6.20 7.19
CA PHE A 74 -4.11 6.46 5.99
C PHE A 74 -3.06 7.58 6.29
N PRO A 75 -1.89 7.62 5.61
CA PRO A 75 -1.39 6.67 4.61
C PRO A 75 -1.22 5.24 5.12
N GLN A 76 -1.26 4.28 4.19
CA GLN A 76 -1.33 2.84 4.50
C GLN A 76 -0.65 2.02 3.41
N LEU A 77 0.03 0.94 3.79
CA LEU A 77 0.78 0.03 2.91
C LEU A 77 0.10 -1.33 2.79
N TYR A 78 0.22 -1.94 1.61
CA TYR A 78 -0.34 -3.22 1.21
C TYR A 78 0.59 -3.91 0.20
N ILE A 79 0.83 -5.22 0.31
CA ILE A 79 1.78 -5.95 -0.53
C ILE A 79 1.27 -7.36 -0.88
N ASP A 80 1.15 -7.66 -2.18
CA ASP A 80 0.90 -8.99 -2.76
C ASP A 80 -0.28 -9.77 -2.14
N GLY A 81 -1.33 -9.06 -1.72
CA GLY A 81 -2.56 -9.62 -1.14
C GLY A 81 -2.67 -9.55 0.38
N GLU A 82 -1.66 -9.01 1.08
CA GLU A 82 -1.70 -8.75 2.53
C GLU A 82 -1.57 -7.24 2.81
N PHE A 83 -2.31 -6.72 3.79
CA PHE A 83 -2.10 -5.35 4.27
C PHE A 83 -0.97 -5.31 5.32
N PHE A 84 -0.19 -4.23 5.30
CA PHE A 84 0.93 -4.02 6.23
C PHE A 84 0.55 -3.09 7.40
N GLY A 85 -0.35 -2.12 7.15
CA GLY A 85 -0.82 -1.14 8.13
C GLY A 85 -0.28 0.27 7.86
N GLY A 86 -0.12 1.08 8.91
CA GLY A 86 0.41 2.44 8.83
C GLY A 86 1.93 2.48 8.71
N CYS A 87 2.47 3.63 8.28
CA CYS A 87 3.91 3.81 7.98
C CYS A 87 4.84 3.48 9.15
N ASP A 88 4.43 3.78 10.39
CA ASP A 88 5.18 3.45 11.59
C ASP A 88 5.42 1.93 11.73
N ILE A 89 4.43 1.11 11.39
CA ILE A 89 4.56 -0.36 11.38
C ILE A 89 5.61 -0.79 10.34
N THR A 90 5.59 -0.18 9.14
CA THR A 90 6.58 -0.41 8.08
C THR A 90 7.98 -0.03 8.54
N VAL A 91 8.13 1.15 9.15
CA VAL A 91 9.43 1.64 9.65
C VAL A 91 9.99 0.72 10.74
N GLU A 92 9.17 0.28 11.70
CA GLU A 92 9.61 -0.64 12.76
C GLU A 92 9.91 -2.05 12.22
N ALA A 93 9.13 -2.56 11.24
CA ALA A 93 9.39 -3.82 10.57
C ALA A 93 10.67 -3.80 9.71
N TYR A 94 11.05 -2.65 9.16
CA TYR A 94 12.33 -2.45 8.47
C TYR A 94 13.53 -2.48 9.44
N LYS A 95 13.36 -1.98 10.67
CA LYS A 95 14.38 -2.06 11.74
C LYS A 95 14.59 -3.50 12.25
N SER A 96 13.53 -4.28 12.43
CA SER A 96 13.62 -5.68 12.90
C SER A 96 13.98 -6.68 11.77
N GLY A 97 13.81 -6.27 10.50
CA GLY A 97 14.06 -7.09 9.30
C GLY A 97 12.82 -7.83 8.79
N GLU A 98 11.68 -7.67 9.46
CA GLU A 98 10.42 -8.34 9.15
C GLU A 98 9.86 -7.88 7.79
N LEU A 99 9.99 -6.60 7.44
CA LEU A 99 9.63 -6.08 6.12
C LEU A 99 10.49 -6.71 5.01
N GLN A 100 11.80 -6.88 5.26
CA GLN A 100 12.72 -7.51 4.31
C GLN A 100 12.24 -8.94 4.00
N GLU A 101 11.87 -9.70 5.04
CA GLU A 101 11.27 -11.03 4.88
C GLU A 101 9.95 -10.99 4.10
N GLN A 102 9.04 -10.05 4.39
CA GLN A 102 7.76 -9.98 3.65
C GLN A 102 7.95 -9.54 2.20
N VAL A 103 8.84 -8.59 1.92
CA VAL A 103 9.13 -8.13 0.55
C VAL A 103 9.83 -9.23 -0.26
N GLU A 104 10.76 -9.99 0.34
CA GLU A 104 11.33 -11.18 -0.30
C GLU A 104 10.25 -12.23 -0.60
N LYS A 105 9.35 -12.51 0.36
CA LYS A 105 8.22 -13.42 0.19
C LYS A 105 7.29 -12.96 -0.95
N ALA A 106 6.95 -11.67 -1.01
CA ALA A 106 6.14 -11.07 -2.06
C ALA A 106 6.79 -11.13 -3.45
N MET A 107 8.10 -10.87 -3.55
CA MET A 107 8.83 -10.90 -4.82
C MET A 107 9.05 -12.34 -5.32
N CYS A 108 9.25 -13.30 -4.41
CA CYS A 108 9.30 -14.73 -4.73
C CYS A 108 7.93 -15.29 -5.18
N SER A 109 6.87 -14.95 -4.43
CA SER A 109 5.46 -15.41 -4.56
C SER A 109 5.30 -16.86 -5.06
#